data_9D0Y
#
_entry.id   9D0Y
#
_cell.length_a   1.00
_cell.length_b   1.00
_cell.length_c   1.00
_cell.angle_alpha   90.00
_cell.angle_beta   90.00
_cell.angle_gamma   90.00
#
_symmetry.space_group_name_H-M   'P 1'
#
loop_
_entity.id
_entity.type
_entity.pdbx_description
1 polymer 'Hemagglutinin HA1 chain'
2 polymer 'Hemagglutinin HA2 chain, Green fluorescent protein fusion'
3 non-polymer 2-acetamido-2-deoxy-beta-D-glucopyranose
#
loop_
_entity_poly.entity_id
_entity_poly.type
_entity_poly.pdbx_seq_one_letter_code
_entity_poly.pdbx_strand_id
1 'polypeptide(L)'
;MPMGSLQPLATLYLLGMLVASVLAATLCLGHHAVPNGTIVKTITNDRIEVTNATELVQNSSIGEICDSPHQILDGENCTL
IDALLGDPQCDGFQNKKWDLFVERSKAYSNCYPYDVPDYASLRSLVASSGTLEFKNESFNWTGVTQNGTSSACIRGSSSS
FFSRLNWLTHLNYTYPALNVTMPNKEQFDKLYIWGVHHPGTDKDQIFLYAQSSGRITVSTKRSQQAVIPNIGSRPRIRDI
PSRISIYWTIVKPGDILLINSTGNLIAPRGYFKIRSGKSSIMRSDAPIGKCKSECITPNGSIPNDKPFQNVNRITYGACP
RYVKHSTLKLATGMRNVPEK
;
A,B,C
2 'polypeptide(L)'
;QTRGIFGAIAGFIENGWEGMVDGWYGFRHQNSEGRGQAADLKSTQAAIDQINGKLNRLIGKTNEKFHQIEKEFSEVEGRV
QDLEKYVEDTKIDLWSYNAELLVALENQHTIDLTDSEMNKLFEKTKKQLRENAEDMGNGCFKIYHKCDNACIESIRNETY
DHNVYRDEALNNRFQIKRMKQIEDKIEEIESKQKKIENEIARIKKIKLVPRGSVDENLYFQAMSKGEELFTGVVPILVEL
DGDVNGHKFSVRGEGEGDATNGKLTLKFICTTGKLPVPWPTLVTTLTYGVQCFSRYPDHMKRHDFFKSAMPEGYVQERTI
SFKDDGTYKTRAEVKFEGDTLVNRIELKGIDFKEDGNILGHKLEYNFNSHNVYITADKQKNGIKANFKIRHNVEDGSVQL
ADHYQQNTPIGDGPVLLPDNHYLSTQSVLSKDPNEKRDHMVLLEFVTAAGITHGMSSAWSHPQFEKGGGSGGGSGGSAWS
HPQFEK
;
D,E,F
#
loop_
_chem_comp.id
_chem_comp.type
_chem_comp.name
_chem_comp.formula
NAG D-saccharide, beta linking 2-acetamido-2-deoxy-beta-D-glucopyranose 'C8 H15 N O6'
#
# COMPACT_ATOMS: atom_id res chain seq x y z
N ALA A 25 -63.09 0.16 -5.51
CA ALA A 25 -62.10 -0.85 -5.83
C ALA A 25 -60.79 -0.50 -5.11
N THR A 26 -59.96 -1.53 -4.76
CA THR A 26 -58.64 -1.32 -4.14
C THR A 26 -57.51 -1.96 -4.89
N LEU A 27 -56.48 -1.19 -5.14
CA LEU A 27 -55.29 -1.68 -5.80
C LEU A 27 -54.08 -1.48 -4.90
N CYS A 28 -53.44 -2.56 -4.41
CA CYS A 28 -52.31 -2.52 -3.49
C CYS A 28 -51.01 -2.79 -4.21
N LEU A 29 -49.99 -2.04 -3.85
CA LEU A 29 -48.69 -2.26 -4.44
C LEU A 29 -47.78 -2.83 -3.40
N GLY A 30 -46.82 -3.63 -3.82
CA GLY A 30 -45.89 -4.15 -2.84
C GLY A 30 -44.81 -5.05 -3.40
N HIS A 31 -43.98 -5.51 -2.49
CA HIS A 31 -42.85 -6.36 -2.79
C HIS A 31 -43.04 -7.76 -2.34
N HIS A 32 -42.31 -8.68 -2.93
CA HIS A 32 -42.37 -10.05 -2.52
C HIS A 32 -41.61 -10.18 -1.24
N ALA A 33 -41.91 -11.20 -0.49
CA ALA A 33 -41.19 -11.47 0.73
C ALA A 33 -40.85 -12.93 0.77
N VAL A 34 -39.87 -13.30 1.57
CA VAL A 34 -39.54 -14.71 1.64
C VAL A 34 -39.63 -15.19 3.08
N PRO A 35 -40.03 -16.45 3.33
CA PRO A 35 -40.10 -17.03 4.66
C PRO A 35 -38.83 -16.89 5.49
N ASN A 36 -37.67 -16.99 4.83
CA ASN A 36 -36.40 -16.89 5.51
C ASN A 36 -35.38 -16.17 4.67
N GLY A 37 -35.01 -14.95 5.04
CA GLY A 37 -34.05 -14.21 4.25
C GLY A 37 -32.68 -14.39 4.87
N THR A 38 -31.77 -13.49 4.56
CA THR A 38 -30.42 -13.57 5.06
C THR A 38 -30.01 -12.23 5.60
N ILE A 39 -28.87 -12.14 6.27
CA ILE A 39 -28.49 -10.85 6.86
C ILE A 39 -27.30 -10.19 6.21
N VAL A 40 -27.45 -8.94 5.83
CA VAL A 40 -26.36 -8.20 5.22
C VAL A 40 -26.06 -6.90 5.94
N LYS A 41 -24.86 -6.37 5.73
CA LYS A 41 -24.45 -5.09 6.29
C LYS A 41 -24.70 -3.97 5.30
N THR A 42 -24.94 -2.78 5.81
CA THR A 42 -25.10 -1.57 5.00
C THR A 42 -24.26 -0.51 5.66
N ILE A 43 -24.48 0.77 5.36
CA ILE A 43 -23.59 1.73 6.01
C ILE A 43 -24.24 2.26 7.28
N THR A 44 -25.58 2.19 7.37
CA THR A 44 -26.31 2.68 8.53
C THR A 44 -26.62 1.61 9.56
N ASN A 45 -26.57 0.36 9.16
CA ASN A 45 -26.86 -0.73 10.06
C ASN A 45 -26.01 -1.92 9.70
N ASP A 46 -25.78 -2.77 10.67
CA ASP A 46 -25.00 -3.97 10.47
C ASP A 46 -25.87 -5.18 10.15
N ARG A 47 -27.13 -5.16 10.58
CA ARG A 47 -27.95 -6.34 10.38
C ARG A 47 -29.32 -6.11 9.76
N ILE A 48 -29.38 -6.09 8.43
CA ILE A 48 -30.64 -5.93 7.73
C ILE A 48 -31.01 -7.18 7.00
N GLU A 49 -32.24 -7.65 7.18
CA GLU A 49 -32.70 -8.90 6.50
C GLU A 49 -32.89 -8.65 5.00
N VAL A 50 -32.40 -9.56 4.16
CA VAL A 50 -32.50 -9.40 2.67
C VAL A 50 -32.95 -10.75 2.07
N THR A 51 -33.68 -10.73 0.94
CA THR A 51 -34.23 -11.99 0.37
C THR A 51 -33.10 -12.99 0.09
N ASN A 52 -32.15 -12.54 -0.73
CA ASN A 52 -31.06 -13.44 -1.17
C ASN A 52 -29.76 -12.65 -1.17
N ALA A 53 -28.64 -13.24 -0.73
CA ALA A 53 -27.37 -12.50 -0.82
C ALA A 53 -26.28 -13.42 -1.38
N THR A 54 -25.45 -12.89 -2.28
CA THR A 54 -24.35 -13.69 -2.88
C THR A 54 -23.10 -13.54 -2.02
N GLU A 55 -22.66 -14.62 -1.37
CA GLU A 55 -21.40 -14.58 -0.60
C GLU A 55 -20.30 -14.16 -1.57
N LEU A 56 -19.48 -13.18 -1.18
CA LEU A 56 -18.38 -12.74 -2.04
C LEU A 56 -17.03 -13.24 -1.63
N VAL A 57 -16.96 -14.01 -0.56
CA VAL A 57 -15.70 -14.52 -0.10
C VAL A 57 -15.66 -16.02 -0.31
N GLN A 58 -14.81 -16.44 -1.25
CA GLN A 58 -14.61 -17.90 -1.41
C GLN A 58 -13.77 -18.37 -0.24
N ASN A 59 -14.52 -18.96 0.69
CA ASN A 59 -13.89 -19.79 1.70
C ASN A 59 -14.12 -21.15 1.03
N SER A 60 -13.38 -22.19 1.31
CA SER A 60 -13.38 -23.56 0.71
C SER A 60 -12.62 -23.58 -0.62
N SER A 61 -11.50 -24.30 -0.61
CA SER A 61 -10.70 -24.72 -1.74
C SER A 61 -11.21 -26.06 -2.18
N ILE A 62 -10.84 -26.48 -3.37
CA ILE A 62 -11.22 -27.79 -3.83
C ILE A 62 -10.56 -28.86 -2.97
N GLY A 63 -9.30 -28.63 -2.62
CA GLY A 63 -8.51 -29.55 -1.81
C GLY A 63 -7.41 -30.22 -2.60
N GLU A 64 -7.39 -29.96 -3.89
CA GLU A 64 -6.36 -30.49 -4.77
C GLU A 64 -6.03 -29.41 -5.76
N ILE A 65 -4.86 -29.49 -6.32
CA ILE A 65 -4.42 -28.56 -7.34
C ILE A 65 -4.88 -29.10 -8.69
N CYS A 66 -5.51 -28.26 -9.53
CA CYS A 66 -6.00 -28.59 -10.86
C CYS A 66 -4.82 -28.63 -11.83
N ASP A 67 -4.82 -29.51 -12.83
CA ASP A 67 -3.65 -29.66 -13.69
C ASP A 67 -3.68 -28.87 -14.98
N SER A 68 -4.68 -28.05 -15.14
CA SER A 68 -4.79 -27.21 -16.31
C SER A 68 -5.60 -26.00 -15.89
N PRO A 69 -5.52 -24.89 -16.63
CA PRO A 69 -4.76 -24.58 -17.83
C PRO A 69 -3.25 -24.41 -17.64
N HIS A 70 -2.81 -24.25 -16.40
CA HIS A 70 -1.41 -24.01 -16.12
C HIS A 70 -0.60 -25.29 -16.15
N GLN A 71 0.67 -25.20 -16.53
CA GLN A 71 1.57 -26.34 -16.47
C GLN A 71 2.22 -26.41 -15.11
N ILE A 72 2.00 -27.50 -14.39
CA ILE A 72 2.47 -27.58 -13.03
C ILE A 72 3.40 -28.74 -12.77
N LEU A 73 4.54 -28.46 -12.17
CA LEU A 73 5.42 -29.55 -11.79
C LEU A 73 5.11 -29.89 -10.37
N ASP A 74 5.07 -31.18 -10.07
CA ASP A 74 4.72 -31.68 -8.75
C ASP A 74 5.80 -31.52 -7.72
N GLY A 75 7.03 -31.71 -8.15
CA GLY A 75 8.15 -31.55 -7.26
C GLY A 75 8.17 -32.62 -6.18
N GLU A 76 7.78 -33.85 -6.53
CA GLU A 76 7.92 -34.96 -5.55
C GLU A 76 9.29 -34.83 -4.87
N ASN A 77 9.35 -34.46 -3.61
CA ASN A 77 10.67 -34.40 -2.96
C ASN A 77 11.72 -33.54 -3.68
N CYS A 78 11.35 -32.60 -4.59
CA CYS A 78 12.47 -31.88 -5.26
C CYS A 78 12.36 -30.36 -5.05
N THR A 79 13.22 -29.82 -4.18
CA THR A 79 13.27 -28.35 -4.01
C THR A 79 13.74 -27.77 -5.34
N LEU A 80 13.22 -26.62 -5.76
CA LEU A 80 13.61 -26.13 -7.12
C LEU A 80 15.14 -26.07 -7.21
N ILE A 81 15.84 -25.90 -6.09
CA ILE A 81 17.29 -25.88 -6.21
C ILE A 81 17.83 -27.29 -6.42
N ASP A 82 17.30 -28.29 -5.73
CA ASP A 82 17.81 -29.63 -5.98
C ASP A 82 17.58 -30.04 -7.43
N ALA A 83 16.43 -29.64 -8.00
CA ALA A 83 16.17 -29.95 -9.39
C ALA A 83 17.16 -29.22 -10.31
N LEU A 84 17.51 -28.00 -9.93
CA LEU A 84 18.44 -27.17 -10.67
C LEU A 84 19.82 -27.77 -10.72
N LEU A 85 20.28 -28.24 -9.58
CA LEU A 85 21.62 -28.77 -9.50
C LEU A 85 21.70 -30.18 -10.04
N GLY A 86 20.59 -30.92 -9.98
CA GLY A 86 20.62 -32.28 -10.48
C GLY A 86 20.85 -33.35 -9.42
N ASP A 87 20.10 -33.25 -8.32
CA ASP A 87 20.11 -34.22 -7.23
C ASP A 87 19.80 -35.63 -7.78
N PRO A 88 20.41 -36.71 -7.28
CA PRO A 88 20.19 -38.08 -7.69
C PRO A 88 18.75 -38.47 -7.82
N GLN A 89 17.86 -37.94 -6.98
CA GLN A 89 16.44 -38.31 -7.08
C GLN A 89 15.54 -37.32 -7.86
N CYS A 90 16.14 -36.28 -8.50
CA CYS A 90 15.46 -35.21 -9.24
C CYS A 90 15.94 -35.28 -10.70
N ASP A 91 16.29 -36.45 -11.19
CA ASP A 91 16.82 -36.55 -12.54
C ASP A 91 15.73 -36.54 -13.58
N GLY A 92 14.51 -36.58 -13.12
CA GLY A 92 13.35 -36.56 -13.98
C GLY A 92 12.94 -35.14 -14.28
N PHE A 93 13.67 -34.17 -13.74
CA PHE A 93 13.34 -32.77 -13.94
C PHE A 93 14.25 -32.08 -14.94
N GLN A 94 15.05 -32.84 -15.64
CA GLN A 94 15.96 -32.20 -16.56
C GLN A 94 15.18 -31.62 -17.71
N ASN A 95 15.49 -30.37 -18.00
CA ASN A 95 14.90 -29.58 -19.06
C ASN A 95 13.38 -29.44 -18.95
N LYS A 96 12.82 -29.40 -17.74
CA LYS A 96 11.39 -29.20 -17.63
C LYS A 96 10.99 -27.75 -17.63
N LYS A 97 9.75 -27.51 -18.00
CA LYS A 97 9.19 -26.19 -18.00
C LYS A 97 7.98 -26.16 -17.10
N TRP A 98 7.68 -24.99 -16.57
CA TRP A 98 6.50 -24.86 -15.75
C TRP A 98 6.00 -23.46 -15.73
N ASP A 99 4.72 -23.33 -15.41
CA ASP A 99 4.15 -22.06 -15.11
C ASP A 99 4.21 -21.99 -13.60
N LEU A 100 4.04 -23.13 -12.96
CA LEU A 100 4.07 -23.18 -11.53
C LEU A 100 4.86 -24.38 -11.06
N PHE A 101 5.80 -24.15 -10.17
CA PHE A 101 6.55 -25.24 -9.61
C PHE A 101 6.04 -25.41 -8.21
N VAL A 102 5.78 -26.63 -7.81
CA VAL A 102 5.29 -26.81 -6.48
C VAL A 102 6.27 -27.57 -5.63
N GLU A 103 6.58 -27.05 -4.47
CA GLU A 103 7.47 -27.74 -3.56
C GLU A 103 6.65 -28.42 -2.49
N ARG A 104 6.98 -29.66 -2.18
CA ARG A 104 6.31 -30.40 -1.11
C ARG A 104 7.05 -30.14 0.19
N SER A 105 6.34 -30.12 1.33
CA SER A 105 7.02 -29.86 2.60
C SER A 105 7.91 -31.01 3.04
N LYS A 106 7.71 -32.16 2.45
CA LYS A 106 8.47 -33.34 2.78
C LYS A 106 9.75 -33.43 1.99
N ALA A 107 9.98 -32.52 1.06
CA ALA A 107 11.17 -32.63 0.24
C ALA A 107 12.41 -32.49 1.08
N TYR A 108 13.40 -33.28 0.72
CA TYR A 108 14.68 -33.25 1.38
C TYR A 108 15.70 -33.51 0.31
N SER A 109 16.92 -33.03 0.49
CA SER A 109 17.90 -33.38 -0.52
C SER A 109 18.46 -34.73 -0.21
N ASN A 110 19.07 -35.36 -1.19
CA ASN A 110 19.70 -36.65 -0.94
C ASN A 110 21.03 -36.72 -1.70
N CYS A 111 21.92 -35.73 -1.46
CA CYS A 111 23.16 -35.53 -2.20
C CYS A 111 24.10 -34.75 -1.30
N TYR A 112 25.23 -34.37 -1.79
CA TYR A 112 26.20 -33.66 -1.04
C TYR A 112 25.52 -32.41 -0.51
N PRO A 113 25.63 -32.07 0.77
CA PRO A 113 24.98 -30.92 1.36
C PRO A 113 25.48 -29.60 0.84
N TYR A 114 24.61 -28.61 0.78
CA TYR A 114 25.02 -27.33 0.26
C TYR A 114 24.41 -26.16 0.98
N ASP A 115 25.01 -25.00 0.76
CA ASP A 115 24.69 -23.72 1.37
C ASP A 115 24.57 -22.62 0.32
N VAL A 116 23.40 -22.08 0.06
CA VAL A 116 23.33 -21.07 -0.98
C VAL A 116 23.20 -19.71 -0.32
N PRO A 117 24.18 -18.80 -0.38
CA PRO A 117 24.05 -17.49 0.18
C PRO A 117 22.93 -16.85 -0.58
N ASP A 118 22.07 -16.13 0.08
CA ASP A 118 20.97 -15.49 -0.62
C ASP A 118 20.19 -16.51 -1.44
N TYR A 119 19.85 -17.59 -0.76
CA TYR A 119 19.08 -18.70 -1.29
C TYR A 119 17.83 -18.19 -1.90
N ALA A 120 17.16 -17.29 -1.22
CA ALA A 120 15.91 -16.77 -1.68
C ALA A 120 16.02 -16.11 -3.04
N SER A 121 17.12 -15.44 -3.35
CA SER A 121 17.20 -14.78 -4.63
C SER A 121 17.44 -15.77 -5.71
N LEU A 122 18.24 -16.79 -5.46
CA LEU A 122 18.45 -17.74 -6.53
C LEU A 122 17.18 -18.45 -6.81
N ARG A 123 16.47 -18.81 -5.75
CA ARG A 123 15.24 -19.54 -5.90
C ARG A 123 14.23 -18.73 -6.68
N SER A 124 14.12 -17.43 -6.42
CA SER A 124 13.21 -16.60 -7.16
C SER A 124 13.57 -16.51 -8.62
N LEU A 125 14.85 -16.31 -8.91
CA LEU A 125 15.28 -16.20 -10.29
C LEU A 125 14.98 -17.42 -11.10
N VAL A 126 15.28 -18.58 -10.58
CA VAL A 126 15.05 -19.75 -11.36
C VAL A 126 13.56 -19.92 -11.51
N ALA A 127 12.81 -19.69 -10.44
CA ALA A 127 11.39 -19.86 -10.47
C ALA A 127 10.68 -19.05 -11.49
N SER A 128 11.08 -17.78 -11.66
CA SER A 128 10.42 -16.91 -12.60
C SER A 128 10.82 -17.19 -14.02
N SER A 129 12.03 -17.73 -14.20
CA SER A 129 12.45 -18.06 -15.55
C SER A 129 11.49 -19.10 -16.06
N GLY A 130 11.17 -20.05 -15.19
CA GLY A 130 10.19 -21.05 -15.54
C GLY A 130 10.74 -22.23 -16.27
N THR A 131 12.04 -22.38 -16.27
CA THR A 131 12.60 -23.48 -16.99
C THR A 131 13.93 -23.93 -16.47
N LEU A 132 14.19 -25.22 -16.64
CA LEU A 132 15.50 -25.77 -16.37
C LEU A 132 16.18 -26.15 -17.65
N GLU A 133 15.75 -25.56 -18.76
CA GLU A 133 16.37 -25.87 -20.02
C GLU A 133 17.84 -25.55 -19.87
N PHE A 134 18.64 -26.52 -20.21
CA PHE A 134 20.07 -26.41 -20.04
C PHE A 134 20.83 -26.88 -21.23
N LYS A 135 21.88 -26.16 -21.56
CA LYS A 135 22.72 -26.60 -22.63
C LYS A 135 24.15 -26.71 -22.18
N ASN A 136 24.80 -27.76 -22.62
CA ASN A 136 26.19 -28.01 -22.29
C ASN A 136 27.09 -27.09 -23.08
N GLU A 137 28.20 -26.72 -22.48
CA GLU A 137 29.18 -25.93 -23.21
C GLU A 137 30.51 -26.59 -23.22
N SER A 138 31.29 -26.27 -24.25
CA SER A 138 32.62 -26.81 -24.41
C SER A 138 33.64 -26.12 -23.54
N PHE A 139 33.48 -26.29 -22.22
CA PHE A 139 34.40 -25.63 -21.26
C PHE A 139 35.79 -26.25 -21.36
N ASN A 140 36.85 -25.48 -21.17
CA ASN A 140 38.18 -26.08 -21.37
C ASN A 140 38.83 -26.35 -20.02
N TRP A 141 38.22 -27.20 -19.20
CA TRP A 141 38.79 -27.60 -17.88
C TRP A 141 39.99 -28.51 -18.16
N THR A 142 41.17 -27.91 -18.35
CA THR A 142 42.33 -28.68 -18.72
C THR A 142 43.42 -28.58 -17.70
N GLY A 143 44.08 -29.71 -17.45
CA GLY A 143 45.18 -29.78 -16.50
C GLY A 143 44.69 -30.15 -15.12
N VAL A 144 43.41 -30.46 -15.04
CA VAL A 144 42.70 -30.86 -13.83
C VAL A 144 41.94 -32.11 -14.09
N THR A 145 41.50 -32.77 -13.02
CA THR A 145 40.68 -33.95 -13.15
C THR A 145 39.22 -33.57 -13.05
N GLN A 146 38.43 -34.01 -14.03
CA GLN A 146 36.98 -33.64 -14.04
C GLN A 146 36.13 -34.76 -13.44
N ASN A 147 34.86 -34.52 -13.23
CA ASN A 147 33.95 -35.53 -12.67
C ASN A 147 34.48 -36.08 -11.35
N GLY A 148 34.43 -35.28 -10.27
CA GLY A 148 34.75 -35.81 -8.92
C GLY A 148 33.45 -36.25 -8.24
N THR A 149 33.46 -37.37 -7.51
CA THR A 149 32.19 -37.88 -6.96
C THR A 149 32.24 -38.04 -5.47
N SER A 150 31.07 -38.31 -4.88
CA SER A 150 30.96 -38.53 -3.45
C SER A 150 29.89 -39.53 -3.11
N SER A 151 30.11 -40.29 -2.04
CA SER A 151 29.17 -41.30 -1.53
C SER A 151 27.89 -40.66 -1.05
N ALA A 152 27.94 -39.35 -0.88
CA ALA A 152 26.78 -38.58 -0.52
C ALA A 152 25.63 -38.68 -1.53
N CYS A 153 25.97 -38.80 -2.85
CA CYS A 153 25.05 -38.77 -3.97
C CYS A 153 25.05 -40.14 -4.64
N ILE A 154 24.06 -40.95 -4.36
CA ILE A 154 24.08 -42.27 -4.97
C ILE A 154 23.04 -42.36 -6.06
N ARG A 155 23.49 -42.69 -7.25
CA ARG A 155 22.59 -42.84 -8.39
C ARG A 155 22.96 -44.12 -9.09
N GLY A 156 22.00 -45.01 -9.26
CA GLY A 156 22.35 -46.25 -9.94
C GLY A 156 23.26 -47.09 -9.06
N SER A 157 23.12 -46.91 -7.75
CA SER A 157 23.92 -47.57 -6.74
C SER A 157 25.40 -47.19 -6.74
N SER A 158 25.81 -46.18 -7.50
CA SER A 158 27.20 -45.76 -7.51
C SER A 158 27.39 -44.35 -7.01
N SER A 159 28.59 -44.04 -6.51
CA SER A 159 28.84 -42.67 -6.09
C SER A 159 28.75 -41.79 -7.31
N SER A 160 28.10 -40.66 -7.16
CA SER A 160 27.93 -39.71 -8.24
C SER A 160 27.98 -38.31 -7.68
N PHE A 161 27.38 -37.38 -8.38
CA PHE A 161 27.39 -35.99 -7.94
C PHE A 161 26.23 -35.29 -8.61
N PHE A 162 26.06 -34.03 -8.32
CA PHE A 162 25.01 -33.28 -8.96
C PHE A 162 25.28 -33.28 -10.45
N SER A 163 24.26 -33.55 -11.26
CA SER A 163 24.44 -33.65 -12.71
C SER A 163 24.79 -32.38 -13.46
N ARG A 164 24.57 -31.21 -12.89
CA ARG A 164 24.89 -30.00 -13.61
C ARG A 164 26.15 -29.33 -13.11
N LEU A 165 26.86 -30.00 -12.21
CA LEU A 165 28.09 -29.45 -11.65
C LEU A 165 29.25 -30.35 -11.99
N ASN A 166 30.43 -29.77 -12.13
CA ASN A 166 31.63 -30.54 -12.41
C ASN A 166 32.67 -30.26 -11.33
N TRP A 167 32.84 -31.21 -10.44
CA TRP A 167 33.73 -31.03 -9.33
C TRP A 167 35.13 -31.32 -9.79
N LEU A 168 35.96 -30.28 -9.84
CA LEU A 168 37.30 -30.45 -10.34
C LEU A 168 38.24 -30.70 -9.19
N THR A 169 39.18 -31.61 -9.39
CA THR A 169 40.21 -31.96 -8.41
C THR A 169 41.57 -31.94 -9.10
N HIS A 170 42.64 -32.11 -8.36
CA HIS A 170 43.93 -32.11 -9.04
C HIS A 170 44.09 -33.24 -10.00
N LEU A 171 45.04 -33.08 -10.93
CA LEU A 171 45.39 -34.15 -11.89
C LEU A 171 46.90 -34.37 -11.77
N ASN A 172 47.30 -35.56 -11.41
CA ASN A 172 48.75 -35.82 -11.16
C ASN A 172 49.26 -34.81 -10.14
N TYR A 173 48.58 -34.73 -9.02
CA TYR A 173 49.02 -33.86 -7.89
C TYR A 173 49.30 -32.43 -8.37
N THR A 174 48.58 -31.95 -9.39
CA THR A 174 48.73 -30.57 -9.82
C THR A 174 47.38 -29.94 -10.10
N TYR A 175 47.17 -28.75 -9.59
CA TYR A 175 45.94 -28.03 -9.87
C TYR A 175 46.34 -26.66 -10.36
N PRO A 176 46.58 -26.49 -11.66
CA PRO A 176 47.08 -25.28 -12.25
C PRO A 176 45.96 -24.29 -12.18
N ALA A 177 46.26 -23.01 -12.15
CA ALA A 177 45.16 -22.08 -12.18
C ALA A 177 44.40 -22.26 -13.48
N LEU A 178 43.08 -22.18 -13.39
CA LEU A 178 42.24 -22.26 -14.61
C LEU A 178 41.95 -20.84 -15.13
N ASN A 179 41.59 -20.67 -16.37
CA ASN A 179 41.26 -19.35 -16.93
C ASN A 179 40.35 -19.66 -18.10
N VAL A 180 39.05 -19.61 -17.91
CA VAL A 180 38.07 -19.96 -18.98
C VAL A 180 37.35 -18.71 -19.48
N THR A 181 37.48 -18.40 -20.77
CA THR A 181 36.78 -17.30 -21.39
C THR A 181 35.69 -17.83 -22.27
N MET A 182 34.47 -17.78 -21.79
CA MET A 182 33.36 -18.37 -22.51
C MET A 182 32.39 -17.25 -22.93
N PRO A 183 32.44 -16.76 -24.18
CA PRO A 183 31.71 -15.62 -24.71
C PRO A 183 30.25 -15.91 -24.91
N ASN A 184 29.43 -14.88 -24.82
CA ASN A 184 28.02 -14.99 -25.16
C ASN A 184 27.74 -14.34 -26.50
N LYS A 185 27.54 -15.16 -27.53
CA LYS A 185 27.34 -14.69 -28.89
C LYS A 185 25.92 -14.91 -29.33
N GLU A 186 25.10 -15.32 -28.39
CA GLU A 186 23.73 -15.62 -28.66
C GLU A 186 22.90 -14.40 -28.35
N GLN A 187 21.59 -14.49 -28.56
CA GLN A 187 20.73 -13.33 -28.31
C GLN A 187 20.04 -13.35 -26.96
N PHE A 188 20.37 -14.33 -26.15
CA PHE A 188 19.77 -14.48 -24.83
C PHE A 188 20.79 -14.50 -23.70
N ASP A 189 20.33 -14.17 -22.51
CA ASP A 189 21.14 -14.23 -21.30
C ASP A 189 21.46 -15.66 -20.93
N LYS A 190 22.66 -15.88 -20.43
CA LYS A 190 23.03 -17.20 -19.96
C LYS A 190 23.25 -17.20 -18.45
N LEU A 191 22.60 -18.12 -17.76
CA LEU A 191 22.75 -18.22 -16.31
C LEU A 191 23.69 -19.32 -15.92
N TYR A 192 24.75 -18.97 -15.24
CA TYR A 192 25.70 -19.97 -14.85
C TYR A 192 25.64 -20.22 -13.38
N ILE A 193 25.54 -21.48 -13.03
CA ILE A 193 25.49 -21.91 -11.65
C ILE A 193 26.79 -22.61 -11.35
N TRP A 194 27.46 -22.19 -10.31
CA TRP A 194 28.74 -22.74 -9.95
C TRP A 194 28.90 -22.70 -8.46
N GLY A 195 29.86 -23.43 -7.92
CA GLY A 195 30.00 -23.34 -6.47
C GLY A 195 31.42 -23.38 -5.96
N VAL A 196 31.51 -23.36 -4.64
CA VAL A 196 32.77 -23.36 -3.94
C VAL A 196 32.80 -24.46 -2.90
N HIS A 197 33.84 -25.23 -2.89
CA HIS A 197 33.93 -26.31 -1.93
C HIS A 197 34.61 -25.89 -0.66
N HIS A 198 34.06 -26.30 0.47
CA HIS A 198 34.63 -26.03 1.77
C HIS A 198 34.98 -27.35 2.49
N PRO A 199 36.15 -27.96 2.24
CA PRO A 199 36.64 -29.18 2.83
C PRO A 199 36.64 -29.04 4.33
N GLY A 200 36.41 -30.15 5.02
CA GLY A 200 36.36 -30.17 6.48
C GLY A 200 37.70 -29.81 7.08
N THR A 201 38.74 -30.47 6.65
CA THR A 201 40.05 -30.21 7.21
C THR A 201 41.11 -29.90 6.18
N ASP A 202 42.27 -29.42 6.65
CA ASP A 202 43.39 -29.13 5.76
C ASP A 202 43.78 -30.38 5.01
N LYS A 203 43.65 -31.51 5.68
CA LYS A 203 43.92 -32.82 5.13
C LYS A 203 43.10 -33.07 3.88
N ASP A 204 41.84 -32.64 3.88
CA ASP A 204 40.98 -32.95 2.78
C ASP A 204 41.24 -31.99 1.65
N GLN A 205 41.53 -30.74 1.97
CA GLN A 205 41.78 -29.80 0.90
C GLN A 205 43.03 -30.17 0.17
N ILE A 206 44.07 -30.59 0.89
CA ILE A 206 45.28 -30.91 0.19
C ILE A 206 45.09 -32.19 -0.58
N PHE A 207 44.35 -33.15 -0.03
CA PHE A 207 44.10 -34.38 -0.73
C PHE A 207 43.43 -34.16 -2.07
N LEU A 208 42.38 -33.34 -2.08
CA LEU A 208 41.62 -33.07 -3.28
C LEU A 208 42.20 -32.08 -4.26
N TYR A 209 42.83 -31.01 -3.80
CA TYR A 209 43.27 -30.00 -4.76
C TYR A 209 44.76 -29.83 -4.88
N ALA A 210 45.57 -30.48 -4.05
CA ALA A 210 47.00 -30.29 -4.09
C ALA A 210 47.38 -28.82 -3.91
N GLN A 211 46.62 -28.14 -3.06
CA GLN A 211 46.83 -26.75 -2.72
C GLN A 211 46.61 -26.65 -1.23
N SER A 212 47.28 -25.71 -0.59
CA SER A 212 47.06 -25.50 0.84
C SER A 212 45.86 -24.60 1.11
N SER A 213 45.47 -23.86 0.10
CA SER A 213 44.37 -22.92 0.13
C SER A 213 43.95 -22.64 -1.29
N GLY A 214 42.68 -22.42 -1.52
CA GLY A 214 42.24 -22.06 -2.87
C GLY A 214 41.60 -20.69 -2.88
N ARG A 215 41.17 -20.28 -4.05
CA ARG A 215 40.50 -19.01 -4.26
C ARG A 215 39.77 -19.00 -5.58
N ILE A 216 38.55 -18.48 -5.60
CA ILE A 216 37.80 -18.41 -6.85
C ILE A 216 37.29 -17.03 -7.21
N THR A 217 37.56 -16.59 -8.43
CA THR A 217 37.05 -15.33 -8.92
C THR A 217 36.30 -15.55 -10.23
N VAL A 218 35.10 -15.02 -10.31
CA VAL A 218 34.31 -15.14 -11.53
C VAL A 218 33.86 -13.76 -11.96
N SER A 219 34.09 -13.41 -13.21
CA SER A 219 33.70 -12.08 -13.64
C SER A 219 33.17 -11.96 -15.03
N THR A 220 32.48 -10.86 -15.23
CA THR A 220 31.88 -10.40 -16.45
C THR A 220 32.33 -8.96 -16.64
N LYS A 221 31.88 -8.28 -17.68
CA LYS A 221 32.29 -6.89 -17.81
C LYS A 221 31.57 -6.03 -16.79
N ARG A 222 30.34 -6.40 -16.47
CA ARG A 222 29.51 -5.63 -15.56
C ARG A 222 29.79 -5.85 -14.09
N SER A 223 30.24 -7.04 -13.68
CA SER A 223 30.45 -7.28 -12.26
C SER A 223 31.46 -8.37 -11.95
N GLN A 224 31.85 -8.46 -10.68
CA GLN A 224 32.75 -9.50 -10.24
C GLN A 224 32.38 -10.08 -8.91
N GLN A 225 32.52 -11.39 -8.81
CA GLN A 225 32.31 -12.11 -7.57
C GLN A 225 33.60 -12.79 -7.19
N ALA A 226 33.86 -12.91 -5.90
CA ALA A 226 35.04 -13.64 -5.49
C ALA A 226 34.74 -14.30 -4.18
N VAL A 227 35.22 -15.53 -4.04
CA VAL A 227 34.97 -16.28 -2.85
C VAL A 227 36.22 -16.92 -2.28
N ILE A 228 36.39 -16.81 -0.98
CA ILE A 228 37.50 -17.48 -0.33
C ILE A 228 36.93 -18.72 0.36
N PRO A 229 37.36 -19.94 0.04
CA PRO A 229 36.90 -21.16 0.65
C PRO A 229 37.20 -21.12 2.13
N ASN A 230 36.30 -21.65 2.94
CA ASN A 230 36.46 -21.65 4.39
C ASN A 230 36.67 -23.05 4.93
N ILE A 231 37.90 -23.37 5.28
CA ILE A 231 38.21 -24.72 5.70
C ILE A 231 37.90 -24.89 7.15
N GLY A 232 37.18 -25.95 7.44
CA GLY A 232 36.81 -26.30 8.80
C GLY A 232 35.53 -27.11 8.78
N SER A 233 35.32 -27.90 9.82
CA SER A 233 34.14 -28.72 9.88
C SER A 233 32.94 -27.97 10.41
N ARG A 234 31.79 -28.39 9.97
CA ARG A 234 30.50 -27.93 10.44
C ARG A 234 29.91 -29.16 11.08
N PRO A 235 28.81 -29.11 11.81
CA PRO A 235 28.21 -30.29 12.35
C PRO A 235 27.93 -31.21 11.19
N ARG A 236 28.13 -32.49 11.37
CA ARG A 236 27.93 -33.40 10.26
C ARG A 236 26.49 -33.54 9.87
N ILE A 237 26.26 -33.50 8.57
CA ILE A 237 24.94 -33.74 8.05
C ILE A 237 25.08 -34.92 7.10
N ARG A 238 24.29 -35.96 7.27
CA ARG A 238 24.45 -37.16 6.43
C ARG A 238 25.88 -37.66 6.55
N ASP A 239 26.44 -37.53 7.77
CA ASP A 239 27.81 -37.91 8.14
C ASP A 239 28.92 -37.10 7.47
N ILE A 240 28.58 -36.01 6.79
CA ILE A 240 29.53 -35.16 6.09
C ILE A 240 29.80 -33.83 6.80
N PRO A 241 31.03 -33.54 7.25
CA PRO A 241 31.41 -32.33 7.94
C PRO A 241 31.65 -31.14 7.02
N SER A 242 31.77 -31.43 5.73
CA SER A 242 32.12 -30.46 4.69
C SER A 242 30.91 -29.97 3.93
N ARG A 243 31.01 -28.83 3.24
CA ARG A 243 29.86 -28.31 2.46
C ARG A 243 30.24 -27.65 1.13
N ILE A 244 29.29 -27.54 0.21
CA ILE A 244 29.47 -26.74 -1.02
C ILE A 244 28.57 -25.53 -1.07
N SER A 245 29.15 -24.36 -1.34
CA SER A 245 28.37 -23.16 -1.47
C SER A 245 28.00 -22.93 -2.92
N ILE A 246 26.81 -22.41 -3.16
CA ILE A 246 26.39 -22.15 -4.53
C ILE A 246 26.26 -20.67 -4.85
N TYR A 247 26.87 -20.28 -5.95
CA TYR A 247 26.89 -18.91 -6.47
C TYR A 247 26.40 -18.88 -7.91
N TRP A 248 25.93 -17.74 -8.37
CA TRP A 248 25.51 -17.71 -9.76
C TRP A 248 25.81 -16.38 -10.40
N THR A 249 25.90 -16.39 -11.72
CA THR A 249 26.11 -15.15 -12.42
C THR A 249 25.41 -15.13 -13.77
N ILE A 250 25.06 -13.94 -14.23
CA ILE A 250 24.36 -13.79 -15.50
C ILE A 250 25.18 -13.10 -16.53
N VAL A 251 25.29 -13.73 -17.68
CA VAL A 251 26.06 -13.19 -18.75
C VAL A 251 25.17 -12.66 -19.87
N LYS A 252 25.28 -11.37 -20.14
CA LYS A 252 24.48 -10.73 -21.17
C LYS A 252 25.10 -10.98 -22.53
N PRO A 253 24.34 -10.96 -23.62
CA PRO A 253 24.87 -11.05 -24.97
C PRO A 253 25.92 -10.00 -25.17
N GLY A 254 27.03 -10.39 -25.74
CA GLY A 254 28.15 -9.50 -26.01
C GLY A 254 29.18 -9.58 -24.91
N ASP A 255 28.83 -10.13 -23.76
CA ASP A 255 29.81 -10.19 -22.71
C ASP A 255 30.58 -11.50 -22.77
N ILE A 256 31.54 -11.67 -21.87
CA ILE A 256 32.35 -12.87 -21.75
C ILE A 256 32.39 -13.37 -20.34
N LEU A 257 32.12 -14.64 -20.13
CA LEU A 257 32.25 -15.11 -18.77
C LEU A 257 33.66 -15.54 -18.52
N LEU A 258 34.28 -14.95 -17.53
CA LEU A 258 35.64 -15.27 -17.18
C LEU A 258 35.77 -15.98 -15.85
N ILE A 259 36.29 -17.22 -15.89
CA ILE A 259 36.42 -18.02 -14.63
C ILE A 259 37.90 -18.25 -14.33
N ASN A 260 38.35 -17.76 -13.19
CA ASN A 260 39.75 -17.93 -12.79
C ASN A 260 39.73 -18.64 -11.46
N SER A 261 40.37 -19.78 -11.33
CA SER A 261 40.27 -20.54 -10.05
C SER A 261 41.52 -21.37 -9.75
N THR A 262 42.04 -21.27 -8.53
CA THR A 262 43.18 -22.08 -8.11
C THR A 262 42.77 -23.29 -7.33
N GLY A 263 41.47 -23.49 -7.13
CA GLY A 263 41.05 -24.64 -6.35
C GLY A 263 39.71 -24.46 -5.70
N ASN A 264 39.18 -25.58 -5.19
CA ASN A 264 37.89 -25.66 -4.56
C ASN A 264 36.76 -25.21 -5.45
N LEU A 265 36.87 -25.46 -6.75
CA LEU A 265 35.84 -25.05 -7.67
C LEU A 265 34.94 -26.14 -8.12
N ILE A 266 33.67 -25.88 -8.01
CA ILE A 266 32.66 -26.74 -8.52
C ILE A 266 32.23 -26.02 -9.79
N ALA A 267 32.70 -26.51 -10.91
CA ALA A 267 32.58 -25.84 -12.17
C ALA A 267 31.21 -26.02 -12.77
N PRO A 268 30.74 -25.10 -13.61
CA PRO A 268 29.54 -25.24 -14.39
C PRO A 268 29.81 -26.22 -15.51
N ARG A 269 28.77 -26.88 -16.02
CA ARG A 269 28.93 -27.73 -17.20
C ARG A 269 28.33 -27.10 -18.44
N GLY A 270 27.70 -25.97 -18.24
CA GLY A 270 26.96 -25.28 -19.27
C GLY A 270 26.11 -24.24 -18.61
N TYR A 271 25.09 -23.79 -19.29
CA TYR A 271 24.26 -22.71 -18.80
C TYR A 271 22.79 -22.97 -18.89
N PHE A 272 22.07 -22.28 -18.05
CA PHE A 272 20.63 -22.34 -18.08
C PHE A 272 20.11 -21.14 -18.80
N LYS A 273 19.02 -21.29 -19.51
CA LYS A 273 18.47 -20.11 -20.15
C LYS A 273 17.62 -19.35 -19.18
N ILE A 274 17.55 -18.05 -19.33
CA ILE A 274 16.66 -17.23 -18.55
C ILE A 274 15.60 -16.65 -19.45
N ARG A 275 14.37 -16.82 -19.06
CA ARG A 275 13.30 -16.23 -19.81
C ARG A 275 12.62 -15.23 -18.92
N SER A 276 12.09 -14.17 -19.48
CA SER A 276 11.28 -13.31 -18.67
C SER A 276 10.02 -14.14 -18.58
N GLY A 277 9.14 -13.88 -17.63
CA GLY A 277 8.02 -14.78 -17.67
C GLY A 277 6.98 -14.55 -16.62
N LYS A 278 6.10 -15.52 -16.57
CA LYS A 278 4.93 -15.58 -15.72
C LYS A 278 4.97 -16.77 -14.78
N SER A 279 6.14 -17.32 -14.53
CA SER A 279 6.21 -18.50 -13.71
C SER A 279 6.59 -18.22 -12.26
N SER A 280 6.26 -19.15 -11.34
CA SER A 280 6.62 -18.99 -9.92
C SER A 280 6.59 -20.30 -9.10
N ILE A 281 7.00 -20.21 -7.81
CA ILE A 281 7.00 -21.37 -6.89
C ILE A 281 6.01 -21.22 -5.76
N MET A 282 5.25 -22.26 -5.52
CA MET A 282 4.32 -22.30 -4.41
C MET A 282 4.67 -23.48 -3.52
N ARG A 283 4.52 -23.32 -2.21
CA ARG A 283 4.75 -24.45 -1.31
C ARG A 283 3.41 -25.06 -1.01
N SER A 284 3.26 -26.35 -1.24
CA SER A 284 1.97 -26.99 -1.04
C SER A 284 2.05 -28.48 -0.86
N ASP A 285 1.22 -29.01 0.05
CA ASP A 285 1.17 -30.44 0.23
C ASP A 285 -0.04 -31.04 -0.45
N ALA A 286 -0.76 -30.22 -1.20
CA ALA A 286 -1.95 -30.69 -1.87
C ALA A 286 -1.52 -31.59 -3.03
N PRO A 287 -2.29 -32.63 -3.37
CA PRO A 287 -2.09 -33.49 -4.51
C PRO A 287 -2.50 -32.76 -5.75
N ILE A 288 -2.04 -33.21 -6.91
CA ILE A 288 -2.48 -32.62 -8.16
C ILE A 288 -3.42 -33.59 -8.84
N GLY A 289 -4.63 -33.12 -9.11
CA GLY A 289 -5.67 -33.94 -9.70
C GLY A 289 -5.90 -33.66 -11.17
N LYS A 290 -7.05 -34.11 -11.67
CA LYS A 290 -7.47 -33.94 -13.07
C LYS A 290 -8.64 -32.94 -13.06
N CYS A 291 -8.33 -31.67 -13.37
CA CYS A 291 -9.22 -30.52 -13.20
C CYS A 291 -8.71 -29.30 -13.96
N LYS A 292 -9.66 -28.45 -14.37
CA LYS A 292 -9.31 -27.18 -14.98
C LYS A 292 -9.71 -26.00 -14.11
N SER A 293 -8.72 -25.21 -13.66
CA SER A 293 -8.97 -24.03 -12.83
C SER A 293 -7.82 -23.04 -12.88
N GLU A 294 -8.13 -21.78 -13.11
CA GLU A 294 -7.17 -20.70 -13.22
C GLU A 294 -6.42 -20.24 -11.95
N CYS A 295 -7.07 -20.23 -10.77
CA CYS A 295 -6.50 -19.76 -9.51
C CYS A 295 -5.99 -20.90 -8.65
N ILE A 296 -4.71 -20.84 -8.33
CA ILE A 296 -4.08 -21.85 -7.50
C ILE A 296 -3.62 -21.26 -6.19
N THR A 297 -3.95 -21.93 -5.10
CA THR A 297 -3.59 -21.53 -3.75
C THR A 297 -2.93 -22.75 -3.10
N PRO A 298 -1.96 -22.62 -2.14
CA PRO A 298 -1.37 -23.79 -1.46
C PRO A 298 -2.48 -24.79 -1.11
N ASN A 299 -3.55 -24.44 -0.49
CA ASN A 299 -4.68 -25.38 -0.25
C ASN A 299 -5.45 -25.80 -1.53
N GLY A 300 -4.84 -26.15 -2.65
CA GLY A 300 -5.46 -26.48 -3.96
C GLY A 300 -6.00 -25.33 -4.79
N SER A 301 -6.80 -25.65 -5.80
CA SER A 301 -7.35 -24.65 -6.68
C SER A 301 -8.61 -24.08 -6.06
N ILE A 302 -8.90 -22.82 -6.38
CA ILE A 302 -10.07 -22.14 -5.88
C ILE A 302 -10.87 -21.57 -7.05
N PRO A 303 -12.18 -21.80 -7.17
CA PRO A 303 -13.00 -21.22 -8.21
C PRO A 303 -12.79 -19.73 -8.12
N ASN A 304 -12.67 -19.04 -9.23
CA ASN A 304 -12.36 -17.61 -9.16
C ASN A 304 -13.48 -16.67 -9.53
N ASP A 305 -14.72 -17.02 -9.24
CA ASP A 305 -15.78 -16.10 -9.58
C ASP A 305 -15.97 -15.04 -8.50
N LYS A 306 -15.82 -15.42 -7.25
CA LYS A 306 -16.05 -14.43 -6.23
C LYS A 306 -14.85 -13.50 -6.20
N PRO A 307 -15.03 -12.19 -5.98
CA PRO A 307 -13.97 -11.20 -5.94
C PRO A 307 -12.99 -11.30 -4.78
N PHE A 308 -13.37 -11.96 -3.68
CA PHE A 308 -12.47 -12.04 -2.54
C PHE A 308 -12.39 -13.46 -2.06
N GLN A 309 -11.31 -13.78 -1.39
CA GLN A 309 -11.16 -15.08 -0.78
C GLN A 309 -10.52 -14.96 0.56
N ASN A 310 -10.73 -15.92 1.41
CA ASN A 310 -10.03 -15.91 2.68
C ASN A 310 -9.37 -17.25 2.94
N VAL A 311 -8.96 -17.93 1.89
CA VAL A 311 -8.32 -19.23 2.03
C VAL A 311 -6.87 -19.07 2.37
N ASN A 312 -6.18 -18.22 1.61
CA ASN A 312 -4.79 -17.97 1.87
C ASN A 312 -4.39 -16.65 1.26
N ARG A 313 -3.16 -16.26 1.45
CA ARG A 313 -2.69 -15.02 0.87
C ARG A 313 -1.72 -15.31 -0.23
N ILE A 314 -1.34 -16.56 -0.32
CA ILE A 314 -0.41 -16.98 -1.34
C ILE A 314 -1.19 -17.56 -2.47
N THR A 315 -1.13 -16.89 -3.59
CA THR A 315 -1.90 -17.29 -4.74
C THR A 315 -1.10 -17.19 -6.01
N TYR A 316 -1.57 -17.87 -7.04
CA TYR A 316 -1.02 -17.80 -8.39
C TYR A 316 -2.11 -17.76 -9.44
N GLY A 317 -2.01 -16.85 -10.41
CA GLY A 317 -3.01 -16.78 -11.47
C GLY A 317 -4.09 -15.73 -11.19
N ALA A 318 -5.22 -15.82 -11.93
CA ALA A 318 -6.31 -14.83 -11.87
C ALA A 318 -7.24 -15.05 -10.69
N CYS A 319 -6.70 -14.80 -9.49
CA CYS A 319 -7.31 -15.04 -8.20
C CYS A 319 -8.08 -13.86 -7.59
N PRO A 320 -9.04 -14.15 -6.70
CA PRO A 320 -9.76 -13.24 -5.84
C PRO A 320 -8.77 -12.59 -4.88
N ARG A 321 -9.07 -11.41 -4.38
CA ARG A 321 -8.14 -10.76 -3.45
C ARG A 321 -8.28 -11.34 -2.08
N TYR A 322 -7.20 -11.39 -1.31
CA TYR A 322 -7.30 -11.89 0.04
C TYR A 322 -7.76 -10.85 1.01
N VAL A 323 -8.76 -11.20 1.79
CA VAL A 323 -9.28 -10.31 2.81
C VAL A 323 -9.32 -11.04 4.12
N LYS A 324 -9.38 -10.32 5.21
CA LYS A 324 -9.46 -10.96 6.51
C LYS A 324 -10.88 -11.21 6.96
N HIS A 325 -11.85 -10.76 6.20
CA HIS A 325 -13.24 -10.95 6.56
C HIS A 325 -13.62 -12.38 6.29
N SER A 326 -14.31 -13.01 7.22
CA SER A 326 -14.72 -14.37 6.96
C SER A 326 -15.88 -14.41 6.00
N THR A 327 -16.72 -13.39 6.04
CA THR A 327 -17.85 -13.31 5.14
C THR A 327 -18.11 -11.89 4.70
N LEU A 328 -18.67 -11.78 3.52
CA LEU A 328 -19.17 -10.55 2.98
C LEU A 328 -20.39 -10.91 2.18
N LYS A 329 -21.53 -10.39 2.55
CA LYS A 329 -22.70 -10.77 1.76
C LYS A 329 -23.25 -9.59 1.05
N LEU A 330 -23.33 -9.73 -0.24
CA LEU A 330 -23.82 -8.71 -1.10
C LEU A 330 -25.24 -9.00 -1.43
N ALA A 331 -26.14 -8.14 -1.04
CA ALA A 331 -27.54 -8.37 -1.26
C ALA A 331 -27.79 -8.43 -2.73
N THR A 332 -28.68 -9.33 -3.13
CA THR A 332 -29.05 -9.40 -4.54
C THR A 332 -30.51 -9.18 -4.56
N GLY A 333 -31.07 -9.27 -3.36
CA GLY A 333 -32.49 -9.12 -3.14
C GLY A 333 -32.80 -7.76 -2.54
N MET A 334 -33.87 -7.68 -1.78
CA MET A 334 -34.31 -6.43 -1.18
C MET A 334 -34.62 -6.64 0.26
N ARG A 335 -34.92 -5.59 1.01
CA ARG A 335 -35.23 -5.79 2.41
C ARG A 335 -36.40 -6.73 2.52
N ASN A 336 -36.31 -7.68 3.44
CA ASN A 336 -37.40 -8.62 3.56
C ASN A 336 -38.52 -8.06 4.43
N VAL A 337 -39.62 -8.84 4.56
CA VAL A 337 -40.86 -8.63 5.34
C VAL A 337 -41.19 -7.12 5.53
N ILE B 13 -46.38 1.35 2.43
CA ILE B 13 -46.42 -0.10 2.34
C ILE B 13 -46.06 -0.67 3.74
N GLU B 14 -47.00 -1.42 4.36
CA GLU B 14 -46.83 -2.04 5.69
C GLU B 14 -45.98 -3.30 5.71
N ASN B 15 -46.19 -4.20 4.74
CA ASN B 15 -45.46 -5.46 4.74
C ASN B 15 -45.33 -6.00 3.33
N GLY B 16 -44.67 -7.14 3.17
CA GLY B 16 -44.52 -7.74 1.86
C GLY B 16 -45.53 -8.84 1.60
N TRP B 17 -45.43 -9.45 0.42
CA TRP B 17 -46.31 -10.51 0.02
C TRP B 17 -45.58 -11.83 -0.11
N GLU B 18 -45.79 -12.72 0.83
CA GLU B 18 -45.07 -13.99 0.86
C GLU B 18 -45.43 -14.89 -0.31
N GLY B 19 -46.62 -14.68 -0.86
CA GLY B 19 -47.11 -15.49 -1.97
C GLY B 19 -46.83 -14.93 -3.36
N MET B 20 -46.07 -13.84 -3.48
CA MET B 20 -45.86 -13.34 -4.83
C MET B 20 -44.56 -13.92 -5.36
N VAL B 21 -44.68 -14.76 -6.37
CA VAL B 21 -43.53 -15.47 -6.91
C VAL B 21 -43.21 -15.23 -8.38
N ASP B 22 -44.01 -14.45 -9.09
CA ASP B 22 -43.79 -14.23 -10.51
C ASP B 22 -43.04 -12.94 -10.81
N GLY B 23 -42.50 -12.32 -9.79
CA GLY B 23 -41.75 -11.09 -9.91
C GLY B 23 -41.46 -10.55 -8.54
N TRP B 24 -40.77 -9.44 -8.47
CA TRP B 24 -40.42 -8.86 -7.19
C TRP B 24 -41.33 -7.76 -6.77
N TYR B 25 -41.89 -7.10 -7.76
CA TYR B 25 -42.74 -5.97 -7.52
C TYR B 25 -44.03 -6.30 -8.15
N GLY B 26 -45.12 -5.87 -7.56
CA GLY B 26 -46.37 -6.17 -8.20
C GLY B 26 -47.56 -5.56 -7.55
N PHE B 27 -48.69 -6.03 -8.02
CA PHE B 27 -49.98 -5.54 -7.61
C PHE B 27 -50.85 -6.64 -7.05
N ARG B 28 -51.70 -6.26 -6.12
CA ARG B 28 -52.71 -7.12 -5.57
C ARG B 28 -53.97 -6.33 -5.61
N HIS B 29 -55.09 -6.95 -5.89
CA HIS B 29 -56.30 -6.15 -5.98
C HIS B 29 -57.50 -6.80 -5.39
N GLN B 30 -58.47 -5.96 -5.06
CA GLN B 30 -59.76 -6.38 -4.59
C GLN B 30 -60.86 -5.66 -5.37
N ASN B 31 -61.73 -6.41 -6.01
CA ASN B 31 -62.84 -5.84 -6.75
C ASN B 31 -64.07 -6.73 -6.58
N SER B 32 -65.10 -6.60 -7.43
CA SER B 32 -66.32 -7.37 -7.25
C SER B 32 -66.24 -8.74 -7.91
N GLU B 33 -65.19 -8.96 -8.67
CA GLU B 33 -64.99 -10.24 -9.34
C GLU B 33 -64.26 -11.15 -8.38
N GLY B 34 -63.35 -10.56 -7.62
CA GLY B 34 -62.56 -11.31 -6.67
C GLY B 34 -61.27 -10.62 -6.25
N ARG B 35 -60.43 -11.39 -5.57
CA ARG B 35 -59.16 -10.92 -5.08
C ARG B 35 -58.07 -11.68 -5.79
N GLY B 36 -56.95 -11.02 -6.05
CA GLY B 36 -55.82 -11.72 -6.69
C GLY B 36 -54.61 -10.84 -6.89
N GLN B 37 -53.57 -11.39 -7.50
CA GLN B 37 -52.35 -10.61 -7.68
C GLN B 37 -51.55 -11.02 -8.88
N ALA B 38 -50.69 -10.12 -9.33
CA ALA B 38 -49.77 -10.38 -10.43
C ALA B 38 -48.55 -9.48 -10.34
N ALA B 39 -47.42 -9.95 -10.85
CA ALA B 39 -46.24 -9.11 -10.87
C ALA B 39 -46.24 -8.07 -11.97
N ASP B 40 -45.55 -6.97 -11.69
CA ASP B 40 -45.25 -5.94 -12.68
C ASP B 40 -43.89 -6.28 -13.23
N LEU B 41 -43.84 -6.78 -14.46
CA LEU B 41 -42.59 -7.29 -14.97
C LEU B 41 -41.66 -6.22 -15.49
N LYS B 42 -42.12 -4.99 -15.61
CA LYS B 42 -41.20 -3.98 -16.09
C LYS B 42 -40.48 -3.44 -14.89
N SER B 43 -41.21 -3.30 -13.78
CA SER B 43 -40.60 -2.82 -12.57
C SER B 43 -39.61 -3.86 -12.10
N THR B 44 -40.04 -5.13 -12.11
CA THR B 44 -39.14 -6.18 -11.69
C THR B 44 -37.96 -6.26 -12.58
N GLN B 45 -38.14 -6.22 -13.90
CA GLN B 45 -36.95 -6.40 -14.70
C GLN B 45 -36.00 -5.25 -14.52
N ALA B 46 -36.49 -4.02 -14.37
CA ALA B 46 -35.55 -2.93 -14.19
C ALA B 46 -34.70 -3.13 -12.94
N ALA B 47 -35.32 -3.60 -11.85
CA ALA B 47 -34.59 -3.85 -10.64
C ALA B 47 -33.56 -4.94 -10.84
N ILE B 48 -33.94 -5.97 -11.59
CA ILE B 48 -33.06 -7.08 -11.84
C ILE B 48 -31.88 -6.66 -12.67
N ASP B 49 -32.11 -5.87 -13.71
CA ASP B 49 -31.01 -5.46 -14.56
C ASP B 49 -30.00 -4.63 -13.81
N GLN B 50 -30.45 -3.73 -12.93
CA GLN B 50 -29.44 -2.95 -12.24
C GLN B 50 -28.65 -3.81 -11.28
N ILE B 51 -29.32 -4.75 -10.62
CA ILE B 51 -28.60 -5.60 -9.70
C ILE B 51 -27.64 -6.51 -10.43
N ASN B 52 -28.08 -7.13 -11.52
CA ASN B 52 -27.18 -8.02 -12.24
C ASN B 52 -26.02 -7.27 -12.80
N GLY B 53 -26.24 -6.02 -13.20
CA GLY B 53 -25.18 -5.18 -13.72
C GLY B 53 -24.14 -5.00 -12.65
N LYS B 54 -24.56 -4.62 -11.46
CA LYS B 54 -23.61 -4.41 -10.39
C LYS B 54 -22.84 -5.67 -10.10
N LEU B 55 -23.51 -6.82 -10.15
CA LEU B 55 -22.82 -8.07 -9.88
C LEU B 55 -21.81 -8.37 -10.98
N ASN B 56 -22.16 -8.09 -12.22
CA ASN B 56 -21.26 -8.37 -13.34
C ASN B 56 -19.99 -7.53 -13.30
N ARG B 57 -20.06 -6.35 -12.70
CA ARG B 57 -18.92 -5.47 -12.60
C ARG B 57 -17.91 -5.96 -11.57
N LEU B 58 -18.35 -6.86 -10.71
CA LEU B 58 -17.55 -7.34 -9.59
C LEU B 58 -17.19 -8.81 -9.66
N ILE B 59 -18.21 -9.64 -9.82
CA ILE B 59 -18.08 -11.06 -9.81
C ILE B 59 -17.57 -11.50 -11.15
N GLY B 60 -16.55 -12.31 -11.12
CA GLY B 60 -15.93 -12.78 -12.33
C GLY B 60 -14.82 -11.84 -12.78
N LYS B 61 -14.57 -10.76 -12.04
CA LYS B 61 -13.52 -9.86 -12.46
C LYS B 61 -12.36 -9.90 -11.49
N THR B 62 -11.31 -10.59 -11.89
CA THR B 62 -10.14 -10.78 -11.05
C THR B 62 -8.91 -10.36 -11.82
N ASN B 63 -7.80 -10.13 -11.12
CA ASN B 63 -6.56 -9.76 -11.78
C ASN B 63 -5.55 -10.86 -11.65
N GLU B 64 -4.77 -11.02 -12.70
CA GLU B 64 -3.78 -12.08 -12.72
C GLU B 64 -2.39 -11.67 -12.31
N LYS B 65 -1.87 -12.38 -11.30
CA LYS B 65 -0.54 -12.12 -10.78
C LYS B 65 0.26 -13.40 -10.90
N PHE B 66 1.57 -13.30 -11.08
CA PHE B 66 2.33 -14.53 -11.20
C PHE B 66 3.42 -14.73 -10.21
N HIS B 67 4.17 -13.69 -9.97
CA HIS B 67 5.28 -13.81 -9.08
C HIS B 67 5.17 -12.69 -8.09
N GLN B 68 5.35 -13.03 -6.84
CA GLN B 68 5.19 -12.09 -5.76
C GLN B 68 6.24 -12.34 -4.71
N ILE B 69 6.23 -11.49 -3.71
CA ILE B 69 7.11 -11.59 -2.56
C ILE B 69 6.75 -12.80 -1.73
N GLU B 70 7.61 -13.20 -0.81
CA GLU B 70 7.26 -14.33 0.01
C GLU B 70 6.31 -13.84 1.06
N LYS B 71 5.31 -14.61 1.40
CA LYS B 71 4.40 -14.15 2.42
C LYS B 71 4.53 -14.97 3.69
N GLU B 72 5.00 -16.19 3.54
CA GLU B 72 5.15 -17.12 4.64
C GLU B 72 6.63 -17.27 4.95
N PHE B 73 7.00 -17.12 6.20
CA PHE B 73 8.40 -17.24 6.56
C PHE B 73 8.58 -18.24 7.68
N SER B 74 9.67 -18.99 7.64
CA SER B 74 9.98 -19.97 8.67
C SER B 74 11.20 -19.66 9.55
N GLU B 75 11.98 -18.66 9.18
CA GLU B 75 13.21 -18.34 9.89
C GLU B 75 13.33 -16.87 10.20
N VAL B 76 14.12 -16.55 11.21
CA VAL B 76 14.40 -15.16 11.52
C VAL B 76 15.42 -14.60 10.56
N GLU B 77 15.06 -13.52 9.89
CA GLU B 77 15.95 -12.90 8.92
C GLU B 77 16.41 -11.50 9.30
N GLY B 78 15.64 -10.77 10.11
CA GLY B 78 15.97 -9.38 10.39
C GLY B 78 15.09 -8.39 9.64
N ARG B 79 15.58 -7.15 9.48
CA ARG B 79 14.74 -6.05 8.99
C ARG B 79 14.19 -6.24 7.59
N VAL B 80 14.85 -7.05 6.76
CA VAL B 80 14.34 -7.26 5.43
C VAL B 80 13.02 -7.99 5.48
N GLN B 81 12.86 -8.87 6.45
CA GLN B 81 11.66 -9.63 6.57
C GLN B 81 10.64 -8.78 7.23
N ASP B 82 11.06 -7.96 8.19
CA ASP B 82 10.06 -7.14 8.84
C ASP B 82 9.37 -6.27 7.82
N LEU B 83 10.13 -5.77 6.85
CA LEU B 83 9.50 -4.96 5.82
C LEU B 83 8.67 -5.82 4.90
N GLU B 84 9.17 -6.96 4.46
CA GLU B 84 8.39 -7.74 3.52
C GLU B 84 7.04 -8.13 4.13
N LYS B 85 7.01 -8.46 5.43
CA LYS B 85 5.78 -8.78 6.13
C LYS B 85 4.91 -7.56 6.29
N TYR B 86 5.51 -6.42 6.61
CA TYR B 86 4.79 -5.18 6.79
C TYR B 86 4.07 -4.81 5.53
N VAL B 87 4.74 -4.92 4.39
CA VAL B 87 4.15 -4.56 3.12
C VAL B 87 2.96 -5.44 2.83
N GLU B 88 3.08 -6.74 3.06
CA GLU B 88 1.96 -7.60 2.79
C GLU B 88 0.82 -7.35 3.74
N ASP B 89 1.10 -7.08 5.01
CA ASP B 89 0.02 -6.85 5.94
C ASP B 89 -0.68 -5.57 5.59
N THR B 90 0.06 -4.56 5.14
CA THR B 90 -0.55 -3.31 4.79
C THR B 90 -1.50 -3.53 3.65
N LYS B 91 -1.07 -4.28 2.64
CA LYS B 91 -1.91 -4.55 1.50
C LYS B 91 -3.17 -5.27 1.87
N ILE B 92 -3.08 -6.28 2.72
CA ILE B 92 -4.25 -7.04 3.07
C ILE B 92 -5.20 -6.21 3.88
N ASP B 93 -4.69 -5.49 4.84
CA ASP B 93 -5.52 -4.73 5.72
C ASP B 93 -6.29 -3.68 4.94
N LEU B 94 -5.63 -3.08 4.00
CA LEU B 94 -6.21 -2.05 3.18
C LEU B 94 -7.20 -2.63 2.18
N TRP B 95 -6.92 -3.78 1.60
CA TRP B 95 -7.91 -4.38 0.72
C TRP B 95 -9.09 -4.90 1.50
N SER B 96 -8.89 -5.29 2.76
CA SER B 96 -10.01 -5.72 3.57
C SER B 96 -10.90 -4.54 3.81
N TYR B 97 -10.31 -3.36 4.04
CA TYR B 97 -11.07 -2.14 4.19
C TYR B 97 -11.86 -1.87 2.94
N ASN B 98 -11.22 -1.95 1.78
CA ASN B 98 -11.93 -1.67 0.56
C ASN B 98 -13.07 -2.64 0.38
N ALA B 99 -12.86 -3.90 0.72
CA ALA B 99 -13.90 -4.90 0.56
C ALA B 99 -15.09 -4.65 1.44
N GLU B 100 -14.86 -4.23 2.68
CA GLU B 100 -16.00 -4.00 3.54
C GLU B 100 -16.73 -2.77 3.12
N LEU B 101 -16.00 -1.72 2.75
CA LEU B 101 -16.65 -0.50 2.35
C LEU B 101 -17.43 -0.73 1.10
N LEU B 102 -16.86 -1.47 0.17
CA LEU B 102 -17.53 -1.72 -1.07
C LEU B 102 -18.80 -2.46 -0.85
N VAL B 103 -18.78 -3.50 -0.05
CA VAL B 103 -20.01 -4.22 0.14
C VAL B 103 -21.02 -3.39 0.86
N ALA B 104 -20.62 -2.64 1.89
CA ALA B 104 -21.60 -1.82 2.58
C ALA B 104 -22.21 -0.78 1.66
N LEU B 105 -21.42 -0.19 0.75
CA LEU B 105 -21.98 0.79 -0.17
C LEU B 105 -22.91 0.12 -1.16
N GLU B 106 -22.53 -1.07 -1.60
CA GLU B 106 -23.34 -1.77 -2.57
C GLU B 106 -24.64 -2.22 -1.95
N ASN B 107 -24.62 -2.62 -0.69
CA ASN B 107 -25.84 -3.04 -0.02
C ASN B 107 -26.69 -1.87 0.34
N GLN B 108 -26.09 -0.74 0.70
CA GLN B 108 -26.91 0.40 1.01
C GLN B 108 -27.57 0.84 -0.26
N HIS B 109 -26.82 0.78 -1.36
CA HIS B 109 -27.38 1.15 -2.61
C HIS B 109 -28.46 0.19 -3.03
N THR B 110 -28.23 -1.12 -2.87
CA THR B 110 -29.22 -2.09 -3.30
C THR B 110 -30.52 -1.93 -2.54
N ILE B 111 -30.48 -1.72 -1.24
CA ILE B 111 -31.77 -1.60 -0.60
C ILE B 111 -32.42 -0.26 -0.97
N ASP B 112 -31.65 0.81 -1.16
CA ASP B 112 -32.26 2.06 -1.55
C ASP B 112 -32.77 1.98 -2.97
N LEU B 113 -32.11 1.20 -3.80
CA LEU B 113 -32.47 0.95 -5.18
C LEU B 113 -33.78 0.26 -5.28
N THR B 114 -33.96 -0.81 -4.52
CA THR B 114 -35.18 -1.51 -4.66
C THR B 114 -36.32 -0.70 -4.09
N ASP B 115 -36.08 0.10 -3.05
CA ASP B 115 -37.16 0.90 -2.52
C ASP B 115 -37.49 2.02 -3.49
N SER B 116 -36.49 2.53 -4.18
CA SER B 116 -36.70 3.57 -5.16
C SER B 116 -37.59 3.05 -6.27
N GLU B 117 -37.33 1.82 -6.74
CA GLU B 117 -38.13 1.27 -7.81
C GLU B 117 -39.55 1.10 -7.34
N MET B 118 -39.74 0.75 -6.07
CA MET B 118 -41.08 0.62 -5.54
C MET B 118 -41.79 1.96 -5.50
N ASN B 119 -41.07 3.03 -5.16
CA ASN B 119 -41.70 4.33 -5.10
C ASN B 119 -42.07 4.77 -6.50
N LYS B 120 -41.25 4.40 -7.49
CA LYS B 120 -41.53 4.76 -8.86
C LYS B 120 -42.79 4.08 -9.32
N LEU B 121 -42.98 2.82 -8.91
CA LEU B 121 -44.17 2.09 -9.28
C LEU B 121 -45.39 2.75 -8.69
N PHE B 122 -45.27 3.19 -7.43
CA PHE B 122 -46.36 3.86 -6.75
C PHE B 122 -46.71 5.15 -7.46
N GLU B 123 -45.70 5.95 -7.80
CA GLU B 123 -45.99 7.18 -8.49
C GLU B 123 -46.56 6.93 -9.86
N LYS B 124 -46.06 5.92 -10.57
CA LYS B 124 -46.59 5.64 -11.89
C LYS B 124 -48.07 5.42 -11.75
N THR B 125 -48.46 4.67 -10.73
CA THR B 125 -49.85 4.38 -10.52
C THR B 125 -50.65 5.64 -10.17
N LYS B 126 -50.18 6.51 -9.27
CA LYS B 126 -51.03 7.66 -8.94
C LYS B 126 -51.06 8.70 -10.05
N LYS B 127 -50.04 8.73 -10.87
CA LYS B 127 -49.99 9.64 -11.99
C LYS B 127 -50.87 9.12 -13.10
N GLN B 128 -51.04 7.80 -13.19
CA GLN B 128 -51.89 7.26 -14.22
C GLN B 128 -53.33 7.41 -13.78
N LEU B 129 -53.60 7.21 -12.50
CA LEU B 129 -54.95 7.34 -11.95
C LEU B 129 -55.15 8.76 -11.55
N ARG B 130 -55.14 9.66 -12.50
CA ARG B 130 -55.15 11.05 -12.10
C ARG B 130 -56.47 11.41 -11.48
N GLU B 131 -56.40 11.76 -10.22
CA GLU B 131 -57.53 12.15 -9.40
C GLU B 131 -58.62 11.08 -9.24
N ASN B 132 -58.34 9.84 -9.65
CA ASN B 132 -59.33 8.80 -9.48
C ASN B 132 -58.99 7.93 -8.32
N ALA B 133 -57.95 8.31 -7.60
CA ALA B 133 -57.52 7.51 -6.48
C ALA B 133 -56.87 8.30 -5.38
N GLU B 134 -56.93 7.73 -4.19
CA GLU B 134 -56.35 8.28 -2.98
C GLU B 134 -55.25 7.40 -2.44
N ASP B 135 -54.15 8.02 -2.03
CA ASP B 135 -53.04 7.28 -1.45
C ASP B 135 -53.34 6.90 -0.02
N MET B 136 -53.33 5.62 0.28
CA MET B 136 -53.52 5.21 1.65
C MET B 136 -52.13 4.97 2.22
N GLY B 137 -52.02 5.06 3.53
CA GLY B 137 -50.74 4.92 4.20
C GLY B 137 -50.25 3.49 4.26
N ASN B 138 -51.07 2.56 3.81
CA ASN B 138 -50.69 1.18 3.79
C ASN B 138 -50.09 0.77 2.46
N GLY B 139 -49.85 1.74 1.58
CA GLY B 139 -49.27 1.46 0.26
C GLY B 139 -50.28 1.09 -0.85
N CYS B 140 -51.58 1.17 -0.55
CA CYS B 140 -52.68 0.85 -1.43
C CYS B 140 -53.39 2.10 -1.93
N PHE B 141 -53.96 1.97 -3.11
CA PHE B 141 -54.76 3.02 -3.68
C PHE B 141 -56.21 2.75 -3.58
N LYS B 142 -56.92 3.73 -3.09
CA LYS B 142 -58.35 3.59 -3.05
C LYS B 142 -58.80 4.12 -4.39
N ILE B 143 -59.52 3.34 -5.14
CA ILE B 143 -59.97 3.74 -6.45
C ILE B 143 -61.45 4.04 -6.38
N TYR B 144 -61.81 5.22 -6.89
CA TYR B 144 -63.17 5.69 -6.72
C TYR B 144 -64.12 5.38 -7.87
N HIS B 145 -63.67 4.57 -8.79
CA HIS B 145 -64.53 4.08 -9.84
C HIS B 145 -64.69 2.63 -9.56
N LYS B 146 -65.90 2.12 -9.62
CA LYS B 146 -66.06 0.71 -9.31
C LYS B 146 -65.67 -0.18 -10.49
N CYS B 147 -64.35 -0.34 -10.69
CA CYS B 147 -63.68 -1.10 -11.72
C CYS B 147 -63.65 -2.59 -11.39
N ASP B 148 -63.77 -3.40 -12.45
CA ASP B 148 -63.62 -4.84 -12.33
C ASP B 148 -62.73 -5.43 -13.41
N ASN B 149 -61.57 -5.89 -12.98
CA ASN B 149 -60.51 -6.55 -13.76
C ASN B 149 -59.88 -5.76 -14.90
N ALA B 150 -60.68 -5.32 -15.86
CA ALA B 150 -60.12 -4.64 -17.02
C ALA B 150 -59.32 -3.37 -16.68
N CYS B 151 -59.76 -2.55 -15.67
CA CYS B 151 -59.04 -1.31 -15.28
C CYS B 151 -57.76 -1.76 -14.65
N ILE B 152 -57.84 -2.84 -13.91
CA ILE B 152 -56.70 -3.26 -13.14
C ILE B 152 -55.61 -3.69 -14.10
N GLU B 153 -55.97 -4.45 -15.13
CA GLU B 153 -54.98 -4.87 -16.10
C GLU B 153 -54.48 -3.69 -16.90
N SER B 154 -55.38 -2.74 -17.18
CA SER B 154 -55.05 -1.54 -17.94
C SER B 154 -54.01 -0.74 -17.16
N ILE B 155 -54.18 -0.63 -15.84
CA ILE B 155 -53.22 0.08 -15.01
C ILE B 155 -51.91 -0.67 -15.05
N ARG B 156 -51.99 -2.00 -14.92
CA ARG B 156 -50.76 -2.84 -14.93
C ARG B 156 -50.03 -2.70 -16.28
N ASN B 157 -50.83 -2.47 -17.35
CA ASN B 157 -50.26 -2.42 -18.72
C ASN B 157 -50.22 -0.99 -19.23
N GLU B 158 -50.16 -0.03 -18.34
CA GLU B 158 -49.93 1.40 -18.68
C GLU B 158 -50.87 1.90 -19.78
N THR B 159 -52.13 1.46 -19.82
CA THR B 159 -53.09 1.99 -20.77
C THR B 159 -54.33 2.59 -20.10
N TYR B 160 -54.29 2.82 -18.80
CA TYR B 160 -55.47 3.33 -18.13
C TYR B 160 -55.71 4.77 -18.54
N ASP B 161 -56.94 5.05 -18.90
CA ASP B 161 -57.32 6.38 -19.31
C ASP B 161 -58.13 7.07 -18.23
N HIS B 162 -57.55 8.05 -17.58
CA HIS B 162 -58.23 8.71 -16.50
C HIS B 162 -59.43 9.50 -16.99
N ASN B 163 -59.49 9.78 -18.28
CA ASN B 163 -60.55 10.58 -18.83
C ASN B 163 -61.83 9.79 -19.02
N VAL B 164 -61.77 8.50 -18.78
CA VAL B 164 -62.93 7.66 -18.92
C VAL B 164 -63.70 7.64 -17.63
N TYR B 165 -62.99 7.60 -16.53
CA TYR B 165 -63.63 7.43 -15.25
C TYR B 165 -63.77 8.69 -14.40
N ARG B 166 -63.02 9.76 -14.65
CA ARG B 166 -63.14 10.91 -13.74
C ARG B 166 -64.57 11.40 -13.56
N ASP B 167 -65.37 11.34 -14.60
CA ASP B 167 -66.74 11.81 -14.47
C ASP B 167 -67.54 11.02 -13.44
N GLU B 168 -67.17 9.78 -13.18
CA GLU B 168 -67.90 8.94 -12.25
C GLU B 168 -67.15 8.76 -10.93
N ALA B 169 -65.83 8.88 -10.97
CA ALA B 169 -65.05 8.70 -9.77
C ALA B 169 -65.06 9.95 -8.87
N LEU B 170 -65.07 11.14 -9.45
CA LEU B 170 -65.00 12.33 -8.62
C LEU B 170 -66.22 12.51 -7.74
N ASN B 171 -67.38 12.13 -8.25
CA ASN B 171 -68.56 12.31 -7.47
C ASN B 171 -68.70 11.28 -6.38
N ASN B 172 -67.83 10.28 -6.36
CA ASN B 172 -67.86 9.29 -5.33
C ASN B 172 -66.65 9.46 -4.41
N ARG B 173 -65.95 10.58 -4.58
CA ARG B 173 -64.77 10.89 -3.80
C ARG B 173 -64.95 12.18 -3.04
N PHE B 174 -65.30 13.25 -3.74
CA PHE B 174 -65.45 14.55 -3.09
C PHE B 174 -66.89 14.94 -2.91
N GLN B 175 -67.75 14.56 -3.84
CA GLN B 175 -69.16 14.95 -3.68
C GLN B 175 -69.97 13.98 -2.77
N ILE B 176 -69.37 12.80 -2.44
CA ILE B 176 -69.86 11.71 -1.62
C ILE B 176 -71.05 11.04 -2.33
N ALA C 25 -54.04 26.10 -20.25
CA ALA C 25 -52.65 26.42 -20.53
C ALA C 25 -51.78 25.22 -20.13
N THR C 26 -50.61 25.02 -20.81
CA THR C 26 -49.65 23.95 -20.46
C THR C 26 -48.26 24.47 -20.19
N LEU C 27 -47.71 24.04 -19.07
CA LEU C 27 -46.35 24.39 -18.71
C LEU C 27 -45.51 23.13 -18.55
N CYS C 28 -44.51 22.89 -19.41
CA CYS C 28 -43.66 21.71 -19.41
C CYS C 28 -42.31 21.99 -18.79
N LEU C 29 -41.83 21.05 -18.01
CA LEU C 29 -40.53 21.20 -17.42
C LEU C 29 -39.60 20.21 -18.06
N GLY C 30 -38.33 20.54 -18.13
CA GLY C 30 -37.40 19.58 -18.67
C GLY C 30 -35.96 20.04 -18.72
N HIS C 31 -35.13 19.15 -19.23
CA HIS C 31 -33.71 19.34 -19.34
C HIS C 31 -33.26 19.54 -20.74
N HIS C 32 -32.11 20.16 -20.90
CA HIS C 32 -31.56 20.34 -22.22
C HIS C 32 -31.00 19.02 -22.67
N ALA C 33 -30.87 18.86 -23.96
CA ALA C 33 -30.27 17.66 -24.50
C ALA C 33 -29.28 18.06 -25.55
N VAL C 34 -28.35 17.18 -25.88
CA VAL C 34 -27.40 17.55 -26.91
C VAL C 34 -27.44 16.51 -28.03
N PRO C 35 -27.21 16.90 -29.29
CA PRO C 35 -27.16 16.01 -30.43
C PRO C 35 -26.24 14.81 -30.25
N ASN C 36 -25.10 15.02 -29.59
CA ASN C 36 -24.14 13.96 -29.37
C ASN C 36 -23.49 14.07 -28.02
N GLY C 37 -23.81 13.16 -27.10
CA GLY C 37 -23.23 13.23 -25.78
C GLY C 37 -22.02 12.31 -25.73
N THR C 38 -21.63 11.93 -24.54
CA THR C 38 -20.49 11.07 -24.35
C THR C 38 -20.86 9.96 -23.40
N ILE C 39 -20.00 8.96 -23.23
CA ILE C 39 -20.37 7.84 -22.37
C ILE C 39 -19.56 7.74 -21.10
N VAL C 40 -20.25 7.65 -19.97
CA VAL C 40 -19.58 7.52 -18.69
C VAL C 40 -20.05 6.31 -17.90
N LYS C 41 -19.23 5.89 -16.94
CA LYS C 41 -19.56 4.80 -16.06
C LYS C 41 -20.19 5.30 -14.77
N THR C 42 -21.04 4.50 -14.16
CA THR C 42 -21.65 4.79 -12.88
C THR C 42 -21.52 3.54 -12.06
N ILE C 43 -22.28 3.40 -10.97
CA ILE C 43 -22.06 2.17 -10.20
C ILE C 43 -23.04 1.10 -10.64
N THR C 44 -24.18 1.50 -11.24
CA THR C 44 -25.21 0.56 -11.68
C THR C 44 -25.09 0.18 -13.14
N ASN C 45 -24.40 0.99 -13.93
CA ASN C 45 -24.24 0.72 -15.33
C ASN C 45 -22.89 1.19 -15.79
N ASP C 46 -22.40 0.58 -16.85
CA ASP C 46 -21.12 0.95 -17.42
C ASP C 46 -21.25 1.97 -18.53
N ARG C 47 -22.41 2.02 -19.19
CA ARG C 47 -22.53 2.92 -20.32
C ARG C 47 -23.74 3.85 -20.34
N ILE C 48 -23.63 5.00 -19.70
CA ILE C 48 -24.71 5.97 -19.69
C ILE C 48 -24.33 7.20 -20.46
N GLU C 49 -25.20 7.63 -21.37
CA GLU C 49 -24.90 8.84 -22.19
C GLU C 49 -24.99 10.11 -21.33
N VAL C 50 -24.02 11.01 -21.45
CA VAL C 50 -23.99 12.27 -20.64
C VAL C 50 -23.66 13.44 -21.56
N THR C 51 -24.15 14.66 -21.27
CA THR C 51 -23.94 15.82 -22.19
C THR C 51 -22.44 16.06 -22.42
N ASN C 52 -21.73 16.26 -21.33
CA ASN C 52 -20.30 16.61 -21.42
C ASN C 52 -19.54 15.87 -20.33
N ALA C 53 -18.35 15.33 -20.60
CA ALA C 53 -17.60 14.71 -19.50
C ALA C 53 -16.14 15.16 -19.55
N THR C 54 -15.55 15.46 -18.39
CA THR C 54 -14.13 15.90 -18.33
C THR C 54 -13.24 14.67 -18.17
N GLU C 55 -12.42 14.38 -19.19
CA GLU C 55 -11.45 13.27 -19.06
C GLU C 55 -10.57 13.58 -17.86
N LEU C 56 -10.38 12.60 -16.96
CA LEU C 56 -9.53 12.80 -15.80
C LEU C 56 -8.17 12.17 -15.91
N VAL C 57 -7.88 11.52 -17.01
CA VAL C 57 -6.60 10.89 -17.19
C VAL C 57 -5.82 11.62 -18.25
N GLN C 58 -4.75 12.30 -17.81
CA GLN C 58 -3.86 12.92 -18.81
C GLN C 58 -3.05 11.80 -19.46
N ASN C 59 -3.54 11.48 -20.65
CA ASN C 59 -2.73 10.72 -21.58
C ASN C 59 -2.19 11.87 -22.40
N SER C 60 -1.08 11.77 -23.09
CA SER C 60 -0.35 12.80 -23.88
C SER C 60 0.50 13.71 -22.97
N SER C 61 1.81 13.58 -23.14
CA SER C 61 2.85 14.44 -22.62
C SER C 61 3.11 15.51 -23.65
N ILE C 62 3.79 16.56 -23.27
CA ILE C 62 4.16 17.58 -24.22
C ILE C 62 5.13 17.02 -25.25
N GLY C 63 6.07 16.20 -24.78
CA GLY C 63 7.09 15.58 -25.61
C GLY C 63 8.47 16.14 -25.34
N GLU C 64 8.53 17.15 -24.51
CA GLU C 64 9.79 17.76 -24.11
C GLU C 64 9.68 18.09 -22.66
N ILE C 65 10.81 18.20 -22.01
CA ILE C 65 10.88 18.59 -20.63
C ILE C 65 10.91 20.11 -20.56
N CYS C 66 10.07 20.73 -19.71
CA CYS C 66 9.99 22.18 -19.50
C CYS C 66 11.15 22.62 -18.62
N ASP C 67 11.71 23.82 -18.83
CA ASP C 67 12.91 24.22 -18.09
C ASP C 67 12.67 25.03 -16.85
N SER C 68 11.43 25.21 -16.50
CA SER C 68 11.08 25.93 -15.30
C SER C 68 9.74 25.39 -14.84
N PRO C 69 9.37 25.58 -13.58
CA PRO C 69 10.04 26.24 -12.46
C PRO C 69 11.24 25.50 -11.87
N HIS C 70 11.39 24.23 -12.19
CA HIS C 70 12.45 23.42 -11.62
C HIS C 70 13.76 23.66 -12.32
N GLN C 71 14.87 23.51 -11.61
CA GLN C 71 16.20 23.59 -12.21
C GLN C 71 16.61 22.22 -12.68
N ILE C 72 16.85 22.09 -13.98
CA ILE C 72 17.13 20.78 -14.54
C ILE C 72 18.45 20.68 -15.24
N LEU C 73 19.23 19.67 -14.89
CA LEU C 73 20.47 19.46 -15.63
C LEU C 73 20.18 18.46 -16.71
N ASP C 74 20.72 18.71 -17.89
CA ASP C 74 20.49 17.88 -19.06
C ASP C 74 21.21 16.57 -19.04
N GLY C 75 22.42 16.59 -18.53
CA GLY C 75 23.20 15.38 -18.43
C GLY C 75 23.60 14.84 -19.80
N GLU C 76 23.90 15.74 -20.74
CA GLU C 76 24.42 15.27 -22.05
C GLU C 76 25.46 14.17 -21.79
N ASN C 77 25.17 12.92 -22.08
CA ASN C 77 26.20 11.90 -21.87
C ASN C 77 26.78 11.83 -20.44
N CYS C 78 26.13 12.38 -19.40
CA CYS C 78 26.84 12.31 -18.09
C CYS C 78 25.99 11.59 -17.04
N THR C 79 26.37 10.36 -16.72
CA THR C 79 25.67 9.63 -15.62
C THR C 79 25.98 10.41 -14.34
N LEU C 80 25.03 10.52 -13.42
CA LEU C 80 25.31 11.37 -12.22
C LEU C 80 26.61 10.91 -11.57
N ILE C 81 27.00 9.63 -11.71
CA ILE C 81 28.25 9.24 -11.10
C ILE C 81 29.43 9.77 -11.93
N ASP C 82 29.37 9.73 -13.25
CA ASP C 82 30.49 10.28 -14.01
C ASP C 82 30.68 11.76 -13.70
N ALA C 83 29.56 12.48 -13.52
CA ALA C 83 29.66 13.89 -13.19
C ALA C 83 30.28 14.07 -11.80
N LEU C 84 29.96 13.17 -10.88
CA LEU C 84 30.46 13.19 -9.53
C LEU C 84 31.95 12.98 -9.47
N LEU C 85 32.43 12.02 -10.24
CA LEU C 85 33.83 11.69 -10.20
C LEU C 85 34.65 12.67 -11.03
N GLY C 86 34.03 13.27 -12.05
CA GLY C 86 34.78 14.20 -12.86
C GLY C 86 35.36 13.61 -14.14
N ASP C 87 34.52 12.88 -14.88
CA ASP C 87 34.85 12.30 -16.18
C ASP C 87 35.34 13.42 -17.15
N PRO C 88 36.32 13.18 -18.02
CA PRO C 88 36.84 14.12 -18.98
C PRO C 88 35.80 14.87 -19.75
N GLN C 89 34.65 14.25 -20.08
CA GLN C 89 33.62 14.96 -20.83
C GLN C 89 32.47 15.57 -20.00
N CYS C 90 32.57 15.52 -18.65
CA CYS C 90 31.56 15.98 -17.69
C CYS C 90 32.20 17.10 -16.85
N ASP C 91 33.13 17.86 -17.41
CA ASP C 91 33.82 18.88 -16.63
C ASP C 91 33.00 20.13 -16.50
N GLY C 92 31.90 20.17 -17.21
CA GLY C 92 31.00 21.29 -17.20
C GLY C 92 30.00 21.15 -16.08
N PHE C 93 30.10 20.08 -15.30
CA PHE C 93 29.16 19.84 -14.22
C PHE C 93 29.74 20.13 -12.86
N GLN C 94 30.90 20.74 -12.82
CA GLN C 94 31.50 21.00 -11.54
C GLN C 94 30.69 22.02 -10.79
N ASN C 95 30.40 21.71 -9.54
CA ASN C 95 29.64 22.51 -8.62
C ASN C 95 28.25 22.89 -9.13
N LYS C 96 27.58 22.02 -9.87
CA LYS C 96 26.24 22.33 -10.30
C LYS C 96 25.19 21.92 -9.30
N LYS C 97 24.05 22.57 -9.40
CA LYS C 97 22.92 22.26 -8.55
C LYS C 97 21.74 21.89 -9.41
N TRP C 98 20.86 21.09 -8.84
CA TRP C 98 19.66 20.74 -9.57
C TRP C 98 18.55 20.36 -8.67
N ASP C 99 17.34 20.48 -9.18
CA ASP C 99 16.19 19.93 -8.53
C ASP C 99 16.01 18.58 -9.19
N LEU C 100 16.33 18.52 -10.48
CA LEU C 100 16.20 17.28 -11.21
C LEU C 100 17.39 17.07 -12.11
N PHE C 101 17.99 15.90 -12.01
CA PHE C 101 19.08 15.57 -12.87
C PHE C 101 18.55 14.61 -13.88
N VAL C 102 18.85 14.80 -15.13
CA VAL C 102 18.34 13.89 -16.10
C VAL C 102 19.45 13.12 -16.77
N GLU C 103 19.31 11.81 -16.81
CA GLU C 103 20.30 10.99 -17.48
C GLU C 103 19.77 10.61 -18.85
N ARG C 104 20.62 10.69 -19.85
CA ARG C 104 20.25 10.27 -21.20
C ARG C 104 20.60 8.80 -21.37
N SER C 105 19.82 8.05 -22.16
CA SER C 105 20.13 6.63 -22.34
C SER C 105 21.39 6.38 -23.14
N LYS C 106 21.85 7.40 -23.83
CA LYS C 106 23.03 7.29 -24.65
C LYS C 106 24.29 7.57 -23.86
N ALA C 107 24.17 7.95 -22.59
CA ALA C 107 25.36 8.30 -21.86
C ALA C 107 26.26 7.10 -21.69
N TYR C 108 27.54 7.36 -21.79
CA TYR C 108 28.55 6.36 -21.62
C TYR C 108 29.70 7.03 -20.93
N SER C 109 30.50 6.29 -20.20
CA SER C 109 31.65 6.95 -19.61
C SER C 109 32.75 7.01 -20.63
N ASN C 110 33.71 7.88 -20.43
CA ASN C 110 34.84 7.93 -21.33
C ASN C 110 36.12 8.16 -20.53
N CYS C 111 36.39 7.29 -19.54
CA CYS C 111 37.46 7.43 -18.56
C CYS C 111 37.79 6.04 -18.06
N TYR C 112 38.65 5.94 -17.10
CA TYR C 112 39.05 4.69 -16.56
C TYR C 112 37.79 4.00 -16.07
N PRO C 113 37.55 2.73 -16.38
CA PRO C 113 36.36 2.00 -16.01
C PRO C 113 36.23 1.79 -14.52
N TYR C 114 35.00 1.76 -14.02
CA TYR C 114 34.81 1.59 -12.60
C TYR C 114 33.62 0.73 -12.26
N ASP C 115 33.62 0.27 -11.01
CA ASP C 115 32.64 -0.61 -10.42
C ASP C 115 32.15 -0.09 -9.07
N VAL C 116 30.90 0.33 -8.95
CA VAL C 116 30.49 0.87 -7.66
C VAL C 116 29.63 -0.18 -6.96
N PRO C 117 30.06 -0.79 -5.85
CA PRO C 117 29.24 -1.73 -5.13
C PRO C 117 28.06 -0.93 -4.67
N ASP C 118 26.88 -1.48 -4.73
CA ASP C 118 25.71 -0.75 -4.29
C ASP C 118 25.63 0.61 -4.98
N TYR C 119 25.77 0.55 -6.30
CA TYR C 119 25.71 1.68 -7.19
C TYR C 119 24.46 2.45 -6.95
N ALA C 120 23.35 1.74 -6.81
CA ALA C 120 22.08 2.37 -6.63
C ALA C 120 22.04 3.26 -5.40
N SER C 121 22.71 2.89 -4.32
CA SER C 121 22.63 3.72 -3.14
C SER C 121 23.45 4.95 -3.29
N LEU C 122 24.61 4.85 -3.94
CA LEU C 122 25.38 6.06 -4.09
C LEU C 122 24.66 6.99 -4.99
N ARG C 123 24.09 6.46 -6.04
CA ARG C 123 23.39 7.28 -6.99
C ARG C 123 22.23 7.99 -6.35
N SER C 124 21.47 7.31 -5.49
CA SER C 124 20.37 7.95 -4.80
C SER C 124 20.83 9.04 -3.87
N LEU C 125 21.89 8.79 -3.12
CA LEU C 125 22.39 9.78 -2.19
C LEU C 125 22.82 11.05 -2.87
N VAL C 126 23.57 10.92 -3.94
CA VAL C 126 24.04 12.13 -4.56
C VAL C 126 22.85 12.83 -5.17
N ALA C 127 21.95 12.07 -5.79
CA ALA C 127 20.80 12.64 -6.43
C ALA C 127 19.92 13.46 -5.53
N SER C 128 19.69 12.99 -4.30
CA SER C 128 18.82 13.70 -3.40
C SER C 128 19.49 14.89 -2.77
N SER C 129 20.82 14.85 -2.67
CA SER C 129 21.52 15.99 -2.12
C SER C 129 21.26 17.15 -3.04
N GLY C 130 21.33 16.86 -4.34
CA GLY C 130 21.00 17.86 -5.33
C GLY C 130 22.14 18.76 -5.69
N THR C 131 23.34 18.37 -5.34
CA THR C 131 24.45 19.21 -5.65
C THR C 131 25.75 18.49 -5.78
N LEU C 132 26.61 19.02 -6.62
CA LEU C 132 27.98 18.55 -6.71
C LEU C 132 28.92 19.59 -6.13
N GLU C 133 28.40 20.45 -5.28
CA GLU C 133 29.26 21.45 -4.68
C GLU C 133 30.36 20.70 -3.97
N PHE C 134 31.57 21.09 -4.27
CA PHE C 134 32.72 20.42 -3.74
C PHE C 134 33.77 21.36 -3.25
N LYS C 135 34.38 21.01 -2.14
CA LYS C 135 35.46 21.82 -1.65
C LYS C 135 36.69 20.98 -1.44
N ASN C 136 37.82 21.55 -1.81
CA ASN C 136 39.10 20.88 -1.67
C ASN C 136 39.54 20.91 -0.23
N GLU C 137 40.24 19.89 0.19
CA GLU C 137 40.81 19.88 1.53
C GLU C 137 42.28 19.69 1.50
N SER C 138 42.93 20.18 2.53
CA SER C 138 44.37 20.08 2.67
C SER C 138 44.81 18.72 3.17
N PHE C 139 44.57 17.70 2.33
CA PHE C 139 44.93 16.31 2.72
C PHE C 139 46.45 16.16 2.78
N ASN C 140 46.97 15.35 3.68
CA ASN C 140 48.44 15.29 3.80
C ASN C 140 48.96 14.01 3.16
N TRP C 141 48.72 13.84 1.87
CA TRP C 141 49.24 12.65 1.11
C TRP C 141 50.75 12.82 0.97
N THR C 142 51.51 12.37 1.96
CA THR C 142 52.94 12.59 1.96
C THR C 142 53.71 11.29 1.92
N GLY C 143 54.79 11.29 1.16
CA GLY C 143 55.65 10.11 1.05
C GLY C 143 55.22 9.22 -0.10
N VAL C 144 54.25 9.71 -0.86
CA VAL C 144 53.67 9.06 -2.02
C VAL C 144 53.65 10.02 -3.18
N THR C 145 53.44 9.48 -4.36
CA THR C 145 53.32 10.33 -5.55
C THR C 145 51.86 10.60 -5.82
N GLN C 146 51.51 11.87 -5.98
CA GLN C 146 50.08 12.23 -6.21
C GLN C 146 49.81 12.43 -7.71
N ASN C 147 48.56 12.58 -8.09
CA ASN C 147 48.18 12.79 -9.49
C ASN C 147 48.73 11.67 -10.38
N GLY C 148 48.17 10.47 -10.30
CA GLY C 148 48.52 9.39 -11.26
C GLY C 148 47.53 9.42 -12.42
N THR C 149 47.98 9.20 -13.65
CA THR C 149 47.05 9.35 -14.79
C THR C 149 46.97 8.11 -15.63
N SER C 150 46.01 8.11 -16.56
CA SER C 150 45.84 6.99 -17.48
C SER C 150 45.34 7.43 -18.82
N SER C 151 45.77 6.72 -19.87
CA SER C 151 45.37 6.99 -21.26
C SER C 151 43.88 6.77 -21.46
N ALA C 152 43.28 6.11 -20.49
CA ALA C 152 41.85 5.90 -20.47
C ALA C 152 41.04 7.20 -20.48
N CYS C 153 41.56 8.27 -19.80
CA CYS C 153 40.90 9.54 -19.57
C CYS C 153 41.64 10.62 -20.33
N ILE C 154 41.14 11.03 -21.47
CA ILE C 154 41.88 12.05 -22.20
C ILE C 154 41.16 13.37 -22.13
N ARG C 155 41.86 14.37 -21.64
CA ARG C 155 41.31 15.71 -21.53
C ARG C 155 42.33 16.67 -22.07
N GLY C 156 41.95 17.49 -23.03
CA GLY C 156 42.94 18.42 -23.56
C GLY C 156 44.02 17.67 -24.32
N SER C 157 43.63 16.51 -24.87
CA SER C 157 44.52 15.62 -25.59
C SER C 157 45.61 14.97 -24.75
N SER C 158 45.58 15.11 -23.42
CA SER C 158 46.59 14.48 -22.59
C SER C 158 46.01 13.45 -21.65
N SER C 159 46.83 12.51 -21.21
CA SER C 159 46.33 11.55 -20.25
C SER C 159 45.99 12.30 -18.98
N SER C 160 44.87 11.97 -18.39
CA SER C 160 44.40 12.59 -17.17
C SER C 160 43.70 11.56 -16.32
N PHE C 161 42.82 12.01 -15.46
CA PHE C 161 42.10 11.12 -14.57
C PHE C 161 40.85 11.82 -14.11
N PHE C 162 40.06 11.15 -13.32
CA PHE C 162 38.87 11.78 -12.80
C PHE C 162 39.30 12.97 -11.98
N SER C 163 38.65 14.12 -12.16
CA SER C 163 39.04 15.34 -11.46
C SER C 163 38.83 15.40 -9.97
N ARG C 164 38.00 14.54 -9.40
CA ARG C 164 37.79 14.59 -7.96
C ARG C 164 38.50 13.47 -7.23
N LEU C 165 39.32 12.71 -7.93
CA LEU C 165 40.05 11.62 -7.33
C LEU C 165 41.53 11.85 -7.45
N ASN C 166 42.29 11.35 -6.48
CA ASN C 166 43.74 11.47 -6.52
C ASN C 166 44.36 10.09 -6.45
N TRP C 167 44.86 9.62 -7.58
CA TRP C 167 45.39 8.29 -7.65
C TRP C 167 46.81 8.32 -7.14
N LEU C 168 47.03 7.69 -5.99
CA LEU C 168 48.34 7.73 -5.39
C LEU C 168 49.12 6.51 -5.81
N THR C 169 50.40 6.71 -6.09
CA THR C 169 51.33 5.65 -6.47
C THR C 169 52.59 5.78 -5.62
N HIS C 170 53.51 4.84 -5.72
CA HIS C 170 54.72 4.98 -4.92
C HIS C 170 55.53 6.19 -5.28
N LEU C 171 56.39 6.60 -4.34
CA LEU C 171 57.33 7.71 -4.59
C LEU C 171 58.73 7.19 -4.27
N ASN C 172 59.61 7.19 -5.25
CA ASN C 172 60.96 6.58 -5.04
C ASN C 172 60.78 5.14 -4.56
N TYR C 173 60.00 4.37 -5.29
CA TYR C 173 59.82 2.93 -4.99
C TYR C 173 59.43 2.70 -3.52
N THR C 174 58.71 3.65 -2.91
CA THR C 174 58.23 3.45 -1.57
C THR C 174 56.80 3.92 -1.42
N TYR C 175 55.98 3.10 -0.80
CA TYR C 175 54.60 3.48 -0.54
C TYR C 175 54.35 3.25 0.94
N PRO C 176 54.65 4.23 1.79
CA PRO C 176 54.57 4.12 3.22
C PRO C 176 53.13 4.06 3.55
N ALA C 177 52.76 3.46 4.67
CA ALA C 177 51.37 3.51 5.01
C ALA C 177 50.96 4.94 5.23
N LEU C 178 49.76 5.28 4.76
CA LEU C 178 49.23 6.66 4.99
C LEU C 178 48.37 6.66 6.26
N ASN C 179 48.13 7.79 6.87
CA ASN C 179 47.28 7.88 8.07
C ASN C 179 46.80 9.31 8.06
N VAL C 180 45.63 9.58 7.53
CA VAL C 180 45.09 10.96 7.43
C VAL C 180 43.93 11.17 8.39
N THR C 181 44.06 12.12 9.32
CA THR C 181 43.00 12.48 10.25
C THR C 181 42.42 13.81 9.85
N MET C 182 41.28 13.78 9.21
CA MET C 182 40.69 15.00 8.69
C MET C 182 39.37 15.28 9.43
N PRO C 183 39.35 16.16 10.45
CA PRO C 183 38.23 16.43 11.33
C PRO C 183 37.13 17.21 10.68
N ASN C 184 35.91 17.01 11.15
CA ASN C 184 34.79 17.83 10.70
C ASN C 184 34.41 18.84 11.79
N LYS C 185 34.77 20.10 11.57
CA LYS C 185 34.54 21.16 12.53
C LYS C 185 33.47 22.10 12.05
N GLU C 186 32.84 21.72 10.96
CA GLU C 186 31.83 22.54 10.37
C GLU C 186 30.48 22.09 10.87
N GLN C 187 29.42 22.75 10.42
CA GLN C 187 28.09 22.39 10.90
C GLN C 187 27.32 21.47 9.97
N PHE C 188 27.97 21.02 8.92
CA PHE C 188 27.35 20.15 7.94
C PHE C 188 28.10 18.85 7.74
N ASP C 189 27.38 17.84 7.25
CA ASP C 189 27.95 16.55 6.90
C ASP C 189 28.87 16.65 5.71
N LYS C 190 29.96 15.91 5.73
CA LYS C 190 30.85 15.87 4.60
C LYS C 190 30.84 14.50 3.93
N LEU C 191 30.63 14.47 2.63
CA LEU C 191 30.62 13.21 1.89
C LEU C 191 31.92 12.96 1.17
N TYR C 192 32.57 11.88 1.51
CA TYR C 192 33.83 11.61 0.88
C TYR C 192 33.71 10.45 -0.06
N ILE C 193 34.18 10.66 -1.28
CA ILE C 193 34.16 9.64 -2.31
C ILE C 193 35.58 9.21 -2.53
N TRP C 194 35.83 7.93 -2.46
CA TRP C 194 37.16 7.39 -2.61
C TRP C 194 37.08 6.04 -3.25
N GLY C 195 38.19 5.51 -3.74
CA GLY C 195 38.08 4.19 -4.33
C GLY C 195 39.27 3.28 -4.10
N VAL C 196 39.17 2.11 -4.69
CA VAL C 196 40.16 1.07 -4.57
C VAL C 196 40.58 0.58 -5.94
N HIS C 197 41.86 0.52 -6.17
CA HIS C 197 42.33 0.08 -7.47
C HIS C 197 42.55 -1.42 -7.50
N HIS C 198 42.12 -2.05 -8.59
CA HIS C 198 42.32 -3.46 -8.80
C HIS C 198 43.16 -3.71 -10.07
N PRO C 199 44.50 -3.66 -10.00
CA PRO C 199 45.43 -3.88 -11.08
C PRO C 199 45.17 -5.22 -11.70
N GLY C 200 45.42 -5.32 -13.01
CA GLY C 200 45.19 -6.55 -13.75
C GLY C 200 46.10 -7.66 -13.27
N THR C 201 47.38 -7.39 -13.20
CA THR C 201 48.31 -8.42 -12.80
C THR C 201 49.22 -8.01 -11.65
N ASP C 202 49.93 -8.98 -11.08
CA ASP C 202 50.87 -8.71 -10.00
C ASP C 202 51.91 -7.72 -10.48
N LYS C 203 52.26 -7.83 -11.76
CA LYS C 203 53.19 -6.96 -12.41
C LYS C 203 52.77 -5.50 -12.30
N ASP C 204 51.46 -5.25 -12.42
CA ASP C 204 51.01 -3.89 -12.45
C ASP C 204 50.93 -3.36 -11.04
N GLN C 205 50.54 -4.21 -10.10
CA GLN C 205 50.44 -3.73 -8.75
C GLN C 205 51.80 -3.38 -8.22
N ILE C 206 52.81 -4.19 -8.53
CA ILE C 206 54.10 -3.88 -7.99
C ILE C 206 54.65 -2.66 -8.71
N PHE C 207 54.40 -2.53 -10.00
CA PHE C 207 54.87 -1.38 -10.72
C PHE C 207 54.36 -0.08 -10.13
N LEU C 208 53.05 -0.02 -9.87
CA LEU C 208 52.42 1.17 -9.33
C LEU C 208 52.58 1.45 -7.86
N TYR C 209 52.54 0.43 -7.01
CA TYR C 209 52.56 0.73 -5.58
C TYR C 209 53.80 0.26 -4.84
N ALA C 210 54.69 -0.48 -5.47
CA ALA C 210 55.85 -1.01 -4.77
C ALA C 210 55.45 -1.84 -3.57
N GLN C 211 54.35 -2.58 -3.71
CA GLN C 211 53.82 -3.47 -2.71
C GLN C 211 53.39 -4.71 -3.43
N SER C 212 53.43 -5.85 -2.77
CA SER C 212 52.95 -7.08 -3.37
C SER C 212 51.44 -7.26 -3.23
N SER C 213 50.88 -6.52 -2.30
CA SER C 213 49.48 -6.53 -1.97
C SER C 213 49.16 -5.27 -1.21
N GLY C 214 47.98 -4.72 -1.39
CA GLY C 214 47.60 -3.55 -0.60
C GLY C 214 46.39 -3.84 0.26
N ARG C 215 45.97 -2.84 1.00
CA ARG C 215 44.81 -2.90 1.86
C ARG C 215 44.35 -1.51 2.24
N ILE C 216 43.04 -1.29 2.22
CA ILE C 216 42.52 0.02 2.61
C ILE C 216 41.46 -0.01 3.69
N THR C 217 41.64 0.78 4.74
CA THR C 217 40.66 0.90 5.79
C THR C 217 40.28 2.36 5.99
N VAL C 218 39.01 2.65 6.01
CA VAL C 218 38.53 4.00 6.22
C VAL C 218 37.54 4.00 7.35
N SER C 219 37.73 4.88 8.33
CA SER C 219 36.80 4.88 9.45
C SER C 219 36.47 6.21 10.04
N THR C 220 35.37 6.20 10.75
CA THR C 220 34.78 7.29 11.49
C THR C 220 34.51 6.75 12.88
N LYS C 221 33.93 7.54 13.77
CA LYS C 221 33.63 6.99 15.09
C LYS C 221 32.46 6.03 15.00
N ARG C 222 31.53 6.31 14.10
CA ARG C 222 30.32 5.53 13.96
C ARG C 222 30.48 4.24 13.16
N SER C 223 31.38 4.19 12.19
CA SER C 223 31.50 2.98 11.38
C SER C 223 32.85 2.78 10.74
N GLN C 224 33.07 1.59 10.18
CA GLN C 224 34.30 1.29 9.48
C GLN C 224 34.08 0.49 8.22
N GLN C 225 34.83 0.86 7.19
CA GLN C 225 34.82 0.13 5.94
C GLN C 225 36.21 -0.39 5.69
N ALA C 226 36.33 -1.54 5.07
CA ALA C 226 37.65 -2.01 4.72
C ALA C 226 37.54 -2.80 3.44
N VAL C 227 38.53 -2.62 2.57
CA VAL C 227 38.52 -3.28 1.31
C VAL C 227 39.84 -3.94 0.98
N ILE C 228 39.76 -5.16 0.48
CA ILE C 228 40.96 -5.85 0.05
C ILE C 228 40.97 -5.79 -1.49
N PRO C 229 41.97 -5.19 -2.14
CA PRO C 229 42.09 -5.11 -3.57
C PRO C 229 42.13 -6.50 -4.16
N ASN C 230 41.50 -6.70 -5.30
CA ASN C 230 41.45 -7.99 -5.95
C ASN C 230 42.24 -8.00 -7.23
N ILE C 231 43.41 -8.60 -7.21
CA ILE C 231 44.27 -8.56 -8.38
C ILE C 231 43.90 -9.64 -9.34
N GLY C 232 43.74 -9.26 -10.58
CA GLY C 232 43.42 -10.16 -11.66
C GLY C 232 42.70 -9.41 -12.76
N SER C 233 42.76 -9.93 -13.96
CA SER C 233 42.12 -9.28 -15.08
C SER C 233 40.66 -9.61 -15.19
N ARG C 234 39.92 -8.68 -15.73
CA ARG C 234 38.52 -8.83 -16.06
C ARG C 234 38.51 -8.71 -17.56
N PRO C 235 37.44 -8.99 -18.29
CA PRO C 235 37.42 -8.80 -19.71
C PRO C 235 37.77 -7.36 -19.96
N ARG C 236 38.54 -7.10 -21.00
CA ARG C 236 38.95 -5.74 -21.25
C ARG C 236 37.81 -4.85 -21.68
N ILE C 237 37.77 -3.68 -21.11
CA ILE C 237 36.81 -2.69 -21.53
C ILE C 237 37.63 -1.47 -21.94
N ARG C 238 37.41 -0.96 -23.13
CA ARG C 238 38.24 0.16 -23.61
C ARG C 238 39.71 -0.23 -23.55
N ASP C 239 39.97 -1.52 -23.83
CA ASP C 239 41.29 -2.17 -23.82
C ASP C 239 41.95 -2.27 -22.44
N ILE C 240 41.22 -1.97 -21.37
CA ILE C 240 41.73 -2.02 -20.00
C ILE C 240 41.22 -3.23 -19.20
N PRO C 241 42.10 -4.13 -18.74
CA PRO C 241 41.74 -5.32 -17.98
C PRO C 241 41.51 -5.06 -16.50
N SER C 242 41.92 -3.88 -16.05
CA SER C 242 41.89 -3.47 -14.66
C SER C 242 40.70 -2.58 -14.35
N ARG C 243 40.33 -2.44 -13.06
CA ARG C 243 39.19 -1.58 -12.68
C ARG C 243 39.37 -0.82 -11.37
N ILE C 244 38.62 0.26 -11.18
CA ILE C 244 38.54 0.96 -9.88
C ILE C 244 37.19 0.85 -9.22
N SER C 245 37.17 0.44 -7.96
CA SER C 245 35.93 0.37 -7.22
C SER C 245 35.68 1.66 -6.47
N ILE C 246 34.44 2.07 -6.38
CA ILE C 246 34.13 3.30 -5.65
C ILE C 246 33.35 3.06 -4.38
N TYR C 247 33.82 3.66 -3.30
CA TYR C 247 33.26 3.58 -1.96
C TYR C 247 33.01 4.97 -1.41
N TRP C 248 32.11 5.11 -0.46
CA TRP C 248 31.91 6.43 0.10
C TRP C 248 31.61 6.38 1.57
N THR C 249 31.87 7.49 2.25
CA THR C 249 31.55 7.56 3.66
C THR C 249 31.10 8.95 4.07
N ILE C 250 30.29 9.01 5.11
CA ILE C 250 29.78 10.29 5.58
C ILE C 250 30.29 10.65 6.94
N VAL C 251 30.84 11.84 7.05
CA VAL C 251 31.39 12.29 8.29
C VAL C 251 30.51 13.35 8.92
N LYS C 252 30.02 13.07 10.11
CA LYS C 252 29.15 13.99 10.83
C LYS C 252 29.99 15.05 11.53
N PRO C 253 29.46 16.24 11.81
CA PRO C 253 30.14 17.24 12.58
C PRO C 253 30.56 16.67 13.90
N GLY C 254 31.79 16.93 14.28
CA GLY C 254 32.37 16.45 15.51
C GLY C 254 33.16 15.18 15.30
N ASP C 255 32.97 14.52 14.16
CA ASP C 255 33.71 13.30 13.96
C ASP C 255 35.02 13.59 13.23
N ILE C 256 35.81 12.54 13.01
CA ILE C 256 37.07 12.62 12.31
C ILE C 256 37.16 11.59 11.23
N LEU C 257 37.52 11.97 10.03
CA LEU C 257 37.68 10.93 9.04
C LEU C 257 39.08 10.40 9.09
N LEU C 258 39.20 9.12 9.29
CA LEU C 258 40.49 8.47 9.37
C LEU C 258 40.77 7.55 8.20
N ILE C 259 41.81 7.87 7.44
CA ILE C 259 42.15 7.04 6.24
C ILE C 259 43.51 6.36 6.43
N ASN C 260 43.51 5.05 6.43
CA ASN C 260 44.76 4.29 6.62
C ASN C 260 44.90 3.42 5.40
N SER C 261 46.00 3.53 4.65
CA SER C 261 46.10 2.74 3.40
C SER C 261 47.55 2.37 3.05
N THR C 262 47.79 1.11 2.72
CA THR C 262 49.11 0.66 2.29
C THR C 262 49.24 0.58 0.79
N GLY C 263 48.18 0.92 0.07
CA GLY C 263 48.27 0.82 -1.38
C GLY C 263 46.94 0.67 -2.04
N ASN C 264 46.95 0.82 -3.36
CA ASN C 264 45.78 0.73 -4.22
C ASN C 264 44.71 1.72 -3.83
N LEU C 265 45.09 2.90 -3.35
CA LEU C 265 44.12 3.89 -2.96
C LEU C 265 43.93 5.00 -3.93
N ILE C 266 42.68 5.23 -4.24
CA ILE C 266 42.29 6.35 -5.04
C ILE C 266 41.74 7.31 -4.01
N ALA C 267 42.53 8.29 -3.67
CA ALA C 267 42.27 9.18 -2.57
C ALA C 267 41.24 10.23 -2.92
N PRO C 268 40.50 10.75 -1.96
CA PRO C 268 39.63 11.89 -2.12
C PRO C 268 40.49 13.14 -2.25
N ARG C 269 39.97 14.17 -2.90
CA ARG C 269 40.67 15.47 -2.94
C ARG C 269 40.01 16.50 -2.05
N GLY C 270 38.89 16.11 -1.49
CA GLY C 270 38.05 16.99 -0.71
C GLY C 270 36.73 16.31 -0.52
N TYR C 271 35.72 17.08 -0.19
CA TYR C 271 34.42 16.53 0.11
C TYR C 271 33.28 17.20 -0.59
N PHE C 272 32.21 16.46 -0.72
CA PHE C 272 30.99 17.01 -1.27
C PHE C 272 30.06 17.35 -0.16
N LYS C 273 29.28 18.38 -0.33
CA LYS C 273 28.32 18.67 0.71
C LYS C 273 27.09 17.84 0.52
N ILE C 274 26.42 17.52 1.62
CA ILE C 274 25.16 16.83 1.55
C ILE C 274 24.08 17.74 2.05
N ARG C 275 23.05 17.89 1.28
CA ARG C 275 21.92 18.68 1.73
C ARG C 275 20.74 17.76 1.82
N SER C 276 19.85 18.02 2.76
CA SER C 276 18.62 17.27 2.73
C SER C 276 17.92 17.93 1.58
N GLY C 277 16.91 17.33 0.99
CA GLY C 277 16.37 18.08 -0.10
C GLY C 277 15.23 17.45 -0.83
N LYS C 278 14.93 18.07 -1.94
CA LYS C 278 13.83 17.74 -2.82
C LYS C 278 14.31 17.37 -4.22
N SER C 279 15.56 16.97 -4.34
CA SER C 279 16.08 16.67 -5.66
C SER C 279 16.08 15.18 -6.00
N SER C 280 16.13 14.87 -7.30
CA SER C 280 16.17 13.46 -7.75
C SER C 280 16.68 13.25 -9.19
N ILE C 281 16.82 11.97 -9.62
CA ILE C 281 17.25 11.62 -10.98
C ILE C 281 16.18 10.92 -11.77
N MET C 282 15.99 11.36 -12.99
CA MET C 282 15.06 10.74 -13.91
C MET C 282 15.81 10.29 -15.14
N ARG C 283 15.43 9.16 -15.71
CA ARG C 283 16.06 8.72 -16.96
C ARG C 283 15.15 9.16 -18.09
N SER C 284 15.68 9.89 -19.05
CA SER C 284 14.84 10.39 -20.13
C SER C 284 15.59 10.76 -21.37
N ASP C 285 15.02 10.48 -22.53
CA ASP C 285 15.64 10.88 -23.78
C ASP C 285 14.96 12.09 -24.36
N ALA C 286 14.05 12.68 -23.61
CA ALA C 286 13.33 13.83 -24.08
C ALA C 286 14.29 15.03 -24.07
N PRO C 287 14.16 15.97 -25.00
CA PRO C 287 14.90 17.21 -25.06
C PRO C 287 14.36 18.15 -24.01
N ILE C 288 15.13 19.17 -23.64
CA ILE C 288 14.63 20.17 -22.72
C ILE C 288 14.36 21.44 -23.50
N GLY C 289 13.12 21.90 -23.44
CA GLY C 289 12.69 23.07 -24.19
C GLY C 289 12.55 24.31 -23.32
N LYS C 290 11.83 25.30 -23.86
CA LYS C 290 11.57 26.58 -23.18
C LYS C 290 10.08 26.60 -22.83
N CYS C 291 9.77 26.28 -21.57
CA CYS C 291 8.43 26.00 -21.06
C CYS C 291 8.38 26.03 -19.54
N LYS C 292 7.21 26.39 -19.02
CA LYS C 292 6.98 26.31 -17.59
C LYS C 292 5.95 25.25 -17.21
N SER C 293 6.36 24.23 -16.46
CA SER C 293 5.47 23.15 -16.01
C SER C 293 6.00 22.44 -14.78
N GLU C 294 5.16 22.27 -13.79
CA GLU C 294 5.48 21.62 -12.53
C GLU C 294 5.75 20.10 -12.51
N CYS C 295 5.02 19.30 -13.32
CA CYS C 295 5.12 17.84 -13.36
C CYS C 295 6.00 17.36 -14.49
N ILE C 296 7.04 16.62 -14.13
CA ILE C 296 7.97 16.08 -15.11
C ILE C 296 7.90 14.57 -15.11
N THR C 297 7.80 14.00 -16.30
CA THR C 297 7.74 12.57 -16.51
C THR C 297 8.82 12.24 -17.55
N PRO C 298 9.47 11.04 -17.56
CA PRO C 298 10.45 10.68 -18.61
C PRO C 298 9.93 11.13 -19.97
N ASN C 299 8.76 10.84 -20.40
CA ASN C 299 8.20 11.37 -21.67
C ASN C 299 7.90 12.89 -21.66
N GLY C 300 8.74 13.79 -21.17
CA GLY C 300 8.54 15.24 -21.01
C GLY C 300 7.62 15.71 -19.89
N SER C 301 7.22 16.98 -19.93
CA SER C 301 6.37 17.54 -18.93
C SER C 301 4.93 17.22 -19.24
N ILE C 302 4.11 17.12 -18.19
CA ILE C 302 2.70 16.84 -18.32
C ILE C 302 1.89 17.90 -17.59
N PRO C 303 0.88 18.52 -18.20
CA PRO C 303 0.02 19.48 -17.53
C PRO C 303 -0.53 18.77 -16.31
N ASN C 304 -0.61 19.42 -15.18
CA ASN C 304 -1.04 18.73 -13.98
C ASN C 304 -2.41 19.07 -13.45
N ASP C 305 -3.36 19.37 -14.33
CA ASP C 305 -4.67 19.68 -13.82
C ASP C 305 -5.49 18.42 -13.59
N LYS C 306 -5.34 17.43 -14.44
CA LYS C 306 -6.15 16.25 -14.24
C LYS C 306 -5.56 15.47 -13.08
N PRO C 307 -6.38 14.85 -12.22
CA PRO C 307 -5.94 14.08 -11.06
C PRO C 307 -5.19 12.79 -11.35
N PHE C 308 -5.35 12.21 -12.55
CA PHE C 308 -4.68 10.96 -12.85
C PHE C 308 -3.98 11.05 -14.18
N GLN C 309 -2.99 10.23 -14.37
CA GLN C 309 -2.31 10.14 -15.64
C GLN C 309 -1.98 8.72 -15.95
N ASN C 310 -1.82 8.42 -17.22
CA ASN C 310 -1.38 7.09 -17.57
C ASN C 310 -0.21 7.14 -18.51
N VAL C 311 0.63 8.18 -18.40
CA VAL C 311 1.78 8.32 -19.26
C VAL C 311 2.92 7.48 -18.76
N ASN C 312 3.21 7.57 -17.47
CA ASN C 312 4.26 6.78 -16.89
C ASN C 312 4.05 6.67 -15.41
N ARG C 313 4.90 5.94 -14.73
CA ARG C 313 4.78 5.82 -13.29
C ARG C 313 5.91 6.56 -12.63
N ILE C 314 6.86 6.98 -13.44
CA ILE C 314 8.00 7.70 -12.94
C ILE C 314 7.75 9.15 -13.12
N THR C 315 7.62 9.85 -12.02
CA THR C 315 7.30 11.25 -12.05
C THR C 315 8.11 12.03 -11.06
N TYR C 316 8.17 13.34 -11.26
CA TYR C 316 8.78 14.28 -10.35
C TYR C 316 7.95 15.54 -10.20
N GLY C 317 7.73 16.01 -8.97
CA GLY C 317 6.97 17.23 -8.76
C GLY C 317 5.49 16.97 -8.47
N ALA C 318 4.66 18.02 -8.59
CA ALA C 318 3.23 17.96 -8.22
C ALA C 318 2.37 17.34 -9.32
N CYS C 319 2.56 16.03 -9.51
CA CYS C 319 1.98 15.21 -10.56
C CYS C 319 0.66 14.51 -10.21
N PRO C 320 -0.15 14.18 -11.23
CA PRO C 320 -1.32 13.33 -11.18
C PRO C 320 -0.90 11.93 -10.79
N ARG C 321 -1.79 11.15 -10.19
CA ARG C 321 -1.42 9.80 -9.80
C ARG C 321 -1.44 8.88 -10.99
N TYR C 322 -0.58 7.86 -11.00
CA TYR C 322 -0.60 6.92 -12.10
C TYR C 322 -1.63 5.86 -11.91
N VAL C 323 -2.43 5.65 -12.94
CA VAL C 323 -3.45 4.61 -12.93
C VAL C 323 -3.30 3.78 -14.17
N LYS C 324 -3.84 2.58 -14.15
CA LYS C 324 -3.77 1.73 -15.32
C LYS C 324 -4.95 1.91 -16.27
N HIS C 325 -5.89 2.74 -15.89
CA HIS C 325 -7.06 2.96 -16.73
C HIS C 325 -6.66 3.86 -17.86
N SER C 326 -7.08 3.53 -19.07
CA SER C 326 -6.75 4.41 -20.16
C SER C 326 -7.61 5.65 -20.14
N THR C 327 -8.83 5.51 -19.67
CA THR C 327 -9.74 6.63 -19.57
C THR C 327 -10.59 6.57 -18.34
N LEU C 328 -10.97 7.73 -17.88
CA LEU C 328 -11.93 7.92 -16.81
C LEU C 328 -12.70 9.15 -17.15
N LYS C 329 -13.99 9.03 -17.35
CA LYS C 329 -14.72 10.24 -17.69
C LYS C 329 -15.67 10.58 -16.61
N LEU C 330 -15.51 11.78 -16.12
CA LEU C 330 -16.31 12.30 -15.06
C LEU C 330 -17.36 13.19 -15.66
N ALA C 331 -18.60 12.83 -15.49
CA ALA C 331 -19.67 13.59 -16.08
C ALA C 331 -19.67 14.96 -15.50
N THR C 332 -19.96 15.95 -16.33
CA THR C 332 -20.06 17.30 -15.85
C THR C 332 -21.43 17.73 -16.20
N GLY C 333 -22.02 16.93 -17.06
CA GLY C 333 -23.36 17.16 -17.57
C GLY C 333 -24.36 16.24 -16.89
N MET C 334 -25.42 15.93 -17.59
CA MET C 334 -26.49 15.08 -17.05
C MET C 334 -26.85 14.02 -18.04
N ARG C 335 -27.70 13.08 -17.68
CA ARG C 335 -28.07 12.05 -18.65
C ARG C 335 -28.63 12.71 -19.88
N ASN C 336 -28.22 12.25 -21.05
CA ASN C 336 -28.72 12.88 -22.25
C ASN C 336 -30.08 12.28 -22.64
N VAL C 337 -30.68 12.85 -23.72
CA VAL C 337 -31.96 12.51 -24.39
C VAL C 337 -32.99 11.90 -23.41
N ILE D 13 -41.16 13.12 -17.08
CA ILE D 13 -40.49 13.76 -18.21
C ILE D 13 -40.08 12.66 -19.20
N GLU D 14 -40.61 12.73 -20.45
CA GLU D 14 -40.35 11.76 -21.53
C GLU D 14 -39.01 11.92 -22.22
N ASN D 15 -38.63 13.16 -22.53
CA ASN D 15 -37.39 13.39 -23.28
C ASN D 15 -36.83 14.76 -22.96
N GLY D 16 -35.69 15.11 -23.54
CA GLY D 16 -35.10 16.43 -23.32
C GLY D 16 -35.41 17.39 -24.43
N TRP D 17 -34.88 18.60 -24.30
CA TRP D 17 -35.08 19.66 -25.27
C TRP D 17 -33.79 20.02 -25.97
N GLU D 18 -33.67 19.61 -27.22
CA GLU D 18 -32.43 19.83 -27.98
C GLU D 18 -32.16 21.29 -28.25
N GLY D 19 -33.22 22.09 -28.26
CA GLY D 19 -33.12 23.51 -28.53
C GLY D 19 -32.96 24.40 -27.30
N MET D 20 -32.81 23.84 -26.10
CA MET D 20 -32.69 24.75 -24.96
C MET D 20 -31.22 24.98 -24.68
N VAL D 21 -30.79 26.22 -24.89
CA VAL D 21 -29.38 26.55 -24.78
C VAL D 21 -29.02 27.62 -23.75
N ASP D 22 -30.00 28.21 -23.09
CA ASP D 22 -29.73 29.27 -22.13
C ASP D 22 -29.66 28.80 -20.68
N GLY D 23 -29.63 27.50 -20.50
CA GLY D 23 -29.55 26.89 -19.19
C GLY D 23 -29.74 25.39 -19.34
N TRP D 24 -29.68 24.68 -18.23
CA TRP D 24 -29.83 23.24 -18.28
C TRP D 24 -31.20 22.78 -17.94
N TYR D 25 -31.87 23.57 -17.14
CA TYR D 25 -33.19 23.23 -16.67
C TYR D 25 -34.06 24.34 -17.10
N GLY D 26 -35.29 24.04 -17.44
CA GLY D 26 -36.14 25.12 -17.83
C GLY D 26 -37.56 24.74 -18.10
N PHE D 27 -38.25 25.70 -18.65
CA PHE D 27 -39.65 25.61 -18.93
C PHE D 27 -39.95 25.84 -20.40
N ARG D 28 -40.99 25.18 -20.87
CA ARG D 28 -41.52 25.36 -22.19
C ARG D 28 -43.00 25.53 -22.00
N HIS D 29 -43.63 26.39 -22.76
CA HIS D 29 -45.05 26.57 -22.53
C HIS D 29 -45.85 26.71 -23.78
N GLN D 30 -47.14 26.44 -23.62
CA GLN D 30 -48.12 26.64 -24.65
C GLN D 30 -49.32 27.41 -24.11
N ASN D 31 -49.62 28.54 -24.70
CA ASN D 31 -50.77 29.34 -24.30
C ASN D 31 -51.42 29.94 -25.54
N SER D 32 -52.27 30.98 -25.39
CA SER D 32 -52.98 31.52 -26.53
C SER D 32 -52.17 32.58 -27.27
N GLU D 33 -51.05 32.97 -26.69
CA GLU D 33 -50.17 33.96 -27.29
C GLU D 33 -49.23 33.23 -28.23
N GLY D 34 -48.82 32.04 -27.79
CA GLY D 34 -47.91 31.23 -28.57
C GLY D 34 -47.17 30.19 -27.75
N ARG D 35 -46.16 29.60 -28.39
CA ARG D 35 -45.35 28.57 -27.79
C ARG D 35 -43.94 29.09 -27.64
N GLY D 36 -43.25 28.69 -26.59
CA GLY D 36 -41.87 29.11 -26.42
C GLY D 36 -41.21 28.55 -25.18
N GLN D 37 -39.96 28.93 -24.92
CA GLN D 37 -39.25 28.38 -23.78
C GLN D 37 -38.21 29.30 -23.23
N ALA D 38 -37.83 29.05 -21.98
CA ALA D 38 -36.77 29.78 -21.30
C ALA D 38 -36.16 28.95 -20.19
N ALA D 39 -34.89 29.18 -19.90
CA ALA D 39 -34.26 28.49 -18.80
C ALA D 39 -34.62 29.05 -17.43
N ASP D 40 -34.60 28.16 -16.45
CA ASP D 40 -34.70 28.52 -15.04
C ASP D 40 -33.29 28.66 -14.55
N LEU D 41 -32.84 29.89 -14.32
CA LEU D 41 -31.45 30.09 -14.02
C LEU D 41 -31.08 29.84 -12.58
N LYS D 42 -32.06 29.63 -11.71
CA LYS D 42 -31.69 29.34 -10.34
C LYS D 42 -31.48 27.85 -10.23
N SER D 43 -32.33 27.10 -10.94
CA SER D 43 -32.19 25.66 -10.92
C SER D 43 -30.89 25.32 -11.62
N THR D 44 -30.65 25.96 -12.77
CA THR D 44 -29.43 25.68 -13.48
C THR D 44 -28.24 26.08 -12.68
N GLN D 45 -28.24 27.27 -12.07
CA GLN D 45 -27.02 27.62 -11.38
C GLN D 45 -26.78 26.71 -10.20
N ALA D 46 -27.81 26.27 -9.50
CA ALA D 46 -27.54 25.39 -8.37
C ALA D 46 -26.87 24.11 -8.83
N ALA D 47 -27.33 23.56 -9.96
CA ALA D 47 -26.73 22.35 -10.48
C ALA D 47 -25.29 22.59 -10.88
N ILE D 48 -25.02 23.75 -11.46
CA ILE D 48 -23.69 24.08 -11.89
C ILE D 48 -22.77 24.24 -10.73
N ASP D 49 -23.21 24.92 -9.68
CA ASP D 49 -22.35 25.12 -8.53
C ASP D 49 -21.97 23.83 -7.88
N GLN D 50 -22.90 22.88 -7.76
CA GLN D 50 -22.50 21.65 -7.11
C GLN D 50 -21.52 20.88 -7.96
N ILE D 51 -21.73 20.89 -9.28
CA ILE D 51 -20.83 20.17 -10.14
C ILE D 51 -19.46 20.82 -10.16
N ASN D 52 -19.40 22.14 -10.26
CA ASN D 52 -18.10 22.79 -10.30
C ASN D 52 -17.38 22.60 -9.00
N GLY D 53 -18.12 22.55 -7.89
CA GLY D 53 -17.53 22.32 -6.60
C GLY D 53 -16.86 20.97 -6.59
N LYS D 54 -17.57 19.94 -7.03
CA LYS D 54 -16.98 18.62 -7.04
C LYS D 54 -15.74 18.59 -7.91
N LEU D 55 -15.76 19.29 -9.03
CA LEU D 55 -14.61 19.30 -9.89
C LEU D 55 -13.44 20.02 -9.22
N ASN D 56 -13.71 21.10 -8.51
CA ASN D 56 -12.65 21.86 -7.86
C ASN D 56 -11.96 21.08 -6.76
N ARG D 57 -12.67 20.15 -6.15
CA ARG D 57 -12.12 19.33 -5.08
C ARG D 57 -11.14 18.28 -5.60
N LEU D 58 -11.20 18.04 -6.90
CA LEU D 58 -10.42 16.99 -7.52
C LEU D 58 -9.39 17.49 -8.53
N ILE D 59 -9.86 18.27 -9.48
CA ILE D 59 -9.06 18.75 -10.57
C ILE D 59 -8.24 19.91 -10.06
N GLY D 60 -6.96 19.84 -10.35
CA GLY D 60 -6.04 20.84 -9.90
C GLY D 60 -5.47 20.51 -8.54
N LYS D 61 -5.88 19.37 -7.95
CA LYS D 61 -5.35 19.04 -6.64
C LYS D 61 -4.45 17.83 -6.73
N THR D 62 -3.15 18.08 -6.70
CA THR D 62 -2.15 17.03 -6.82
C THR D 62 -1.19 17.11 -5.66
N ASN D 63 -0.43 16.04 -5.42
CA ASN D 63 0.55 16.05 -4.36
C ASN D 63 1.94 16.02 -4.92
N GLU D 64 2.83 16.71 -4.25
CA GLU D 64 4.20 16.79 -4.72
C GLU D 64 5.16 15.82 -4.08
N LYS D 65 5.82 15.04 -4.93
CA LYS D 65 6.78 14.05 -4.51
C LYS D 65 8.10 14.35 -5.17
N PHE D 66 9.21 14.03 -4.53
CA PHE D 66 10.48 14.35 -5.16
C PHE D 66 11.39 13.19 -5.41
N HIS D 67 11.51 12.33 -4.43
CA HIS D 67 12.41 11.23 -4.55
C HIS D 67 11.65 10.00 -4.19
N GLN D 68 11.80 8.99 -5.00
CA GLN D 68 11.07 7.76 -4.84
C GLN D 68 11.96 6.59 -5.17
N ILE D 69 11.42 5.41 -5.00
CA ILE D 69 12.07 4.16 -5.32
C ILE D 69 12.24 4.03 -6.82
N GLU D 70 13.06 3.08 -7.26
CA GLU D 70 13.19 2.93 -8.69
C GLU D 70 11.99 2.16 -9.16
N LYS D 71 11.46 2.51 -10.31
CA LYS D 71 10.31 1.76 -10.78
C LYS D 71 10.65 0.93 -12.00
N GLU D 72 11.67 1.36 -12.72
CA GLU D 72 12.10 0.70 -13.93
C GLU D 72 13.42 -0.01 -13.67
N PHE D 73 13.50 -1.27 -14.03
CA PHE D 73 14.72 -2.01 -13.79
C PHE D 73 15.21 -2.65 -15.06
N SER D 74 16.53 -2.70 -15.23
CA SER D 74 17.13 -3.34 -16.41
C SER D 74 17.92 -4.63 -16.14
N GLU D 75 18.17 -4.95 -14.88
CA GLU D 75 18.98 -6.10 -14.53
C GLU D 75 18.34 -6.95 -13.46
N VAL D 76 18.74 -8.22 -13.42
CA VAL D 76 18.27 -9.11 -12.37
C VAL D 76 19.01 -8.83 -11.09
N GLU D 77 18.27 -8.54 -10.04
CA GLU D 77 18.87 -8.24 -8.75
C GLU D 77 18.55 -9.25 -7.65
N GLY D 78 17.42 -9.95 -7.76
CA GLY D 78 17.00 -10.84 -6.67
C GLY D 78 15.85 -10.27 -5.85
N ARG D 79 15.70 -10.76 -4.60
CA ARG D 79 14.52 -10.47 -3.79
C ARG D 79 14.31 -9.00 -3.47
N VAL D 80 15.38 -8.21 -3.46
CA VAL D 80 15.21 -6.82 -3.16
C VAL D 80 14.41 -6.13 -4.24
N GLN D 81 14.57 -6.58 -5.48
CA GLN D 81 13.88 -5.99 -6.57
C GLN D 81 12.50 -6.53 -6.59
N ASP D 82 12.35 -7.81 -6.27
CA ASP D 82 11.00 -8.34 -6.30
C ASP D 82 10.12 -7.55 -5.37
N LEU D 83 10.66 -7.17 -4.21
CA LEU D 83 9.86 -6.38 -3.31
C LEU D 83 9.67 -4.98 -3.84
N GLU D 84 10.72 -4.33 -4.34
CA GLU D 84 10.54 -2.97 -4.78
C GLU D 84 9.47 -2.88 -5.89
N LYS D 85 9.44 -3.87 -6.79
CA LYS D 85 8.44 -3.93 -7.84
C LYS D 85 7.07 -4.24 -7.27
N TYR D 86 7.01 -5.15 -6.31
CA TYR D 86 5.76 -5.53 -5.67
C TYR D 86 5.12 -4.33 -5.03
N VAL D 87 5.90 -3.54 -4.31
CA VAL D 87 5.39 -2.38 -3.63
C VAL D 87 4.81 -1.40 -4.61
N GLU D 88 5.52 -1.15 -5.70
CA GLU D 88 4.99 -0.22 -6.67
C GLU D 88 3.76 -0.73 -7.35
N ASP D 89 3.71 -2.02 -7.65
CA ASP D 89 2.54 -2.54 -8.32
C ASP D 89 1.36 -2.49 -7.39
N THR D 90 1.57 -2.74 -6.10
CA THR D 90 0.49 -2.70 -5.17
C THR D 90 -0.08 -1.30 -5.13
N LYS D 91 0.79 -0.30 -5.07
CA LYS D 91 0.34 1.07 -5.03
C LYS D 91 -0.46 1.45 -6.24
N ILE D 92 0.00 1.07 -7.42
CA ILE D 92 -0.69 1.44 -8.62
C ILE D 92 -2.02 0.76 -8.72
N ASP D 93 -2.05 -0.51 -8.43
CA ASP D 93 -3.26 -1.28 -8.56
C ASP D 93 -4.33 -0.74 -7.64
N LEU D 94 -3.92 -0.37 -6.45
CA LEU D 94 -4.81 0.14 -5.45
C LEU D 94 -5.26 1.55 -5.78
N TRP D 95 -4.39 2.40 -6.30
CA TRP D 95 -4.84 3.71 -6.72
C TRP D 95 -5.72 3.63 -7.94
N SER D 96 -5.52 2.63 -8.79
CA SER D 96 -6.39 2.48 -9.94
C SER D 96 -7.76 2.13 -9.44
N TYR D 97 -7.84 1.28 -8.41
CA TYR D 97 -9.11 0.95 -7.80
C TYR D 97 -9.77 2.19 -7.26
N ASN D 98 -9.02 3.00 -6.52
CA ASN D 98 -9.61 4.18 -5.96
C ASN D 98 -10.10 5.10 -7.06
N ALA D 99 -9.36 5.20 -8.15
CA ALA D 99 -9.76 6.08 -9.24
C ALA D 99 -11.03 5.64 -9.91
N GLU D 100 -11.19 4.33 -10.10
CA GLU D 100 -12.40 3.88 -10.75
C GLU D 100 -13.58 4.02 -9.84
N LEU D 101 -13.40 3.71 -8.56
CA LEU D 101 -14.49 3.81 -7.64
C LEU D 101 -14.89 5.24 -7.50
N LEU D 102 -13.92 6.13 -7.41
CA LEU D 102 -14.22 7.51 -7.25
C LEU D 102 -15.00 8.04 -8.41
N VAL D 103 -14.58 7.72 -9.61
CA VAL D 103 -15.33 8.25 -10.73
C VAL D 103 -16.70 7.66 -10.78
N ALA D 104 -16.85 6.37 -10.56
CA ALA D 104 -18.18 5.79 -10.62
C ALA D 104 -19.09 6.40 -9.55
N LEU D 105 -18.58 6.68 -8.36
CA LEU D 105 -19.41 7.30 -7.34
C LEU D 105 -19.76 8.73 -7.72
N GLU D 106 -18.80 9.44 -8.30
CA GLU D 106 -19.04 10.80 -8.68
C GLU D 106 -20.03 10.88 -9.81
N ASN D 107 -19.98 9.93 -10.75
CA ASN D 107 -20.93 9.94 -11.85
C ASN D 107 -22.28 9.47 -11.41
N GLN D 108 -22.35 8.53 -10.48
CA GLN D 108 -23.65 8.10 -10.02
C GLN D 108 -24.26 9.26 -9.30
N HIS D 109 -23.44 9.97 -8.53
CA HIS D 109 -23.95 11.10 -7.83
C HIS D 109 -24.36 12.20 -8.77
N THR D 110 -23.55 12.48 -9.80
CA THR D 110 -23.89 13.55 -10.73
C THR D 110 -25.19 13.27 -11.45
N ILE D 111 -25.43 12.06 -11.90
CA ILE D 111 -26.69 11.90 -12.58
C ILE D 111 -27.85 11.93 -11.60
N ASP D 112 -27.66 11.44 -10.37
CA ASP D 112 -28.75 11.50 -9.41
C ASP D 112 -28.97 12.94 -8.97
N LEU D 113 -27.91 13.72 -8.93
CA LEU D 113 -27.93 15.11 -8.58
C LEU D 113 -28.71 15.92 -9.56
N THR D 114 -28.45 15.73 -10.84
CA THR D 114 -29.16 16.52 -11.78
C THR D 114 -30.61 16.11 -11.84
N ASP D 115 -30.92 14.83 -11.62
CA ASP D 115 -32.31 14.44 -11.65
C ASP D 115 -33.01 14.96 -10.41
N SER D 116 -32.29 15.03 -9.30
CA SER D 116 -32.85 15.55 -8.07
C SER D 116 -33.22 17.00 -8.26
N GLU D 117 -32.35 17.78 -8.91
CA GLU D 117 -32.64 19.19 -9.11
C GLU D 117 -33.85 19.33 -10.00
N MET D 118 -34.01 18.43 -10.97
CA MET D 118 -35.18 18.48 -11.82
C MET D 118 -36.44 18.18 -11.04
N ASN D 119 -36.38 17.24 -10.11
CA ASN D 119 -37.56 16.92 -9.33
C ASN D 119 -37.90 18.08 -8.42
N LYS D 120 -36.89 18.78 -7.94
CA LYS D 120 -37.13 19.93 -7.08
C LYS D 120 -37.83 21.00 -7.87
N LEU D 121 -37.44 21.20 -9.12
CA LEU D 121 -38.08 22.20 -9.96
C LEU D 121 -39.53 21.85 -10.17
N PHE D 122 -39.80 20.56 -10.39
CA PHE D 122 -41.16 20.10 -10.60
C PHE D 122 -41.99 20.34 -9.36
N GLU D 123 -41.45 19.99 -8.19
CA GLU D 123 -42.21 20.21 -6.98
C GLU D 123 -42.40 21.69 -6.72
N LYS D 124 -41.39 22.51 -6.99
CA LYS D 124 -41.54 23.92 -6.76
C LYS D 124 -42.74 24.39 -7.55
N THR D 125 -42.85 23.92 -8.78
CA THR D 125 -43.94 24.32 -9.61
C THR D 125 -45.28 23.83 -9.08
N LYS D 126 -45.41 22.57 -8.66
CA LYS D 126 -46.74 22.12 -8.22
C LYS D 126 -47.13 22.70 -6.87
N LYS D 127 -46.14 23.06 -6.07
CA LYS D 127 -46.40 23.66 -4.78
C LYS D 127 -46.76 25.12 -4.97
N GLN D 128 -46.27 25.74 -6.03
CA GLN D 128 -46.61 27.12 -6.26
C GLN D 128 -47.99 27.18 -6.89
N LEU D 129 -48.29 26.24 -7.78
CA LEU D 129 -49.59 26.18 -8.44
C LEU D 129 -50.51 25.36 -7.59
N ARG D 130 -50.80 25.84 -6.40
CA ARG D 130 -51.54 24.98 -5.50
C ARG D 130 -52.93 24.76 -5.99
N GLU D 131 -53.21 23.51 -6.31
CA GLU D 131 -54.48 23.04 -6.83
C GLU D 131 -54.92 23.69 -8.15
N ASN D 132 -54.04 24.41 -8.82
CA ASN D 132 -54.42 24.99 -10.10
C ASN D 132 -53.85 24.20 -11.23
N ALA D 133 -53.24 23.08 -10.89
CA ALA D 133 -52.63 22.27 -11.92
C ALA D 133 -52.58 20.80 -11.60
N GLU D 134 -52.52 20.01 -12.66
CA GLU D 134 -52.43 18.58 -12.60
C GLU D 134 -51.12 18.06 -13.16
N ASP D 135 -50.53 17.10 -12.46
CA ASP D 135 -49.29 16.50 -12.93
C ASP D 135 -49.55 15.51 -14.04
N MET D 136 -48.96 15.73 -15.20
CA MET D 136 -49.10 14.78 -16.26
C MET D 136 -47.87 13.90 -16.22
N GLY D 137 -47.98 12.69 -16.76
CA GLY D 137 -46.89 11.74 -16.72
C GLY D 137 -45.79 12.06 -17.70
N ASN D 138 -45.99 13.08 -18.51
CA ASN D 138 -45.00 13.48 -19.47
C ASN D 138 -44.10 14.59 -18.92
N GLY D 139 -44.25 14.89 -17.63
CA GLY D 139 -43.44 15.94 -16.99
C GLY D 139 -43.99 17.37 -17.11
N CYS D 140 -45.20 17.52 -17.67
CA CYS D 140 -45.88 18.79 -17.90
C CYS D 140 -47.03 18.99 -16.93
N PHE D 141 -47.31 20.24 -16.66
CA PHE D 141 -48.43 20.61 -15.84
C PHE D 141 -49.57 21.12 -16.64
N LYS D 142 -50.72 20.58 -16.35
CA LYS D 142 -51.90 21.08 -17.00
C LYS D 142 -52.37 22.17 -16.10
N ILE D 143 -52.52 23.37 -16.61
CA ILE D 143 -52.93 24.49 -15.82
C ILE D 143 -54.37 24.82 -16.15
N TYR D 144 -55.18 24.94 -15.11
CA TYR D 144 -56.61 25.09 -15.30
C TYR D 144 -57.14 26.51 -15.33
N HIS D 145 -56.23 27.46 -15.36
CA HIS D 145 -56.60 28.84 -15.55
C HIS D 145 -56.08 29.20 -16.90
N LYS D 146 -56.88 29.85 -17.72
CA LYS D 146 -56.38 30.17 -19.04
C LYS D 146 -55.46 31.39 -19.02
N CYS D 147 -54.22 31.16 -18.56
CA CYS D 147 -53.13 32.13 -18.43
C CYS D 147 -52.42 32.39 -19.75
N ASP D 148 -52.00 33.64 -19.92
CA ASP D 148 -51.20 34.03 -21.05
C ASP D 148 -50.00 34.89 -20.67
N ASN D 149 -48.82 34.30 -20.82
CA ASN D 149 -47.49 34.86 -20.57
C ASN D 149 -47.18 35.33 -19.16
N ALA D 150 -47.95 36.26 -18.64
CA ALA D 150 -47.65 36.81 -17.33
C ALA D 150 -47.60 35.78 -16.19
N CYS D 151 -48.52 34.74 -16.19
CA CYS D 151 -48.54 33.70 -15.15
C CYS D 151 -47.30 32.89 -15.34
N ILE D 152 -46.94 32.68 -16.59
CA ILE D 152 -45.85 31.80 -16.88
C ILE D 152 -44.58 32.42 -16.36
N GLU D 153 -44.39 33.70 -16.58
CA GLU D 153 -43.20 34.36 -16.07
C GLU D 153 -43.23 34.44 -14.55
N SER D 154 -44.43 34.63 -14.00
CA SER D 154 -44.62 34.72 -12.57
C SER D 154 -44.22 33.39 -11.93
N ILE D 155 -44.58 32.28 -12.56
CA ILE D 155 -44.20 30.96 -12.05
C ILE D 155 -42.70 30.83 -12.14
N ARG D 156 -42.15 31.24 -13.29
CA ARG D 156 -40.67 31.17 -13.50
C ARG D 156 -39.93 32.02 -12.46
N ASN D 157 -40.59 33.13 -12.05
CA ASN D 157 -39.94 34.10 -11.13
C ASN D 157 -40.54 33.99 -9.74
N GLU D 158 -41.06 32.84 -9.39
CA GLU D 158 -41.51 32.51 -8.00
C GLU D 158 -42.42 33.60 -7.41
N THR D 159 -43.29 34.22 -8.21
CA THR D 159 -44.26 35.17 -7.66
C THR D 159 -45.71 34.78 -7.98
N TYR D 160 -45.96 33.55 -8.41
CA TYR D 160 -47.32 33.18 -8.76
C TYR D 160 -48.16 33.08 -7.53
N ASP D 161 -49.31 33.71 -7.58
CA ASP D 161 -50.22 33.69 -6.46
C ASP D 161 -51.40 32.76 -6.74
N HIS D 162 -51.46 31.64 -6.06
CA HIS D 162 -52.51 30.69 -6.32
C HIS D 162 -53.86 31.23 -5.90
N ASN D 163 -53.87 32.25 -5.06
CA ASN D 163 -55.11 32.78 -4.55
C ASN D 163 -55.81 33.68 -5.55
N VAL D 164 -55.17 33.94 -6.66
CA VAL D 164 -55.75 34.76 -7.70
C VAL D 164 -56.59 33.93 -8.62
N TYR D 165 -56.09 32.75 -8.93
CA TYR D 165 -56.73 31.93 -9.92
C TYR D 165 -57.57 30.78 -9.40
N ARG D 166 -57.40 30.33 -8.15
CA ARG D 166 -58.18 29.15 -7.73
C ARG D 166 -59.68 29.29 -7.96
N ASP D 167 -60.20 30.49 -7.79
CA ASP D 167 -61.64 30.65 -7.97
C ASP D 167 -62.09 30.35 -9.39
N GLU D 168 -61.20 30.47 -10.38
CA GLU D 168 -61.55 30.22 -11.76
C GLU D 168 -60.99 28.91 -12.28
N ALA D 169 -59.90 28.44 -11.68
CA ALA D 169 -59.29 27.22 -12.12
C ALA D 169 -60.02 25.98 -11.58
N LEU D 170 -60.53 26.02 -10.35
CA LEU D 170 -61.15 24.82 -9.79
C LEU D 170 -62.41 24.43 -10.54
N ASN D 171 -63.15 25.41 -11.01
CA ASN D 171 -64.37 25.06 -11.68
C ASN D 171 -64.14 24.57 -13.07
N ASN D 172 -62.91 24.62 -13.55
CA ASN D 172 -62.59 24.11 -14.86
C ASN D 172 -61.75 22.85 -14.73
N ARG D 173 -61.65 22.33 -13.51
CA ARG D 173 -60.88 21.15 -13.20
C ARG D 173 -61.76 20.06 -12.63
N PHE D 174 -62.48 20.39 -11.57
CA PHE D 174 -63.32 19.39 -10.91
C PHE D 174 -64.78 19.57 -11.21
N GLN D 175 -65.22 20.81 -11.38
CA GLN D 175 -66.66 21.00 -11.67
C GLN D 175 -67.01 20.86 -13.18
N ILE D 176 -65.97 20.81 -14.05
CA ILE D 176 -65.97 20.68 -15.50
C ILE D 176 -66.59 21.95 -16.10
N ALA E 25 -56.75 25.95 10.80
CA ALA E 25 -55.67 25.61 11.70
C ALA E 25 -54.39 25.41 10.89
N THR E 26 -53.19 25.68 11.48
CA THR E 26 -51.89 25.45 10.81
C THR E 26 -50.97 24.56 11.61
N LEU E 27 -50.43 23.57 10.92
CA LEU E 27 -49.46 22.66 11.51
C LEU E 27 -48.16 22.71 10.74
N CYS E 28 -47.07 23.20 11.35
CA CYS E 28 -45.76 23.37 10.72
C CYS E 28 -44.80 22.27 11.13
N LEU E 29 -44.04 21.78 10.17
CA LEU E 29 -43.06 20.78 10.49
C LEU E 29 -41.69 21.38 10.35
N GLY E 30 -40.74 20.89 11.12
CA GLY E 30 -39.40 21.41 10.96
C GLY E 30 -38.37 20.79 11.88
N HIS E 31 -37.16 21.28 11.72
CA HIS E 31 -36.00 20.82 12.45
C HIS E 31 -35.53 21.80 13.46
N HIS E 32 -34.80 21.32 14.44
CA HIS E 32 -34.23 22.20 15.43
C HIS E 32 -33.06 22.90 14.82
N ALA E 33 -32.70 24.02 15.38
CA ALA E 33 -31.54 24.73 14.91
C ALA E 33 -30.73 25.15 16.10
N VAL E 34 -29.47 25.45 15.91
CA VAL E 34 -28.68 25.88 17.05
C VAL E 34 -28.07 27.24 16.77
N PRO E 35 -27.90 28.11 17.78
CA PRO E 35 -27.27 29.41 17.64
C PRO E 35 -25.92 29.40 16.95
N ASN E 36 -25.12 28.36 17.21
CA ASN E 36 -23.80 28.25 16.61
C ASN E 36 -23.47 26.82 16.26
N GLY E 37 -23.43 26.48 14.98
CA GLY E 37 -23.14 25.11 14.61
C GLY E 37 -21.65 25.01 14.29
N THR E 38 -21.29 23.99 13.55
CA THR E 38 -19.91 23.76 13.19
C THR E 38 -19.82 23.49 11.72
N ILE E 39 -18.61 23.43 11.17
CA ILE E 39 -18.50 23.24 9.71
C ILE E 39 -17.93 21.91 9.31
N VAL E 40 -18.63 21.20 8.43
CA VAL E 40 -18.15 19.92 7.95
C VAL E 40 -18.07 19.85 6.44
N LYS E 41 -17.29 18.90 5.93
CA LYS E 41 -17.16 18.66 4.50
C LYS E 41 -18.12 17.58 4.05
N THR E 42 -18.55 17.65 2.81
CA THR E 42 -19.39 16.64 2.19
C THR E 42 -18.78 16.35 0.83
N ILE E 43 -19.51 15.73 -0.09
CA ILE E 43 -18.83 15.46 -1.35
C ILE E 43 -19.11 16.58 -2.35
N THR E 44 -20.21 17.33 -2.15
CA THR E 44 -20.59 18.41 -3.05
C THR E 44 -20.12 19.77 -2.59
N ASN E 45 -19.80 19.91 -1.32
CA ASN E 45 -19.35 21.16 -0.78
C ASN E 45 -18.35 20.93 0.31
N ASP E 46 -17.50 21.90 0.53
CA ASP E 46 -16.49 21.82 1.56
C ASP E 46 -16.95 22.44 2.87
N ARG E 47 -17.89 23.38 2.80
CA ARG E 47 -18.28 24.06 4.03
C ARG E 47 -19.77 24.13 4.32
N ILE E 48 -20.31 23.12 4.97
CA ILE E 48 -21.72 23.11 5.32
C ILE E 48 -21.88 23.18 6.82
N GLU E 49 -22.72 24.09 7.29
CA GLU E 49 -22.94 24.24 8.76
C GLU E 49 -23.74 23.05 9.30
N VAL E 50 -23.32 22.49 10.43
CA VAL E 50 -24.01 21.30 11.04
C VAL E 50 -24.16 21.55 12.56
N THR E 51 -25.20 21.01 13.19
CA THR E 51 -25.46 21.29 14.64
C THR E 51 -24.25 20.90 15.48
N ASN E 52 -23.88 19.63 15.37
CA ASN E 52 -22.79 19.09 16.21
C ASN E 52 -21.93 18.17 15.37
N ALA E 53 -20.60 18.21 15.52
CA ALA E 53 -19.79 17.23 14.75
C ALA E 53 -18.73 16.62 15.68
N THR E 54 -18.52 15.30 15.56
CA THR E 54 -17.51 14.61 16.40
C THR E 54 -16.17 14.62 15.67
N GLU E 55 -15.18 15.34 16.24
CA GLU E 55 -13.82 15.32 15.66
C GLU E 55 -13.36 13.86 15.62
N LEU E 56 -12.85 13.40 14.49
CA LEU E 56 -12.36 12.03 14.38
C LEU E 56 -10.86 11.90 14.43
N VAL E 57 -10.15 13.01 14.56
CA VAL E 57 -8.72 12.96 14.62
C VAL E 57 -8.25 13.33 16.00
N GLN E 58 -7.71 12.34 16.72
CA GLN E 58 -7.11 12.66 18.03
C GLN E 58 -5.78 13.37 17.75
N ASN E 59 -5.90 14.67 17.91
CA ASN E 59 -4.70 15.49 18.05
C ASN E 59 -4.69 15.58 19.57
N SER E 60 -3.59 15.84 20.24
CA SER E 60 -3.35 15.87 21.71
C SER E 60 -3.16 14.46 22.28
N SER E 61 -1.95 14.21 22.75
CA SER E 61 -1.53 13.08 23.55
C SER E 61 -1.68 13.49 24.99
N ILE E 62 -1.64 12.53 25.89
CA ILE E 62 -1.69 12.85 27.31
C ILE E 62 -0.45 13.61 27.71
N GLY E 63 0.70 13.20 27.17
CA GLY E 63 1.99 13.80 27.47
C GLY E 63 2.88 12.89 28.29
N GLU E 64 2.34 11.77 28.70
CA GLU E 64 3.08 10.77 29.45
C GLU E 64 2.64 9.43 28.96
N ILE E 65 3.48 8.44 29.14
CA ILE E 65 3.18 7.08 28.79
C ILE E 65 2.46 6.44 29.97
N CYS E 66 1.32 5.76 29.75
CA CYS E 66 0.53 5.07 30.76
C CYS E 66 1.21 3.75 31.10
N ASP E 67 1.15 3.29 32.35
CA ASP E 67 1.90 2.10 32.75
C ASP E 67 1.13 0.80 32.70
N SER E 68 -0.08 0.84 32.21
CA SER E 68 -0.89 -0.34 32.08
C SER E 68 -1.84 -0.09 30.92
N PRO E 69 -2.42 -1.12 30.32
CA PRO E 69 -2.31 -2.55 30.55
C PRO E 69 -0.99 -3.19 30.11
N HIS E 70 -0.20 -2.49 29.31
CA HIS E 70 1.03 -3.03 28.77
C HIS E 70 2.15 -2.96 29.79
N GLN E 71 3.09 -3.90 29.73
CA GLN E 71 4.27 -3.86 30.57
C GLN E 71 5.36 -3.07 29.87
N ILE E 72 5.80 -1.99 30.49
CA ILE E 72 6.73 -1.11 29.84
C ILE E 72 8.03 -0.91 30.58
N LEU E 73 9.14 -1.09 29.89
CA LEU E 73 10.41 -0.80 30.54
C LEU E 73 10.78 0.60 30.18
N ASP E 74 11.29 1.35 31.15
CA ASP E 74 11.64 2.74 30.97
C ASP E 74 12.89 2.97 30.19
N GLY E 75 13.86 2.11 30.40
CA GLY E 75 15.11 2.21 29.68
C GLY E 75 15.89 3.46 30.08
N GLU E 76 15.84 3.84 31.37
CA GLU E 76 16.70 4.97 31.82
C GLU E 76 18.09 4.80 31.20
N ASN E 77 18.47 5.62 30.26
CA ASN E 77 19.84 5.48 29.71
C ASN E 77 20.19 4.08 29.18
N CYS E 78 19.21 3.19 28.86
CA CYS E 78 19.70 1.85 28.43
C CYS E 78 19.17 1.50 27.04
N THR E 79 20.05 1.56 26.03
CA THR E 79 19.66 1.12 24.66
C THR E 79 19.38 -0.37 24.76
N LEU E 80 18.38 -0.90 24.05
CA LEU E 80 18.06 -2.34 24.24
C LEU E 80 19.32 -3.16 24.03
N ILE E 81 20.29 -2.69 23.24
CA ILE E 81 21.49 -3.50 23.09
C ILE E 81 22.36 -3.39 24.34
N ASP E 82 22.50 -2.20 24.93
CA ASP E 82 23.30 -2.14 26.15
C ASP E 82 22.71 -3.03 27.24
N ALA E 83 21.37 -3.08 27.31
CA ALA E 83 20.74 -3.93 28.30
C ALA E 83 21.01 -5.41 27.99
N LEU E 84 21.05 -5.73 26.71
CA LEU E 84 21.30 -7.09 26.24
C LEU E 84 22.68 -7.56 26.61
N LEU E 85 23.65 -6.70 26.39
CA LEU E 85 25.03 -7.08 26.63
C LEU E 85 25.37 -7.02 28.10
N GLY E 86 24.69 -6.16 28.85
CA GLY E 86 24.99 -6.06 30.26
C GLY E 86 25.94 -4.93 30.64
N ASP E 87 25.66 -3.74 30.11
CA ASP E 87 26.39 -2.50 30.41
C ASP E 87 26.41 -2.26 31.93
N PRO E 88 27.48 -1.76 32.54
CA PRO E 88 27.61 -1.46 33.95
C PRO E 88 26.44 -0.72 34.54
N GLN E 89 25.80 0.18 33.79
CA GLN E 89 24.66 0.91 34.35
C GLN E 89 23.25 0.36 33.99
N CYS E 90 23.19 -0.81 33.32
CA CYS E 90 21.97 -1.48 32.85
C CYS E 90 21.87 -2.84 33.56
N ASP E 91 22.39 -2.96 34.78
CA ASP E 91 22.40 -4.24 35.45
C ASP E 91 21.06 -4.56 36.10
N GLY E 92 20.18 -3.59 36.07
CA GLY E 92 18.86 -3.72 36.62
C GLY E 92 17.92 -4.30 35.59
N PHE E 93 18.42 -4.58 34.39
CA PHE E 93 17.57 -5.11 33.33
C PHE E 93 17.77 -6.59 33.11
N GLN E 94 18.47 -7.25 34.00
CA GLN E 94 18.70 -8.65 33.79
C GLN E 94 17.40 -9.41 33.95
N ASN E 95 17.15 -10.27 32.98
CA ASN E 95 15.98 -11.11 32.89
C ASN E 95 14.66 -10.34 32.91
N LYS E 96 14.59 -9.14 32.35
CA LYS E 96 13.33 -8.44 32.32
C LYS E 96 12.49 -8.79 31.12
N LYS E 97 11.20 -8.57 31.26
CA LYS E 97 10.26 -8.79 30.19
C LYS E 97 9.53 -7.51 29.87
N TRP E 98 9.08 -7.40 28.65
CA TRP E 98 8.30 -6.23 28.29
C TRP E 98 7.40 -6.49 27.15
N ASP E 99 6.37 -5.68 27.05
CA ASP E 99 5.56 -5.65 25.87
C ASP E 99 6.13 -4.51 25.07
N LEU E 100 6.60 -3.48 25.77
CA LEU E 100 7.18 -2.34 25.10
C LEU E 100 8.44 -1.90 25.80
N PHE E 101 9.50 -1.74 25.04
CA PHE E 101 10.72 -1.24 25.61
C PHE E 101 10.85 0.16 25.14
N VAL E 102 11.19 1.07 26.02
CA VAL E 102 11.32 2.43 25.59
C VAL E 102 12.73 2.91 25.71
N GLU E 103 13.25 3.49 24.64
CA GLU E 103 14.58 4.04 24.69
C GLU E 103 14.49 5.54 24.86
N ARG E 104 15.32 6.09 25.73
CA ARG E 104 15.38 7.53 25.92
C ARG E 104 16.41 8.11 24.97
N SER E 105 16.20 9.34 24.47
CA SER E 105 17.17 9.93 23.55
C SER E 105 18.49 10.28 24.21
N LYS E 106 18.48 10.34 25.52
CA LYS E 106 19.67 10.69 26.27
C LYS E 106 20.52 9.47 26.57
N ALA E 107 20.07 8.28 26.21
CA ALA E 107 20.84 7.11 26.54
C ALA E 107 22.17 7.12 25.86
N TYR E 108 23.17 6.67 26.57
CA TYR E 108 24.51 6.55 26.07
C TYR E 108 25.09 5.32 26.68
N SER E 109 26.05 4.69 26.03
CA SER E 109 26.64 3.54 26.68
C SER E 109 27.70 4.03 27.63
N ASN E 110 28.09 3.21 28.57
CA ASN E 110 29.17 3.58 29.47
C ASN E 110 30.06 2.36 29.73
N CYS E 111 30.58 1.75 28.65
CA CYS E 111 31.32 0.49 28.68
C CYS E 111 32.20 0.47 27.44
N TYR E 112 32.87 -0.61 27.21
CA TYR E 112 33.75 -0.75 26.10
C TYR E 112 32.92 -0.48 24.86
N PRO E 113 33.37 0.35 23.91
CA PRO E 113 32.64 0.71 22.72
C PRO E 113 32.43 -0.45 21.78
N TYR E 114 31.32 -0.45 21.06
CA TYR E 114 31.05 -1.55 20.16
C TYR E 114 30.39 -1.12 18.88
N ASP E 115 30.44 -2.01 17.91
CA ASP E 115 29.95 -1.86 16.55
C ASP E 115 29.09 -3.06 16.13
N VAL E 116 27.79 -2.89 15.95
CA VAL E 116 27.01 -4.07 15.59
C VAL E 116 26.68 -4.00 14.11
N PRO E 117 27.19 -4.86 13.23
CA PRO E 117 26.84 -4.85 11.85
C PRO E 117 25.37 -5.15 11.82
N ASP E 118 24.63 -4.49 10.98
CA ASP E 118 23.20 -4.75 10.92
C ASP E 118 22.57 -4.64 12.30
N TYR E 119 22.89 -3.52 12.94
CA TYR E 119 22.41 -3.16 14.25
C TYR E 119 20.93 -3.24 14.29
N ALA E 120 20.29 -2.71 13.26
CA ALA E 120 18.86 -2.67 13.20
C ALA E 120 18.23 -4.05 13.28
N SER E 121 18.86 -5.07 12.71
CA SER E 121 18.23 -6.37 12.76
C SER E 121 18.37 -6.98 14.11
N LEU E 122 19.51 -6.78 14.76
CA LEU E 122 19.62 -7.36 16.08
C LEU E 122 18.66 -6.70 17.00
N ARG E 123 18.56 -5.40 16.88
CA ARG E 123 17.68 -4.65 17.74
C ARG E 123 16.25 -5.09 17.56
N SER E 124 15.80 -5.31 16.32
CA SER E 124 14.46 -5.77 16.09
C SER E 124 14.21 -7.13 16.67
N LEU E 125 15.14 -8.05 16.48
CA LEU E 125 14.98 -9.39 17.01
C LEU E 125 14.83 -9.43 18.50
N VAL E 126 15.68 -8.72 19.19
CA VAL E 126 15.59 -8.80 20.62
C VAL E 126 14.30 -8.13 21.04
N ALA E 127 13.97 -7.00 20.42
CA ALA E 127 12.78 -6.28 20.76
C ALA E 127 11.51 -7.06 20.64
N SER E 128 11.37 -7.86 19.59
CA SER E 128 10.16 -8.61 19.39
C SER E 128 10.08 -9.83 20.27
N SER E 129 11.24 -10.35 20.68
CA SER E 129 11.23 -11.49 21.57
C SER E 129 10.57 -11.05 22.83
N GLY E 130 10.93 -9.85 23.26
CA GLY E 130 10.29 -9.27 24.42
C GLY E 130 10.90 -9.68 25.73
N THR E 131 12.08 -10.24 25.69
CA THR E 131 12.67 -10.67 26.92
C THR E 131 14.17 -10.73 26.89
N LEU E 132 14.77 -10.49 28.03
CA LEU E 132 16.19 -10.70 28.20
C LEU E 132 16.43 -11.90 29.07
N GLU E 133 15.46 -12.79 29.17
CA GLU E 133 15.64 -13.97 29.97
C GLU E 133 16.86 -14.68 29.43
N PHE E 134 17.76 -14.98 30.32
CA PHE E 134 19.02 -15.57 29.96
C PHE E 134 19.41 -16.70 30.85
N LYS E 135 19.96 -17.74 30.25
CA LYS E 135 20.44 -18.83 31.05
C LYS E 135 21.88 -19.12 30.73
N ASN E 136 22.64 -19.39 31.77
CA ASN E 136 24.05 -19.69 31.64
C ASN E 136 24.23 -21.09 31.13
N GLU E 137 25.27 -21.31 30.36
CA GLU E 137 25.59 -22.64 29.91
C GLU E 137 26.97 -23.05 30.31
N SER E 138 27.16 -24.36 30.43
CA SER E 138 28.44 -24.92 30.81
C SER E 138 29.41 -24.99 29.65
N PHE E 139 29.80 -23.81 29.17
CA PHE E 139 30.73 -23.73 28.01
C PHE E 139 32.12 -24.24 28.41
N ASN E 140 32.83 -24.89 27.53
CA ASN E 140 34.12 -25.46 27.95
C ASN E 140 35.28 -24.60 27.45
N TRP E 141 35.32 -23.34 27.86
CA TRP E 141 36.44 -22.43 27.48
C TRP E 141 37.68 -22.88 28.23
N THR E 142 38.43 -23.82 27.67
CA THR E 142 39.57 -24.39 28.36
C THR E 142 40.86 -24.14 27.63
N GLY E 143 41.90 -23.84 28.40
CA GLY E 143 43.22 -23.59 27.85
C GLY E 143 43.43 -22.12 27.55
N VAL E 144 42.45 -21.33 27.94
CA VAL E 144 42.42 -19.88 27.79
C VAL E 144 42.08 -19.24 29.11
N THR E 145 42.32 -17.95 29.20
CA THR E 145 41.96 -17.20 30.39
C THR E 145 40.61 -16.56 30.20
N GLN E 146 39.71 -16.79 31.17
CA GLN E 146 38.33 -16.24 31.04
C GLN E 146 38.19 -14.93 31.82
N ASN E 147 37.09 -14.25 31.68
CA ASN E 147 36.84 -12.98 32.40
C ASN E 147 37.97 -11.98 32.15
N GLY E 148 38.06 -11.41 30.95
CA GLY E 148 39.00 -10.30 30.70
C GLY E 148 38.28 -8.97 30.92
N THR E 149 38.93 -7.98 31.52
CA THR E 149 38.21 -6.74 31.85
C THR E 149 38.85 -5.51 31.25
N SER E 150 38.14 -4.39 31.36
CA SER E 150 38.65 -3.12 30.86
C SER E 150 38.18 -1.96 31.69
N SER E 151 39.02 -0.93 31.80
CA SER E 151 38.73 0.30 32.54
C SER E 151 37.58 1.05 31.91
N ALA E 152 37.24 0.68 30.70
CA ALA E 152 36.11 1.23 30.00
C ALA E 152 34.77 1.01 30.73
N CYS E 153 34.63 -0.14 31.44
CA CYS E 153 33.41 -0.60 32.10
C CYS E 153 33.63 -0.61 33.60
N ILE E 154 33.15 0.40 34.30
CA ILE E 154 33.39 0.40 35.72
C ILE E 154 32.12 0.07 36.48
N ARG E 155 32.19 -0.97 37.28
CA ARG E 155 31.05 -1.37 38.08
C ARG E 155 31.54 -1.62 39.49
N GLY E 156 30.94 -0.97 40.47
CA GLY E 156 31.43 -1.20 41.82
C GLY E 156 32.82 -0.63 41.99
N SER E 157 33.11 0.41 41.21
CA SER E 157 34.41 1.08 41.17
C SER E 157 35.56 0.21 40.65
N SER E 158 35.29 -0.97 40.11
CA SER E 158 36.36 -1.80 39.56
C SER E 158 36.23 -2.03 38.08
N SER E 159 37.34 -2.32 37.42
CA SER E 159 37.24 -2.62 36.00
C SER E 159 36.41 -3.89 35.85
N SER E 160 35.53 -3.88 34.88
CA SER E 160 34.66 -5.01 34.61
C SER E 160 34.44 -5.11 33.12
N PHE E 161 33.34 -5.73 32.75
CA PHE E 161 33.04 -5.92 31.33
C PHE E 161 31.56 -6.15 31.20
N PHE E 162 31.09 -6.32 30.01
CA PHE E 162 29.69 -6.58 29.81
C PHE E 162 29.38 -7.90 30.51
N SER E 163 28.29 -7.95 31.26
CA SER E 163 27.94 -9.15 32.03
C SER E 163 27.54 -10.39 31.27
N ARG E 164 27.17 -10.26 30.01
CA ARG E 164 26.77 -11.45 29.27
C ARG E 164 27.83 -11.91 28.29
N LEU E 165 28.99 -11.29 28.33
CA LEU E 165 30.07 -11.65 27.43
C LEU E 165 31.26 -12.14 28.21
N ASN E 166 32.04 -13.03 27.63
CA ASN E 166 33.24 -13.54 28.27
C ASN E 166 34.44 -13.29 27.37
N TRP E 167 35.23 -12.31 27.73
CA TRP E 167 36.35 -11.93 26.91
C TRP E 167 37.49 -12.85 27.20
N LEU E 168 37.84 -13.69 26.21
CA LEU E 168 38.88 -14.67 26.44
C LEU E 168 40.20 -14.11 25.97
N THR E 169 41.24 -14.39 26.73
CA THR E 169 42.61 -13.97 26.41
C THR E 169 43.53 -15.18 26.56
N HIS E 170 44.79 -15.05 26.21
CA HIS E 170 45.66 -16.21 26.37
C HIS E 170 45.83 -16.62 27.79
N LEU E 171 46.26 -17.87 27.98
CA LEU E 171 46.57 -18.40 29.32
C LEU E 171 47.99 -18.95 29.26
N ASN E 172 48.89 -18.40 30.06
CA ASN E 172 50.32 -18.81 29.97
C ASN E 172 50.79 -18.63 28.54
N TYR E 173 50.59 -17.44 28.00
CA TYR E 173 51.08 -17.09 26.64
C TYR E 173 50.67 -18.14 25.61
N THR E 174 49.51 -18.78 25.79
CA THR E 174 49.01 -19.71 24.79
C THR E 174 47.52 -19.53 24.57
N TYR E 175 47.12 -19.47 23.31
CA TYR E 175 45.72 -19.37 23.00
C TYR E 175 45.42 -20.48 22.00
N PRO E 176 45.09 -21.68 22.46
CA PRO E 176 44.89 -22.84 21.64
C PRO E 176 43.62 -22.61 20.90
N ALA E 177 43.45 -23.23 19.74
CA ALA E 177 42.18 -23.06 19.10
C ALA E 177 41.10 -23.66 19.98
N LEU E 178 39.96 -22.98 20.04
CA LEU E 178 38.81 -23.51 20.83
C LEU E 178 37.90 -24.31 19.89
N ASN E 179 37.06 -25.19 20.41
CA ASN E 179 36.13 -25.96 19.58
C ASN E 179 35.02 -26.34 20.53
N VAL E 180 33.95 -25.58 20.58
CA VAL E 180 32.83 -25.83 21.53
C VAL E 180 31.59 -26.35 20.80
N THR E 181 31.13 -27.55 21.14
CA THR E 181 29.92 -28.12 20.58
C THR E 181 28.83 -28.09 21.62
N MET E 182 27.93 -27.14 21.49
CA MET E 182 26.91 -26.95 22.49
C MET E 182 25.53 -27.24 21.87
N PRO E 183 24.96 -28.44 22.05
CA PRO E 183 23.75 -28.92 21.43
C PRO E 183 22.50 -28.29 21.97
N ASN E 184 21.47 -28.20 21.14
CA ASN E 184 20.17 -27.74 21.59
C ASN E 184 19.21 -28.93 21.73
N LYS E 185 18.94 -29.34 22.96
CA LYS E 185 18.11 -30.49 23.24
C LYS E 185 16.80 -30.07 23.84
N GLU E 186 16.57 -28.77 23.84
CA GLU E 186 15.38 -28.23 24.40
C GLU E 186 14.36 -28.03 23.30
N GLN E 187 13.18 -27.54 23.65
CA GLN E 187 12.14 -27.36 22.65
C GLN E 187 12.04 -25.96 22.10
N PHE E 188 12.95 -25.10 22.49
CA PHE E 188 12.97 -23.71 22.06
C PHE E 188 14.27 -23.30 21.40
N ASP E 189 14.19 -22.26 20.58
CA ASP E 189 15.35 -21.68 19.94
C ASP E 189 16.26 -21.00 20.94
N LYS E 190 17.55 -21.10 20.74
CA LYS E 190 18.50 -20.40 21.60
C LYS E 190 19.24 -19.31 20.83
N LEU E 191 19.24 -18.10 21.36
CA LEU E 191 19.93 -17.00 20.73
C LEU E 191 21.27 -16.72 21.37
N TYR E 192 22.31 -16.82 20.58
CA TYR E 192 23.62 -16.61 21.13
C TYR E 192 24.19 -15.31 20.63
N ILE E 193 24.66 -14.51 21.56
CA ILE E 193 25.27 -13.23 21.26
C ILE E 193 26.73 -13.36 21.55
N TRP E 194 27.56 -13.02 20.59
CA TRP E 194 28.99 -13.14 20.72
C TRP E 194 29.65 -12.06 19.94
N GLY E 195 30.93 -11.82 20.16
CA GLY E 195 31.55 -10.77 19.37
C GLY E 195 32.99 -11.03 18.97
N VAL E 196 33.54 -10.04 18.29
CA VAL E 196 34.89 -10.09 17.78
C VAL E 196 35.66 -8.87 18.22
N HIS E 197 36.83 -9.07 18.74
CA HIS E 197 37.62 -7.95 19.20
C HIS E 197 38.54 -7.44 18.11
N HIS E 198 38.61 -6.12 17.99
CA HIS E 198 39.50 -5.46 17.05
C HIS E 198 40.51 -4.57 17.78
N PRO E 199 41.64 -5.10 18.28
CA PRO E 199 42.69 -4.40 18.98
C PRO E 199 43.19 -3.28 18.12
N GLY E 200 43.62 -2.20 18.77
CA GLY E 200 44.12 -1.02 18.08
C GLY E 200 45.37 -1.31 17.30
N THR E 201 46.34 -1.91 17.95
CA THR E 201 47.59 -2.19 17.27
C THR E 201 48.03 -3.64 17.37
N ASP E 202 49.05 -4.00 16.58
CA ASP E 202 49.59 -5.35 16.62
C ASP E 202 50.08 -5.67 18.02
N LYS E 203 50.60 -4.65 18.68
CA LYS E 203 51.07 -4.73 20.03
C LYS E 203 49.99 -5.22 20.97
N ASP E 204 48.75 -4.78 20.76
CA ASP E 204 47.71 -5.12 21.68
C ASP E 204 47.20 -6.49 21.38
N GLN E 205 47.15 -6.85 20.10
CA GLN E 205 46.65 -8.17 19.79
C GLN E 205 47.59 -9.22 20.30
N ILE E 206 48.90 -8.99 20.17
CA ILE E 206 49.80 -10.01 20.63
C ILE E 206 49.78 -10.04 22.15
N PHE E 207 49.68 -8.88 22.79
CA PHE E 207 49.62 -8.85 24.23
C PHE E 207 48.47 -9.68 24.78
N LEU E 208 47.28 -9.49 24.22
CA LEU E 208 46.09 -10.18 24.68
C LEU E 208 45.90 -11.61 24.23
N TYR E 209 46.24 -11.95 23.00
CA TYR E 209 45.93 -13.29 22.54
C TYR E 209 47.13 -14.18 22.25
N ALA E 210 48.35 -13.66 22.30
CA ALA E 210 49.51 -14.45 21.97
C ALA E 210 49.41 -15.04 20.57
N GLN E 211 48.83 -14.28 19.67
CA GLN E 211 48.67 -14.62 18.28
C GLN E 211 48.98 -13.37 17.49
N SER E 212 49.48 -13.54 16.27
CA SER E 212 49.74 -12.38 15.42
C SER E 212 48.50 -11.94 14.65
N SER E 213 47.53 -12.83 14.59
CA SER E 213 46.28 -12.63 13.90
C SER E 213 45.30 -13.65 14.41
N GLY E 214 44.03 -13.30 14.50
CA GLY E 214 43.04 -14.29 14.89
C GLY E 214 42.02 -14.52 13.80
N ARG E 215 41.08 -15.38 14.08
CA ARG E 215 39.99 -15.71 13.18
C ARG E 215 38.87 -16.41 13.92
N ILE E 216 37.63 -16.03 13.63
CA ILE E 216 36.50 -16.68 14.28
C ILE E 216 35.46 -17.25 13.35
N THR E 217 35.10 -18.51 13.53
CA THR E 217 34.05 -19.13 12.74
C THR E 217 32.99 -19.72 13.68
N VAL E 218 31.75 -19.40 13.42
CA VAL E 218 30.66 -19.95 14.22
C VAL E 218 29.64 -20.58 13.30
N SER E 219 29.26 -21.82 13.58
CA SER E 219 28.31 -22.46 12.68
C SER E 219 27.31 -23.36 13.34
N THR E 220 26.26 -23.60 12.57
CA THR E 220 25.13 -24.45 12.86
C THR E 220 24.98 -25.36 11.65
N LYS E 221 23.98 -26.22 11.63
CA LYS E 221 23.81 -27.04 10.44
C LYS E 221 23.27 -26.22 9.29
N ARG E 222 22.45 -25.23 9.62
CA ARG E 222 21.80 -24.40 8.62
C ARG E 222 22.65 -23.29 8.06
N SER E 223 23.59 -22.73 8.82
CA SER E 223 24.38 -21.62 8.31
C SER E 223 25.73 -21.45 8.95
N GLN E 224 26.56 -20.60 8.37
CA GLN E 224 27.86 -20.29 8.92
C GLN E 224 28.22 -18.84 8.83
N GLN E 225 28.83 -18.33 9.89
CA GLN E 225 29.34 -16.98 9.93
C GLN E 225 30.83 -17.04 10.16
N ALA E 226 31.56 -16.12 9.59
CA ALA E 226 32.99 -16.08 9.87
C ALA E 226 33.43 -14.65 9.83
N VAL E 227 34.31 -14.31 10.76
CA VAL E 227 34.79 -12.96 10.86
C VAL E 227 36.30 -12.88 10.96
N ILE E 228 36.89 -11.96 10.22
CA ILE E 228 38.31 -11.73 10.33
C ILE E 228 38.49 -10.44 11.13
N PRO E 229 39.16 -10.44 12.29
CA PRO E 229 39.40 -9.27 13.10
C PRO E 229 40.19 -8.26 12.30
N ASN E 230 39.88 -6.99 12.47
CA ASN E 230 40.55 -5.92 11.75
C ASN E 230 41.40 -5.08 12.65
N ILE E 231 42.70 -5.27 12.60
CA ILE E 231 43.59 -4.57 13.53
C ILE E 231 43.91 -3.21 13.00
N GLY E 232 43.75 -2.23 13.86
CA GLY E 232 44.04 -0.85 13.55
C GLY E 232 43.20 0.05 14.42
N SER E 233 43.67 1.27 14.62
CA SER E 233 42.94 2.19 15.45
C SER E 233 41.85 2.92 14.70
N ARG E 234 40.83 3.28 15.44
CA ARG E 234 39.73 4.10 14.97
C ARG E 234 39.86 5.35 15.81
N PRO E 235 39.17 6.45 15.54
CA PRO E 235 39.25 7.61 16.37
C PRO E 235 38.89 7.16 17.77
N ARG E 236 39.56 7.70 18.77
CA ARG E 236 39.29 7.27 20.12
C ARG E 236 37.94 7.69 20.61
N ILE E 237 37.27 6.77 21.24
CA ILE E 237 36.00 7.08 21.89
C ILE E 237 36.19 6.70 23.34
N ARG E 238 35.91 7.61 24.27
CA ARG E 238 36.15 7.32 25.68
C ARG E 238 37.61 6.92 25.87
N ASP E 239 38.49 7.55 25.09
CA ASP E 239 39.94 7.34 25.06
C ASP E 239 40.39 5.97 24.54
N ILE E 240 39.46 5.18 23.98
CA ILE E 240 39.75 3.85 23.46
C ILE E 240 39.79 3.78 21.93
N PRO E 241 40.92 3.43 21.31
CA PRO E 241 41.09 3.35 19.87
C PRO E 241 40.57 2.05 19.27
N SER E 242 40.29 1.08 20.13
CA SER E 242 39.89 -0.28 19.76
C SER E 242 38.39 -0.47 19.88
N ARG E 243 37.84 -1.50 19.22
CA ARG E 243 36.38 -1.76 19.30
C ARG E 243 36.01 -3.24 19.32
N ILE E 244 34.80 -3.56 19.80
CA ILE E 244 34.24 -4.92 19.69
C ILE E 244 33.03 -4.98 18.80
N SER E 245 33.04 -5.91 17.85
CA SER E 245 31.90 -6.10 16.97
C SER E 245 30.97 -7.15 17.54
N ILE E 246 29.68 -6.96 17.36
CA ILE E 246 28.73 -7.94 17.87
C ILE E 246 28.00 -8.70 16.77
N TYR E 247 27.98 -10.01 16.88
CA TYR E 247 27.35 -10.94 15.96
C TYR E 247 26.40 -11.85 16.70
N TRP E 248 25.43 -12.42 16.00
CA TRP E 248 24.55 -13.34 16.71
C TRP E 248 24.12 -14.48 15.85
N THR E 249 23.72 -15.56 16.48
CA THR E 249 23.22 -16.70 15.74
C THR E 249 22.12 -17.42 16.47
N ILE E 250 21.24 -18.08 15.71
CA ILE E 250 20.13 -18.79 16.30
C ILE E 250 20.22 -20.27 16.10
N VAL E 251 20.11 -21.00 17.19
CA VAL E 251 20.20 -22.42 17.15
C VAL E 251 18.85 -23.07 17.36
N LYS E 252 18.40 -23.82 16.37
CA LYS E 252 17.11 -24.50 16.43
C LYS E 252 17.23 -25.79 17.22
N PRO E 253 16.17 -26.29 17.85
CA PRO E 253 16.17 -27.57 18.50
C PRO E 253 16.65 -28.63 17.56
N GLY E 254 17.54 -29.47 18.03
CA GLY E 254 18.10 -30.55 17.26
C GLY E 254 19.43 -30.16 16.65
N ASP E 255 19.74 -28.87 16.61
CA ASP E 255 20.99 -28.48 16.02
C ASP E 255 22.08 -28.41 17.08
N ILE E 256 23.30 -28.09 16.65
CA ILE E 256 24.44 -27.94 17.52
C ILE E 256 25.16 -26.66 17.26
N LEU E 257 25.44 -25.88 18.29
CA LEU E 257 26.21 -24.69 18.02
C LEU E 257 27.67 -25.00 18.07
N LEU E 258 28.37 -24.74 16.99
CA LEU E 258 29.78 -25.00 16.93
C LEU E 258 30.63 -23.74 16.87
N ILE E 259 31.48 -23.56 17.89
CA ILE E 259 32.33 -22.32 17.93
C ILE E 259 33.81 -22.70 17.80
N ASN E 260 34.44 -22.21 16.76
CA ASN E 260 35.86 -22.51 16.52
C ASN E 260 36.57 -21.17 16.49
N SER E 261 37.55 -20.95 17.33
CA SER E 261 38.19 -19.60 17.37
C SER E 261 39.66 -19.66 17.78
N THR E 262 40.53 -18.98 17.02
CA THR E 262 41.95 -18.88 17.36
C THR E 262 42.29 -17.61 18.09
N GLY E 263 41.31 -16.76 18.31
CA GLY E 263 41.62 -15.50 18.98
C GLY E 263 40.63 -14.41 18.70
N ASN E 264 40.74 -13.34 19.47
CA ASN E 264 39.88 -12.17 19.39
C ASN E 264 38.42 -12.52 19.59
N LEU E 265 38.12 -13.50 20.43
CA LEU E 265 36.75 -13.88 20.66
C LEU E 265 36.18 -13.41 21.95
N ILE E 266 35.03 -12.80 21.83
CA ILE E 266 34.26 -12.39 22.97
C ILE E 266 33.18 -13.47 23.01
N ALA E 267 33.34 -14.39 23.92
CA ALA E 267 32.55 -15.58 23.98
C ALA E 267 31.20 -15.33 24.61
N PRO E 268 30.18 -16.10 24.28
CA PRO E 268 28.90 -16.09 24.94
C PRO E 268 29.06 -16.75 26.31
N ARG E 269 28.20 -16.41 27.26
CA ARG E 269 28.18 -17.10 28.56
C ARG E 269 27.00 -18.02 28.70
N GLY E 270 26.14 -17.99 27.71
CA GLY E 270 24.89 -18.70 27.71
C GLY E 270 24.05 -18.16 26.59
N TYR E 271 22.76 -18.39 26.68
CA TYR E 271 21.86 -18.00 25.61
C TYR E 271 20.64 -17.26 26.07
N PHE E 272 20.08 -16.51 25.16
CA PHE E 272 18.84 -15.82 25.42
C PHE E 272 17.72 -16.59 24.80
N LYS E 273 16.57 -16.58 25.43
CA LYS E 273 15.46 -17.26 24.79
C LYS E 273 14.82 -16.37 23.77
N ILE E 274 14.26 -16.96 22.73
CA ILE E 274 13.50 -16.21 21.76
C ILE E 274 12.06 -16.63 21.83
N ARG E 275 11.19 -15.67 21.96
CA ARG E 275 9.78 -15.96 21.95
C ARG E 275 9.18 -15.30 20.74
N SER E 276 8.16 -15.90 20.18
CA SER E 276 7.46 -15.18 19.15
C SER E 276 6.69 -14.20 19.97
N GLY E 277 6.18 -13.13 19.41
CA GLY E 277 5.50 -12.28 20.34
C GLY E 277 4.90 -11.03 19.78
N LYS E 278 4.50 -10.20 20.71
CA LYS E 278 3.81 -8.95 20.49
C LYS E 278 4.59 -7.77 21.04
N SER E 279 5.89 -7.93 21.24
CA SER E 279 6.65 -6.87 21.84
C SER E 279 7.41 -6.01 20.84
N SER E 280 7.78 -4.78 21.23
CA SER E 280 8.55 -3.88 20.37
C SER E 280 9.27 -2.73 21.09
N ILE E 281 10.07 -1.94 20.34
CA ILE E 281 10.79 -0.77 20.87
C ILE E 281 10.30 0.55 20.32
N MET E 282 10.08 1.49 21.21
CA MET E 282 9.70 2.83 20.82
C MET E 282 10.72 3.82 21.35
N ARG E 283 11.02 4.86 20.59
CA ARG E 283 11.94 5.89 21.09
C ARG E 283 11.09 7.00 21.65
N SER E 284 11.31 7.38 22.89
CA SER E 284 10.49 8.40 23.51
C SER E 284 11.12 9.07 24.70
N ASP E 285 10.92 10.37 24.82
CA ASP E 285 11.42 11.08 25.98
C ASP E 285 10.33 11.36 26.98
N ALA E 286 9.15 10.80 26.74
CA ALA E 286 8.04 11.03 27.62
C ALA E 286 8.29 10.23 28.91
N PRO E 287 7.85 10.73 30.07
CA PRO E 287 7.90 10.06 31.35
C PRO E 287 6.85 8.98 31.38
N ILE E 288 6.97 8.02 32.28
CA ILE E 288 5.93 7.02 32.44
C ILE E 288 5.20 7.30 33.73
N GLY E 289 3.89 7.49 33.61
CA GLY E 289 3.05 7.84 34.74
C GLY E 289 2.22 6.69 35.25
N LYS E 290 1.19 7.02 36.05
CA LYS E 290 0.26 6.05 36.63
C LYS E 290 -1.09 6.24 35.92
N CYS E 291 -1.37 5.37 34.94
CA CYS E 291 -2.46 5.49 33.97
C CYS E 291 -2.72 4.19 33.24
N LYS E 292 -3.97 4.00 32.83
CA LYS E 292 -4.33 2.87 32.00
C LYS E 292 -4.76 3.30 30.59
N SER E 293 -4.01 2.89 29.57
CA SER E 293 -4.31 3.22 28.17
C SER E 293 -3.67 2.25 27.19
N GLU E 294 -4.45 1.75 26.26
CA GLU E 294 -4.02 0.79 25.24
C GLU E 294 -3.06 1.26 24.13
N CYS E 295 -3.20 2.51 23.63
CA CYS E 295 -2.41 3.06 22.54
C CYS E 295 -1.26 3.92 23.03
N ILE E 296 -0.06 3.53 22.65
CA ILE E 296 1.14 4.25 23.04
C ILE E 296 1.81 4.86 21.83
N THR E 297 2.15 6.13 21.92
CA THR E 297 2.82 6.87 20.87
C THR E 297 4.04 7.53 21.51
N PRO E 298 5.19 7.77 20.81
CA PRO E 298 6.34 8.47 21.39
C PRO E 298 5.85 9.65 22.23
N ASN E 299 5.03 10.53 21.78
CA ASN E 299 4.46 11.62 22.62
C ASN E 299 3.47 11.13 23.70
N GLY E 300 3.70 10.08 24.48
CA GLY E 300 2.81 9.48 25.48
C GLY E 300 1.64 8.64 24.95
N SER E 301 0.68 8.34 25.84
CA SER E 301 -0.46 7.54 25.49
C SER E 301 -1.51 8.42 24.85
N ILE E 302 -2.30 7.84 23.96
CA ILE E 302 -3.37 8.53 23.28
C ILE E 302 -4.68 7.78 23.47
N PRO E 303 -5.78 8.40 23.89
CA PRO E 303 -7.07 7.76 24.00
C PRO E 303 -7.36 7.17 22.65
N ASN E 304 -7.90 5.97 22.58
CA ASN E 304 -8.09 5.34 21.29
C ASN E 304 -9.51 5.24 20.80
N ASP E 305 -10.36 6.19 21.12
CA ASP E 305 -11.72 6.09 20.63
C ASP E 305 -11.85 6.64 19.22
N LYS E 306 -11.13 7.69 18.91
CA LYS E 306 -11.29 8.24 17.59
C LYS E 306 -10.56 7.32 16.62
N PRO E 307 -11.08 7.10 15.40
CA PRO E 307 -10.48 6.25 14.39
C PRO E 307 -9.18 6.73 13.78
N PHE E 308 -8.87 8.03 13.86
CA PHE E 308 -7.65 8.53 13.26
C PHE E 308 -6.92 9.41 14.23
N GLN E 309 -5.64 9.54 14.04
CA GLN E 309 -4.84 10.44 14.84
C GLN E 309 -3.84 11.14 14.00
N ASN E 310 -3.38 12.29 14.44
CA ASN E 310 -2.32 12.94 13.71
C ASN E 310 -1.20 13.33 14.64
N VAL E 311 -0.99 12.56 15.71
CA VAL E 311 0.05 12.85 16.67
C VAL E 311 1.39 12.37 16.18
N ASN E 312 1.42 11.12 15.72
CA ASN E 312 2.63 10.56 15.20
C ASN E 312 2.31 9.39 14.31
N ARG E 313 3.31 8.80 13.71
CA ARG E 313 3.08 7.65 12.87
C ARG E 313 3.61 6.41 13.54
N ILE E 314 4.35 6.63 14.61
CA ILE E 314 4.92 5.54 15.35
C ILE E 314 4.02 5.23 16.50
N THR E 315 3.44 4.07 16.47
CA THR E 315 2.49 3.68 17.48
C THR E 315 2.68 2.24 17.91
N TYR E 316 2.13 1.92 19.07
CA TYR E 316 2.08 0.56 19.58
C TYR E 316 0.74 0.24 20.21
N GLY E 317 0.17 -0.92 19.89
CA GLY E 317 -1.11 -1.31 20.47
C GLY E 317 -2.30 -0.96 19.58
N ALA E 318 -3.52 -0.97 20.17
CA ALA E 318 -4.78 -0.77 19.43
C ALA E 318 -5.08 0.70 19.15
N CYS E 319 -4.26 1.29 18.28
CA CYS E 319 -4.22 2.71 17.93
C CYS E 319 -5.08 3.11 16.72
N PRO E 320 -5.48 4.39 16.66
CA PRO E 320 -6.11 5.07 15.55
C PRO E 320 -5.11 5.11 14.40
N ARG E 321 -5.59 5.19 13.16
CA ARG E 321 -4.66 5.24 12.04
C ARG E 321 -4.09 6.62 11.88
N TYR E 322 -2.85 6.72 11.40
CA TYR E 322 -2.28 8.03 11.19
C TYR E 322 -2.68 8.62 9.87
N VAL E 323 -3.14 9.85 9.91
CA VAL E 323 -3.52 10.57 8.72
C VAL E 323 -2.83 11.90 8.73
N LYS E 324 -2.72 12.53 7.57
CA LYS E 324 -2.10 13.84 7.49
C LYS E 324 -3.08 14.98 7.68
N HIS E 325 -4.35 14.67 7.79
CA HIS E 325 -5.36 15.70 7.95
C HIS E 325 -5.30 16.20 9.36
N SER E 326 -5.34 17.51 9.54
CA SER E 326 -5.34 18.01 10.90
C SER E 326 -6.68 17.82 11.56
N THR E 327 -7.74 17.88 10.76
CA THR E 327 -9.08 17.67 11.28
C THR E 327 -9.94 16.92 10.31
N LEU E 328 -10.89 16.22 10.86
CA LEU E 328 -11.95 15.55 10.14
C LEU E 328 -13.17 15.65 10.99
N LYS E 329 -14.20 16.30 10.53
CA LYS E 329 -15.37 16.38 11.38
C LYS E 329 -16.51 15.64 10.78
N LEU E 330 -17.01 14.71 11.55
CA LEU E 330 -18.09 13.88 11.15
C LEU E 330 -19.35 14.41 11.76
N ALA E 331 -20.27 14.83 10.94
CA ALA E 331 -21.49 15.42 11.43
C ALA E 331 -22.22 14.41 12.24
N THR E 332 -22.84 14.84 13.32
CA THR E 332 -23.64 13.94 14.11
C THR E 332 -24.99 14.54 14.13
N GLY E 333 -25.01 15.79 13.70
CA GLY E 333 -26.21 16.60 13.64
C GLY E 333 -26.73 16.70 12.21
N MET E 334 -27.40 17.79 11.92
CA MET E 334 -27.99 18.00 10.60
C MET E 334 -27.66 19.38 10.11
N ARG E 335 -28.00 19.71 8.89
CA ARG E 335 -27.69 21.05 8.41
C ARG E 335 -28.34 22.06 9.33
N ASN E 336 -27.60 23.10 9.69
CA ASN E 336 -28.18 24.07 10.58
C ASN E 336 -29.03 25.10 9.81
N VAL E 337 -29.68 26.01 10.57
CA VAL E 337 -30.54 27.15 10.15
C VAL E 337 -31.26 26.89 8.81
N ILE F 13 -39.76 23.75 3.70
CA ILE F 13 -39.34 24.25 5.01
C ILE F 13 -38.32 25.38 4.76
N GLU F 14 -38.65 26.62 5.23
CA GLU F 14 -37.82 27.82 5.09
C GLU F 14 -36.64 27.90 6.06
N ASN F 15 -36.87 27.57 7.32
CA ASN F 15 -35.81 27.70 8.32
C ASN F 15 -36.03 26.72 9.46
N GLY F 16 -35.14 26.70 10.44
CA GLY F 16 -35.28 25.82 11.58
C GLY F 16 -35.87 26.52 12.79
N TRP F 17 -36.01 25.77 13.87
CA TRP F 17 -36.57 26.28 15.11
C TRP F 17 -35.53 26.31 16.20
N GLU F 18 -35.07 27.49 16.54
CA GLU F 18 -34.00 27.64 17.53
C GLU F 18 -34.44 27.23 18.93
N GLY F 19 -35.74 27.30 19.17
CA GLY F 19 -36.30 26.96 20.47
C GLY F 19 -36.75 25.52 20.63
N MET F 20 -36.50 24.65 19.65
CA MET F 20 -36.99 23.28 19.86
C MET F 20 -35.86 22.46 20.44
N VAL F 21 -36.05 22.03 21.68
CA VAL F 21 -35.00 21.32 22.40
C VAL F 21 -35.34 19.91 22.88
N ASP F 22 -36.57 19.44 22.66
CA ASP F 22 -36.97 18.12 23.14
C ASP F 22 -36.87 17.03 22.07
N GLY F 23 -36.24 17.36 20.96
CA GLY F 23 -36.04 16.44 19.87
C GLY F 23 -35.48 17.19 18.69
N TRP F 24 -35.23 16.49 17.61
CA TRP F 24 -34.65 17.11 16.43
C TRP F 24 -35.67 17.46 15.40
N TYR F 25 -36.73 16.71 15.39
CA TYR F 25 -37.77 16.88 14.42
C TYR F 25 -39.01 17.13 15.18
N GLY F 26 -39.88 17.96 14.67
CA GLY F 26 -41.09 18.17 15.39
C GLY F 26 -42.09 19.02 14.70
N PHE F 27 -43.08 19.37 15.48
CA PHE F 27 -44.22 20.12 15.04
C PHE F 27 -44.40 21.40 15.82
N ARG F 28 -44.92 22.41 15.15
CA ARG F 28 -45.30 23.66 15.75
C ARG F 28 -46.68 23.94 15.26
N HIS F 29 -47.54 24.47 16.07
CA HIS F 29 -48.89 24.69 15.59
C HIS F 29 -49.49 25.99 16.01
N GLN F 30 -50.50 26.40 15.26
CA GLN F 30 -51.31 27.54 15.56
C GLN F 30 -52.79 27.18 15.46
N ASN F 31 -53.52 27.38 16.53
CA ASN F 31 -54.95 27.11 16.55
C ASN F 31 -55.65 28.18 17.40
N SER F 32 -56.90 27.95 17.83
CA SER F 32 -57.63 28.96 18.56
C SER F 32 -57.34 28.92 20.06
N GLU F 33 -56.63 27.90 20.50
CA GLU F 33 -56.26 27.76 21.89
C GLU F 33 -54.98 28.51 22.11
N GLY F 34 -54.11 28.45 21.12
CA GLY F 34 -52.82 29.11 21.19
C GLY F 34 -51.79 28.55 20.22
N ARG F 35 -50.55 28.98 20.45
CA ARG F 35 -49.42 28.58 19.63
C ARG F 35 -48.48 27.77 20.49
N GLY F 36 -47.83 26.79 19.90
CA GLY F 36 -46.85 26.00 20.66
C GLY F 36 -46.17 24.92 19.85
N GLN F 37 -45.31 24.14 20.49
CA GLN F 37 -44.58 23.12 19.75
C GLN F 37 -44.19 21.94 20.59
N ALA F 38 -43.91 20.83 19.92
CA ALA F 38 -43.43 19.61 20.55
C ALA F 38 -42.64 18.77 19.58
N ALA F 39 -41.69 18.00 20.08
CA ALA F 39 -40.96 17.08 19.22
C ALA F 39 -41.71 15.83 18.86
N ASP F 40 -41.39 15.30 17.69
CA ASP F 40 -41.84 13.99 17.24
C ASP F 40 -40.75 13.03 17.63
N LEU F 41 -40.99 12.23 18.66
CA LEU F 41 -39.91 11.41 19.18
C LEU F 41 -39.66 10.15 18.40
N LYS F 42 -40.52 9.80 17.45
CA LYS F 42 -40.24 8.61 16.70
C LYS F 42 -39.36 9.00 15.54
N SER F 43 -39.64 10.18 14.99
CA SER F 43 -38.82 10.67 13.89
C SER F 43 -37.44 10.96 14.44
N THR F 44 -37.39 11.63 15.59
CA THR F 44 -36.10 11.93 16.16
C THR F 44 -35.38 10.67 16.52
N GLN F 45 -36.03 9.71 17.16
CA GLN F 45 -35.23 8.57 17.55
C GLN F 45 -34.74 7.82 16.34
N ALA F 46 -35.51 7.72 15.27
CA ALA F 46 -35.00 7.00 14.12
C ALA F 46 -33.74 7.65 13.57
N ALA F 47 -33.72 8.98 13.53
CA ALA F 47 -32.56 9.68 13.04
C ALA F 47 -31.37 9.44 13.95
N ILE F 48 -31.63 9.41 15.26
CA ILE F 48 -30.58 9.21 16.21
C ILE F 48 -30.01 7.83 16.11
N ASP F 49 -30.85 6.82 15.97
CA ASP F 49 -30.35 5.47 15.89
C ASP F 49 -29.48 5.27 14.68
N GLN F 50 -29.85 5.83 13.53
CA GLN F 50 -29.00 5.60 12.38
C GLN F 50 -27.67 6.30 12.55
N ILE F 51 -27.68 7.50 13.13
CA ILE F 51 -26.44 8.21 13.32
C ILE F 51 -25.56 7.51 14.33
N ASN F 52 -26.13 7.09 15.45
CA ASN F 52 -25.31 6.43 16.45
C ASN F 52 -24.77 5.14 15.93
N GLY F 53 -25.53 4.45 15.09
CA GLY F 53 -25.08 3.22 14.48
C GLY F 53 -23.85 3.50 13.66
N LYS F 54 -23.91 4.50 12.80
CA LYS F 54 -22.77 4.80 11.97
C LYS F 54 -21.56 5.15 12.82
N LEU F 55 -21.77 5.86 13.93
CA LEU F 55 -20.66 6.21 14.77
C LEU F 55 -20.08 4.97 15.44
N ASN F 56 -20.93 4.04 15.85
CA ASN F 56 -20.46 2.84 16.52
C ASN F 56 -19.63 1.94 15.61
N ARG F 57 -19.88 2.01 14.32
CA ARG F 57 -19.15 1.21 13.36
C ARG F 57 -17.73 1.72 13.14
N LEU F 58 -17.49 2.94 13.55
CA LEU F 58 -16.23 3.61 13.31
C LEU F 58 -15.44 3.95 14.58
N ILE F 59 -16.10 4.63 15.50
CA ILE F 59 -15.50 5.12 16.70
C ILE F 59 -15.41 3.98 17.67
N GLY F 60 -14.24 3.81 18.22
CA GLY F 60 -13.98 2.73 19.14
C GLY F 60 -13.50 1.49 18.41
N LYS F 61 -13.38 1.55 17.08
CA LYS F 61 -12.93 0.36 16.36
C LYS F 61 -11.55 0.59 15.77
N THR F 62 -10.55 0.04 16.44
CA THR F 62 -9.17 0.21 16.03
C THR F 62 -8.53 -1.16 15.88
N ASN F 63 -7.39 -1.23 15.20
CA ASN F 63 -6.68 -2.48 15.04
C ASN F 63 -5.39 -2.45 15.79
N GLU F 64 -5.04 -3.60 16.34
CA GLU F 64 -3.83 -3.69 17.14
C GLU F 64 -2.61 -4.19 16.40
N LYS F 65 -1.56 -3.39 16.45
CA LYS F 65 -0.30 -3.70 15.80
C LYS F 65 0.79 -3.70 16.85
N PHE F 66 1.82 -4.51 16.69
CA PHE F 66 2.85 -4.51 17.72
C PHE F 66 4.23 -4.17 17.25
N HIS F 67 4.61 -4.74 16.14
CA HIS F 67 5.94 -4.52 15.65
C HIS F 67 5.82 -4.11 14.22
N GLN F 68 6.55 -3.08 13.88
CA GLN F 68 6.49 -2.51 12.56
C GLN F 68 7.87 -2.09 12.12
N ILE F 69 7.94 -1.60 10.91
CA ILE F 69 9.16 -1.08 10.31
C ILE F 69 9.55 0.20 11.00
N GLU F 70 10.78 0.66 10.78
CA GLU F 70 11.15 1.91 11.41
C GLU F 70 10.55 3.02 10.58
N LYS F 71 10.07 4.06 11.22
CA LYS F 71 9.50 5.12 10.44
C LYS F 71 10.35 6.38 10.51
N GLU F 72 11.12 6.49 11.57
CA GLU F 72 11.97 7.64 11.80
C GLU F 72 13.42 7.23 11.60
N PHE F 73 14.14 7.99 10.81
CA PHE F 73 15.53 7.64 10.56
C PHE F 73 16.43 8.82 10.84
N SER F 74 17.62 8.55 11.36
CA SER F 74 18.60 9.59 11.66
C SER F 74 19.87 9.57 10.80
N GLU F 75 20.07 8.53 10.02
CA GLU F 75 21.29 8.38 9.24
C GLU F 75 21.00 8.00 7.81
N VAL F 76 21.96 8.31 6.92
CA VAL F 76 21.84 7.90 5.54
C VAL F 76 22.18 6.43 5.40
N GLU F 77 21.26 5.66 4.85
CA GLU F 77 21.47 4.24 4.67
C GLU F 77 21.53 3.79 3.21
N GLY F 78 20.91 4.53 2.29
CA GLY F 78 20.83 4.07 0.91
C GLY F 78 19.45 3.53 0.53
N ARG F 79 19.39 2.69 -0.52
CA ARG F 79 18.12 2.29 -1.12
C ARG F 79 17.19 1.53 -0.19
N VAL F 80 17.73 0.86 0.82
CA VAL F 80 16.88 0.13 1.73
C VAL F 80 16.00 1.08 2.50
N GLN F 81 16.51 2.26 2.80
CA GLN F 81 15.77 3.21 3.56
C GLN F 81 14.84 3.90 2.63
N ASP F 82 15.29 4.15 1.41
CA ASP F 82 14.38 4.84 0.51
C ASP F 82 13.11 4.03 0.36
N LEU F 83 13.24 2.71 0.29
CA LEU F 83 12.04 1.90 0.18
C LEU F 83 11.28 1.90 1.48
N GLU F 84 11.94 1.73 2.61
CA GLU F 84 11.19 1.67 3.86
C GLU F 84 10.37 2.95 4.06
N LYS F 85 10.94 4.11 3.71
CA LYS F 85 10.23 5.38 3.81
C LYS F 85 9.12 5.46 2.79
N TYR F 86 9.37 4.99 1.57
CA TYR F 86 8.39 5.02 0.51
C TYR F 86 7.18 4.23 0.91
N VAL F 87 7.38 3.05 1.47
CA VAL F 87 6.29 2.19 1.86
C VAL F 87 5.45 2.87 2.92
N GLU F 88 6.08 3.48 3.91
CA GLU F 88 5.30 4.14 4.92
C GLU F 88 4.57 5.33 4.38
N ASP F 89 5.19 6.10 3.50
CA ASP F 89 4.51 7.27 3.00
C ASP F 89 3.34 6.84 2.15
N THR F 90 3.48 5.76 1.40
CA THR F 90 2.40 5.31 0.58
C THR F 90 1.23 4.95 1.45
N LYS F 91 1.49 4.21 2.54
CA LYS F 91 0.44 3.82 3.44
C LYS F 91 -0.28 4.99 4.04
N ILE F 92 0.45 5.99 4.48
CA ILE F 92 -0.17 7.13 5.11
C ILE F 92 -0.98 7.92 4.14
N ASP F 93 -0.43 8.15 2.97
CA ASP F 93 -1.09 8.96 1.99
C ASP F 93 -2.39 8.33 1.57
N LEU F 94 -2.37 7.03 1.43
CA LEU F 94 -3.52 6.28 1.02
C LEU F 94 -4.55 6.18 2.13
N TRP F 95 -4.14 6.02 3.39
CA TRP F 95 -5.10 6.03 4.45
C TRP F 95 -5.67 7.41 4.67
N SER F 96 -4.90 8.46 4.37
CA SER F 96 -5.43 9.81 4.50
C SER F 96 -6.52 9.97 3.46
N TYR F 97 -6.31 9.43 2.26
CA TYR F 97 -7.33 9.45 1.24
C TYR F 97 -8.57 8.75 1.72
N ASN F 98 -8.41 7.54 2.26
CA ASN F 98 -9.57 6.82 2.72
C ASN F 98 -10.29 7.58 3.80
N ALA F 99 -9.55 8.24 4.69
CA ALA F 99 -10.18 8.98 5.76
C ALA F 99 -10.98 10.15 5.28
N GLU F 100 -10.46 10.87 4.27
CA GLU F 100 -11.21 12.01 3.80
C GLU F 100 -12.42 11.57 3.04
N LEU F 101 -12.28 10.53 2.23
CA LEU F 101 -13.40 10.06 1.46
C LEU F 101 -14.45 9.53 2.38
N LEU F 102 -14.05 8.80 3.39
CA LEU F 102 -15.00 8.24 4.29
C LEU F 102 -15.77 9.31 4.99
N VAL F 103 -15.10 10.32 5.49
CA VAL F 103 -15.85 11.34 6.18
C VAL F 103 -16.76 12.08 5.24
N ALA F 104 -16.29 12.42 4.05
CA ALA F 104 -17.16 13.14 3.13
C ALA F 104 -18.38 12.30 2.77
N LEU F 105 -18.23 10.99 2.59
CA LEU F 105 -19.38 10.15 2.28
C LEU F 105 -20.32 10.06 3.46
N GLU F 106 -19.76 9.98 4.65
CA GLU F 106 -20.57 9.88 5.83
C GLU F 106 -21.32 11.16 6.09
N ASN F 107 -20.70 12.30 5.82
CA ASN F 107 -21.37 13.56 6.01
C ASN F 107 -22.37 13.83 4.94
N GLN F 108 -22.11 13.39 3.71
CA GLN F 108 -23.08 13.60 2.67
C GLN F 108 -24.27 12.76 3.01
N HIS F 109 -24.00 11.55 3.50
CA HIS F 109 -25.08 10.68 3.86
C HIS F 109 -25.83 11.23 5.04
N THR F 110 -25.14 11.74 6.06
CA THR F 110 -25.82 12.24 7.24
C THR F 110 -26.72 13.41 6.90
N ILE F 111 -26.29 14.34 6.07
CA ILE F 111 -27.21 15.42 5.81
C ILE F 111 -28.37 14.94 4.94
N ASP F 112 -28.13 14.01 4.01
CA ASP F 112 -29.23 13.54 3.19
C ASP F 112 -30.16 12.68 4.04
N LEU F 113 -29.63 12.00 5.03
CA LEU F 113 -30.36 11.17 5.95
C LEU F 113 -31.30 11.99 6.77
N THR F 114 -30.81 13.07 7.35
CA THR F 114 -31.68 13.82 8.17
C THR F 114 -32.73 14.52 7.35
N ASP F 115 -32.42 14.91 6.12
CA ASP F 115 -33.43 15.55 5.32
C ASP F 115 -34.46 14.53 4.86
N SER F 116 -34.01 13.30 4.64
CA SER F 116 -34.90 12.24 4.24
C SER F 116 -35.90 11.98 5.35
N GLU F 117 -35.43 11.95 6.61
CA GLU F 117 -36.34 11.69 7.71
C GLU F 117 -37.34 12.82 7.82
N MET F 118 -36.91 14.05 7.52
CA MET F 118 -37.84 15.16 7.55
C MET F 118 -38.90 15.03 6.46
N ASN F 119 -38.51 14.56 5.29
CA ASN F 119 -39.48 14.40 4.23
C ASN F 119 -40.45 13.31 4.56
N LYS F 120 -39.98 12.27 5.26
CA LYS F 120 -40.85 11.19 5.66
C LYS F 120 -41.87 11.70 6.64
N LEU F 121 -41.46 12.58 7.55
CA LEU F 121 -42.39 13.14 8.52
C LEU F 121 -43.44 13.95 7.80
N PHE F 122 -43.03 14.71 6.80
CA PHE F 122 -43.96 15.53 6.05
C PHE F 122 -44.96 14.64 5.32
N GLU F 123 -44.48 13.58 4.67
CA GLU F 123 -45.40 12.72 3.97
C GLU F 123 -46.31 12.00 4.95
N LYS F 124 -45.80 11.58 6.09
CA LYS F 124 -46.64 10.90 7.05
C LYS F 124 -47.80 11.81 7.36
N THR F 125 -47.51 13.09 7.56
CA THR F 125 -48.54 14.02 7.89
C THR F 125 -49.52 14.22 6.74
N LYS F 126 -49.09 14.37 5.49
CA LYS F 126 -50.09 14.60 4.44
C LYS F 126 -50.87 13.36 4.09
N LYS F 127 -50.30 12.19 4.35
CA LYS F 127 -50.98 10.95 4.10
C LYS F 127 -51.97 10.68 5.21
N GLN F 128 -51.70 11.20 6.40
CA GLN F 128 -52.63 10.99 7.48
C GLN F 128 -53.78 11.98 7.33
N LEU F 129 -53.47 13.20 6.91
CA LEU F 129 -54.49 14.23 6.71
C LEU F 129 -54.99 14.12 5.31
N ARG F 130 -55.63 13.02 5.00
CA ARG F 130 -55.97 12.81 3.61
C ARG F 130 -57.01 13.80 3.16
N GLU F 131 -56.61 14.63 2.24
CA GLU F 131 -57.42 15.68 1.65
C GLU F 131 -57.94 16.73 2.64
N ASN F 132 -57.44 16.74 3.87
CA ASN F 132 -57.88 17.74 4.81
C ASN F 132 -56.86 18.82 4.95
N ALA F 133 -55.83 18.76 4.13
CA ALA F 133 -54.78 19.73 4.21
C ALA F 133 -54.07 20.00 2.90
N GLU F 134 -53.50 21.19 2.83
CA GLU F 134 -52.73 21.65 1.69
C GLU F 134 -51.28 21.88 2.04
N ASP F 135 -50.39 21.44 1.15
CA ASP F 135 -48.97 21.65 1.36
C ASP F 135 -48.58 23.07 1.03
N MET F 136 -48.03 23.78 1.98
CA MET F 136 -47.55 25.10 1.70
C MET F 136 -46.05 24.99 1.43
N GLY F 137 -45.51 25.94 0.71
CA GLY F 137 -44.10 25.90 0.33
C GLY F 137 -43.18 26.25 1.47
N ASN F 138 -43.73 26.64 2.60
CA ASN F 138 -42.95 26.97 3.76
C ASN F 138 -42.78 25.78 4.68
N GLY F 139 -43.22 24.59 4.23
CA GLY F 139 -43.10 23.38 5.06
C GLY F 139 -44.25 23.13 6.04
N CYS F 140 -45.30 23.96 6.00
CA CYS F 140 -46.47 23.91 6.85
C CYS F 140 -47.69 23.39 6.12
N PHE F 141 -48.57 22.78 6.87
CA PHE F 141 -49.83 22.32 6.36
C PHE F 141 -50.96 23.20 6.73
N LYS F 142 -51.73 23.56 5.75
CA LYS F 142 -52.91 24.32 6.03
C LYS F 142 -53.96 23.28 6.28
N ILE F 143 -54.60 23.33 7.41
CA ILE F 143 -55.60 22.37 7.77
C ILE F 143 -56.96 23.01 7.66
N TYR F 144 -57.86 22.35 6.96
CA TYR F 144 -59.14 22.95 6.65
C TYR F 144 -60.28 22.61 7.59
N HIS F 145 -59.95 21.97 8.69
CA HIS F 145 -60.91 21.74 9.74
C HIS F 145 -60.45 22.59 10.87
N LYS F 146 -61.35 23.32 11.49
CA LYS F 146 -60.90 24.17 12.58
C LYS F 146 -60.69 23.38 13.88
N CYS F 147 -59.56 22.65 13.93
CA CYS F 147 -59.11 21.80 15.01
C CYS F 147 -58.45 22.60 16.13
N ASP F 148 -58.66 22.13 17.36
CA ASP F 148 -58.01 22.70 18.53
C ASP F 148 -57.43 21.64 19.45
N ASN F 149 -56.11 21.58 19.48
CA ASN F 149 -55.26 20.71 20.29
C ASN F 149 -55.40 19.21 20.09
N ALA F 150 -56.58 18.67 20.28
CA ALA F 150 -56.75 17.23 20.19
C ALA F 150 -56.37 16.63 18.83
N CYS F 151 -56.66 17.32 17.68
CA CYS F 151 -56.31 16.83 16.34
C CYS F 151 -54.82 16.88 16.24
N ILE F 152 -54.25 17.91 16.82
CA ILE F 152 -52.84 18.12 16.66
C ILE F 152 -52.11 17.00 17.36
N GLU F 153 -52.53 16.65 18.56
CA GLU F 153 -51.89 15.56 19.27
C GLU F 153 -52.15 14.24 18.58
N SER F 154 -53.35 14.09 18.02
CA SER F 154 -53.75 12.89 17.31
C SER F 154 -52.84 12.71 16.09
N ILE F 155 -52.53 13.79 15.39
CA ILE F 155 -51.64 13.72 14.24
C ILE F 155 -50.27 13.33 14.73
N ARG F 156 -49.83 13.98 15.82
CA ARG F 156 -48.49 13.69 16.39
C ARG F 156 -48.39 12.23 16.85
N ASN F 157 -49.56 11.67 17.28
CA ASN F 157 -49.58 10.29 17.83
C ASN F 157 -50.23 9.33 16.83
N GLU F 158 -50.17 9.66 15.57
CA GLU F 158 -50.58 8.73 14.46
C GLU F 158 -51.97 8.12 14.70
N THR F 159 -52.92 8.87 15.27
CA THR F 159 -54.29 8.38 15.39
C THR F 159 -55.32 9.27 14.71
N TYR F 160 -54.88 10.21 13.87
CA TYR F 160 -55.84 11.10 13.25
C TYR F 160 -56.68 10.36 12.26
N ASP F 161 -57.98 10.56 12.35
CA ASP F 161 -58.90 9.91 11.45
C ASP F 161 -59.44 10.90 10.43
N HIS F 162 -59.04 10.76 9.19
CA HIS F 162 -59.46 11.70 8.18
C HIS F 162 -60.94 11.59 7.90
N ASN F 163 -61.56 10.48 8.30
CA ASN F 163 -62.95 10.27 8.02
C ASN F 163 -63.86 11.03 8.95
N VAL F 164 -63.28 11.68 9.95
CA VAL F 164 -64.05 12.45 10.89
C VAL F 164 -64.25 13.84 10.38
N TYR F 165 -63.22 14.39 9.77
CA TYR F 165 -63.24 15.77 9.38
C TYR F 165 -63.48 16.03 7.90
N ARG F 166 -63.29 15.07 7.00
CA ARG F 166 -63.45 15.42 5.57
C ARG F 166 -64.79 16.07 5.26
N ASP F 167 -65.84 15.65 5.92
CA ASP F 167 -67.14 16.23 5.63
C ASP F 167 -67.19 17.73 5.90
N GLU F 168 -66.36 18.23 6.81
CA GLU F 168 -66.35 19.64 7.17
C GLU F 168 -65.17 20.38 6.58
N ALA F 169 -64.08 19.67 6.32
CA ALA F 169 -62.90 20.30 5.79
C ALA F 169 -63.01 20.55 4.28
N LEU F 170 -63.63 19.65 3.53
CA LEU F 170 -63.67 19.83 2.07
C LEU F 170 -64.47 21.05 1.67
N ASN F 171 -65.52 21.35 2.39
CA ASN F 171 -66.33 22.46 2.01
C ASN F 171 -65.71 23.77 2.39
N ASN F 172 -64.60 23.75 3.11
CA ASN F 172 -63.91 24.96 3.47
C ASN F 172 -62.59 25.04 2.71
N ARG F 173 -62.42 24.14 1.74
CA ARG F 173 -61.22 24.07 0.93
C ARG F 173 -61.53 24.28 -0.53
N PHE F 174 -62.46 23.49 -1.06
CA PHE F 174 -62.79 23.58 -2.47
C PHE F 174 -64.10 24.27 -2.71
N GLN F 175 -65.06 24.09 -1.82
CA GLN F 175 -66.36 24.76 -2.05
C GLN F 175 -66.40 26.24 -1.55
N ILE F 176 -65.36 26.64 -0.77
CA ILE F 176 -65.11 27.95 -0.17
C ILE F 176 -66.18 28.20 0.90
C1 NAG G . -29.86 -15.58 -5.46
C2 NAG G . -30.69 -16.65 -6.12
C3 NAG G . -29.82 -17.42 -7.08
C4 NAG G . -29.33 -16.41 -8.10
C5 NAG G . -28.53 -15.33 -7.37
C6 NAG G . -27.94 -14.30 -8.31
C7 NAG G . -32.56 -17.55 -4.93
C8 NAG G . -33.01 -17.84 -3.54
N2 NAG G . -31.25 -17.53 -5.13
O3 NAG G . -30.58 -18.45 -7.70
O4 NAG G . -28.52 -17.05 -9.09
O5 NAG G . -29.40 -14.69 -6.45
O6 NAG G . -26.71 -13.84 -7.77
O7 NAG G . -33.34 -17.33 -5.83
C1 NAG H . 9.87 -39.17 -1.86
C2 NAG H . 9.74 -40.27 -2.88
C3 NAG H . 9.03 -41.48 -2.32
C4 NAG H . 9.79 -41.94 -1.11
C5 NAG H . 9.92 -40.81 -0.12
C6 NAG H . 10.77 -41.25 1.05
C7 NAG H . 9.59 -39.78 -5.17
C8 NAG H . 8.94 -40.61 -6.23
N2 NAG H . 8.99 -39.77 -4.00
O3 NAG H . 9.01 -42.52 -3.31
O4 NAG H . 9.07 -43.02 -0.50
O5 NAG H . 10.55 -39.70 -0.74
O6 NAG H . 11.93 -41.89 0.54
O7 NAG H . 10.63 -39.17 -5.35
C1 NAG I . 41.74 -25.64 -24.86
C2 NAG I . 43.12 -25.78 -24.26
C3 NAG I . 44.12 -26.39 -25.21
C4 NAG I . 43.56 -27.59 -25.95
C5 NAG I . 42.16 -27.39 -26.51
C6 NAG I . 41.54 -28.71 -26.95
C7 NAG I . 44.01 -24.12 -22.71
C8 NAG I . 42.99 -23.52 -21.79
N2 NAG I . 43.57 -24.46 -23.91
O3 NAG I . 45.23 -26.85 -24.45
O4 NAG I . 44.44 -27.85 -27.06
O5 NAG I . 41.27 -26.79 -25.57
O6 NAG I . 42.29 -29.85 -26.52
O7 NAG I . 45.18 -24.27 -22.38
C1 NAG J . 33.04 -36.41 -17.30
C2 NAG J . 33.94 -36.66 -18.48
C3 NAG J . 33.27 -35.97 -19.65
C4 NAG J . 31.93 -36.66 -19.85
C5 NAG J . 31.11 -36.41 -18.61
C6 NAG J . 29.71 -36.97 -18.69
C7 NAG J . 36.29 -37.00 -17.97
C8 NAG J . 37.57 -36.35 -17.54
N2 NAG J . 35.28 -36.18 -18.23
O3 NAG J . 34.08 -36.09 -20.82
O4 NAG J . 31.25 -36.12 -20.98
O5 NAG J . 31.81 -37.04 -17.54
O6 NAG J . 28.79 -35.91 -18.41
O7 NAG J . 36.17 -38.21 -18.07
C1 NAG K . 52.99 -37.24 -13.29
C2 NAG K . 53.36 -37.06 -14.76
C3 NAG K . 54.72 -37.69 -15.06
C4 NAG K . 55.74 -37.06 -14.13
C5 NAG K . 55.31 -37.24 -12.68
C6 NAG K . 56.31 -36.58 -11.73
C7 NAG K . 52.04 -38.88 -15.85
C8 NAG K . 52.04 -39.27 -17.29
N2 NAG K . 52.29 -37.60 -15.60
O3 NAG K . 55.11 -37.41 -16.41
O4 NAG K . 57.01 -37.70 -14.33
O5 NAG K . 54.02 -36.67 -12.48
O6 NAG K . 56.47 -35.20 -12.09
O7 NAG K . 51.80 -39.70 -14.96
C1 NAG L . 43.11 -15.19 -18.76
C2 NAG L . 44.36 -14.42 -18.35
C3 NAG L . 44.24 -12.97 -18.77
C4 NAG L . 43.86 -12.83 -20.23
C5 NAG L . 42.63 -13.65 -20.58
C6 NAG L . 42.33 -13.67 -22.07
C7 NAG L . 43.82 -13.89 -15.94
C8 NAG L . 44.55 -12.92 -15.06
N2 NAG L . 44.55 -14.47 -16.91
O3 NAG L . 45.52 -12.37 -18.56
O4 NAG L . 43.56 -11.47 -20.50
O5 NAG L . 42.79 -15.01 -20.14
O6 NAG L . 42.98 -12.60 -22.77
O7 NAG L . 42.65 -14.12 -15.72
C1 NAG M . 44.12 -16.04 -12.38
C2 NAG M . 45.22 -16.24 -13.42
C3 NAG M . 46.58 -16.12 -12.77
C4 NAG M . 46.67 -14.80 -12.04
C5 NAG M . 45.53 -14.66 -11.05
C6 NAG M . 45.59 -13.29 -10.38
C7 NAG M . 45.58 -17.75 -15.26
C8 NAG M . 46.51 -18.93 -15.42
N2 NAG M . 45.09 -17.53 -14.05
O3 NAG M . 47.63 -16.15 -13.75
O4 NAG M . 47.91 -14.77 -11.33
O5 NAG M . 44.29 -14.80 -11.71
O6 NAG M . 46.72 -13.22 -9.51
O7 NAG M . 45.32 -17.02 -16.16
C1 NAG N . -5.25 -22.80 4.00
C2 NAG N . -6.24 -23.15 5.08
C3 NAG N . -5.85 -22.40 6.33
C4 NAG N . -4.41 -22.71 6.69
C5 NAG N . -3.49 -22.37 5.54
C6 NAG N . -2.06 -22.75 5.84
C7 NAG N . -8.50 -23.50 4.25
C8 NAG N . -9.74 -22.83 3.76
N2 NAG N . -7.55 -22.70 4.71
O3 NAG N . -6.72 -22.83 7.35
O4 NAG N . -4.04 -21.94 7.83
O5 NAG N . -3.92 -23.09 4.40
O6 NAG N . -1.85 -24.13 5.61
O7 NAG N . -8.37 -24.71 4.22
C1 NAG O . -18.28 -20.12 2.62
C2 NAG O . -19.07 -20.29 3.91
C3 NAG O . -20.23 -21.21 3.63
C4 NAG O . -21.04 -20.67 2.46
C5 NAG O . -20.16 -20.49 1.23
C6 NAG O . -20.97 -19.91 0.08
C7 NAG O . -17.79 -20.13 5.96
C8 NAG O . -17.89 -20.75 7.31
N2 NAG O . -18.27 -20.86 4.97
O3 NAG O . -21.05 -21.31 4.79
O4 NAG O . -22.06 -21.61 2.15
O5 NAG O . -19.07 -19.62 1.55
O6 NAG O . -20.20 -19.92 -1.12
O7 NAG O . -17.30 -19.02 5.78
C1 NAG P . -54.24 -4.10 -21.16
C2 NAG P . -54.17 -4.31 -22.65
C3 NAG P . -55.55 -4.24 -23.21
C4 NAG P . -56.41 -5.26 -22.51
C5 NAG P . -56.39 -5.02 -21.01
C6 NAG P . -57.18 -6.10 -20.30
C7 NAG P . -52.16 -3.52 -23.70
C8 NAG P . -51.85 -2.91 -25.03
N2 NAG P . -53.38 -3.27 -23.25
O3 NAG P . -55.45 -4.54 -24.59
O4 NAG P . -57.75 -5.15 -22.98
O5 NAG P . -55.06 -5.07 -20.54
O6 NAG P . -56.48 -7.34 -20.44
O7 NAG P . -51.35 -4.18 -23.08
C1 NAG Q . -17.66 20.70 -20.57
C2 NAG Q . -17.78 21.96 -21.41
C3 NAG Q . -16.53 22.79 -21.22
C4 NAG Q . -16.46 23.11 -19.74
C5 NAG Q . -16.38 21.81 -18.96
C6 NAG Q . -16.24 22.04 -17.46
C7 NAG Q . -19.12 21.91 -23.38
C8 NAG Q . -19.56 20.96 -24.46
N2 NAG Q . -17.97 21.63 -22.80
O3 NAG Q . -16.62 23.96 -22.02
O4 NAG Q . -15.32 23.93 -19.46
O5 NAG Q . -17.57 21.07 -19.22
O6 NAG Q . -15.47 20.97 -16.91
O7 NAG Q . -19.79 22.87 -23.06
C1 NAG R . 27.66 13.02 -26.47
C2 NAG R . 28.21 14.36 -26.89
C3 NAG R . 28.10 14.57 -28.38
C4 NAG R . 28.83 13.44 -29.07
C5 NAG R . 28.26 12.11 -28.61
C6 NAG R . 29.05 10.98 -29.21
C7 NAG R . 28.15 16.19 -25.44
C8 NAG R . 28.11 17.64 -25.81
N2 NAG R . 27.47 15.38 -26.22
O3 NAG R . 28.71 15.81 -28.73
O4 NAG R . 28.64 13.56 -30.48
O5 NAG R . 28.35 12.02 -27.20
O6 NAG R . 30.44 11.27 -29.06
O7 NAG R . 28.77 15.77 -24.49
C1 NAG S . 51.77 16.94 7.16
C2 NAG S . 52.95 15.99 7.25
C3 NAG S . 54.24 16.71 7.60
C4 NAG S . 54.43 17.98 6.82
C5 NAG S . 53.19 18.87 6.74
C6 NAG S . 53.34 19.95 5.68
C7 NAG S . 52.72 13.73 8.14
C8 NAG S . 51.43 13.05 7.78
N2 NAG S . 52.66 15.05 8.30
O3 NAG S . 55.33 15.84 7.27
O4 NAG S . 55.46 18.74 7.46
O5 NAG S . 52.01 18.13 6.43
O6 NAG S . 54.49 19.76 4.84
O7 NAG S . 53.77 13.11 8.28
C1 NAG T . 48.43 17.41 -8.25
C2 NAG T . 49.48 18.23 -7.54
C3 NAG T . 48.72 19.20 -6.67
C4 NAG T . 47.92 20.09 -7.61
C5 NAG T . 46.93 19.20 -8.32
C6 NAG T . 45.99 19.96 -9.24
C7 NAG T . 51.61 17.12 -7.20
C8 NAG T . 52.35 16.07 -6.44
N2 NAG T . 50.38 17.38 -6.79
O3 NAG T . 49.63 19.98 -5.89
O4 NAG T . 47.21 21.09 -6.89
O5 NAG T . 47.69 18.29 -9.08
O6 NAG T . 44.64 19.62 -8.87
O7 NAG T . 52.11 17.70 -8.15
C1 NAG U . 65.59 7.51 -3.57
C2 NAG U . 66.02 8.58 -2.58
C3 NAG U . 67.53 8.61 -2.43
C4 NAG U . 68.00 7.24 -2.03
C5 NAG U . 67.52 6.20 -3.02
C6 NAG U . 67.94 4.79 -2.60
C7 NAG U . 65.89 10.65 -3.97
C8 NAG U . 66.26 12.05 -3.57
N2 NAG U . 65.46 9.88 -2.97
O3 NAG U . 67.92 9.54 -1.41
O4 NAG U . 69.43 7.21 -1.96
O5 NAG U . 66.10 6.25 -3.15
O6 NAG U . 67.47 4.53 -1.28
O7 NAG U . 65.96 10.28 -5.14
C1 NAG V . 47.13 7.27 12.94
C2 NAG V . 47.78 6.20 13.80
C3 NAG V . 47.04 6.05 15.11
C4 NAG V . 46.84 7.39 15.80
C5 NAG V . 46.21 8.42 14.86
C6 NAG V . 46.15 9.81 15.48
C7 NAG V . 46.74 4.11 12.85
C8 NAG V . 46.79 2.74 13.45
N2 NAG V . 47.79 4.91 13.12
O3 NAG V . 47.84 5.22 15.96
O4 NAG V . 45.96 7.22 16.91
O5 NAG V . 46.94 8.49 13.65
O6 NAG V . 46.29 9.78 16.91
O7 NAG V . 45.82 4.40 12.12
C1 NAG W . 47.58 1.74 9.51
C2 NAG W . 48.76 2.35 10.27
C3 NAG W . 49.80 1.28 10.54
C4 NAG W . 49.15 0.11 11.25
C5 NAG W . 47.96 -0.41 10.47
C6 NAG W . 47.27 -1.51 11.24
C7 NAG W . 50.05 4.37 10.10
C8 NAG W . 51.44 4.64 9.59
N2 NAG W . 49.35 3.43 9.50
O3 NAG W . 50.85 1.77 11.37
O4 NAG W . 50.12 -0.92 11.38
O5 NAG W . 47.04 0.65 10.23
O6 NAG W . 48.10 -2.68 11.28
O7 NAG W . 49.58 4.98 11.03
C1 NAG X . 5.91 6.93 -21.92
C2 NAG X . 5.07 6.45 -23.08
C3 NAG X . 4.89 4.97 -22.96
C4 NAG X . 6.24 4.29 -22.87
C5 NAG X . 7.02 4.84 -21.70
C6 NAG X . 8.41 4.23 -21.61
C7 NAG X . 3.40 8.08 -23.79
C8 NAG X . 2.06 8.67 -23.47
N2 NAG X . 3.77 7.05 -23.03
O3 NAG X . 4.21 4.54 -24.14
O4 NAG X . 6.04 2.89 -22.68
O5 NAG X . 7.14 6.24 -21.85
O6 NAG X . 9.29 4.89 -22.52
O7 NAG X . 4.09 8.51 -24.68
C1 NAG Y . -6.49 11.53 -23.89
C2 NAG Y . -7.27 10.75 -24.95
C3 NAG Y . -7.79 11.73 -25.97
C4 NAG Y . -8.60 12.80 -25.26
C5 NAG Y . -7.77 13.50 -24.19
C6 NAG Y . -8.60 14.55 -23.46
C7 NAG Y . -6.51 8.48 -25.36
C8 NAG Y . -6.47 7.58 -26.55
N2 NAG Y . -6.44 9.77 -25.62
O3 NAG Y . -8.61 11.04 -26.91
O4 NAG Y . -8.99 13.78 -26.22
O5 NAG Y . -7.28 12.53 -23.27
O6 NAG Y . -7.77 15.32 -22.61
O7 NAG Y . -6.59 8.05 -24.21
C1 NAG Z . -42.27 38.18 -12.73
C2 NAG Z . -41.92 39.52 -12.13
C3 NAG Z . -43.07 40.44 -12.30
C4 NAG Z . -43.42 40.52 -13.77
C5 NAG Z . -43.71 39.13 -14.31
C6 NAG Z . -43.97 39.19 -15.80
C7 NAG Z . -40.41 39.45 -10.25
C8 NAG Z . -40.27 40.26 -9.01
N2 NAG Z . -41.65 39.39 -10.73
O3 NAG Z . -42.65 41.72 -11.83
O4 NAG Z . -44.57 41.34 -13.94
O5 NAG Z . -42.60 38.30 -14.09
O6 NAG Z . -42.74 39.55 -16.45
O7 NAG Z . -39.48 38.88 -10.79
C1 NAG AA . -22.59 15.93 20.00
C2 NAG AA . -23.19 16.21 21.35
C3 NAG AA . -22.53 15.31 22.38
C4 NAG AA . -22.81 13.88 21.94
C5 NAG AA . -22.22 13.69 20.56
C6 NAG AA . -22.40 12.27 20.05
C7 NAG AA . -24.07 18.39 21.80
C8 NAG AA . -23.85 19.82 21.42
N2 NAG AA . -23.01 17.60 21.72
O3 NAG AA . -23.06 15.59 23.67
O4 NAG AA . -22.26 12.96 22.87
O5 NAG AA . -22.86 14.58 19.66
O6 NAG AA . -21.29 11.93 19.22
O7 NAG AA . -25.15 17.97 22.15
C1 NAG BA . 21.16 8.53 33.38
C2 NAG BA . 21.05 8.20 34.85
C3 NAG BA . 21.05 9.44 35.71
C4 NAG BA . 22.31 10.21 35.41
C5 NAG BA . 22.40 10.50 33.94
C6 NAG BA . 23.71 11.20 33.62
C7 NAG BA . 19.92 6.28 35.57
C8 NAG BA . 19.24 6.07 36.88
N2 NAG BA . 19.83 7.49 35.07
O3 NAG BA . 21.02 9.06 37.09
O4 NAG BA . 22.27 11.44 36.14
O5 NAG BA . 22.34 9.30 33.21
O6 NAG BA . 24.75 10.47 34.29
O7 NAG BA . 20.55 5.40 35.00
C1 NAG CA . 35.77 -30.12 28.83
C2 NAG CA . 37.25 -30.24 28.48
C3 NAG CA . 37.97 -31.24 29.34
C4 NAG CA . 37.62 -31.11 30.80
C5 NAG CA . 36.13 -30.96 31.08
C6 NAG CA . 35.88 -30.51 32.52
C7 NAG CA . 38.02 -30.07 26.16
C8 NAG CA . 37.27 -29.07 25.33
N2 NAG CA . 37.31 -30.69 27.10
O3 NAG CA . 39.37 -31.01 29.21
O4 NAG CA . 38.06 -32.31 31.46
O5 NAG CA . 35.51 -30.01 30.23
O6 NAG CA . 37.08 -30.10 33.19
O7 NAG CA . 39.21 -30.31 25.99
C1 NAG DA . 34.66 -15.88 35.53
C2 NAG DA . 35.09 -17.15 36.21
C3 NAG DA . 33.85 -18.01 36.29
C4 NAG DA . 32.85 -17.26 37.15
C5 NAG DA . 32.51 -15.99 36.44
C6 NAG DA . 31.45 -15.16 37.14
C7 NAG DA . 37.43 -17.75 35.95
C8 NAG DA . 38.47 -18.27 35.01
N2 NAG DA . 36.18 -17.79 35.50
O3 NAG DA . 34.17 -19.29 36.85
O4 NAG DA . 31.67 -18.02 37.33
O5 NAG DA . 33.71 -15.24 36.36
O6 NAG DA . 30.39 -14.90 36.21
O7 NAG DA . 37.71 -17.31 37.06
C1 NAG EA . 53.70 -22.00 31.68
C2 NAG EA . 53.42 -23.41 32.20
C3 NAG EA . 54.70 -24.07 32.70
C4 NAG EA . 55.71 -24.05 31.59
C5 NAG EA . 55.93 -22.64 31.09
C6 NAG EA . 56.92 -22.61 29.93
C7 NAG EA . 52.50 -22.94 34.47
C8 NAG EA . 52.10 -23.94 35.52
N2 NAG EA . 52.36 -23.37 33.22
O3 NAG EA . 54.45 -25.42 33.08
O4 NAG EA . 56.96 -24.58 32.06
O5 NAG EA . 54.69 -22.07 30.66
O6 NAG EA . 56.46 -23.50 28.88
O7 NAG EA . 52.89 -21.83 34.78
C1 NAG FA . 35.65 -29.89 16.65
C2 NAG FA . 36.62 -30.44 15.62
C3 NAG FA . 35.88 -31.27 14.60
C4 NAG FA . 34.97 -32.29 15.24
C5 NAG FA . 34.05 -31.67 16.27
C6 NAG FA . 33.24 -32.70 17.06
C7 NAG FA . 36.86 -28.48 14.05
C8 NAG FA . 37.48 -28.50 12.69
N2 NAG FA . 37.34 -29.38 14.93
O3 NAG FA . 36.86 -31.95 13.82
O4 NAG FA . 34.15 -32.88 14.24
O5 NAG FA . 34.81 -30.89 17.21
O6 NAG FA . 33.19 -33.97 16.39
O7 NAG FA . 36.00 -27.65 14.30
C1 NAG GA . 39.15 -25.00 14.13
C2 NAG GA . 39.79 -26.28 14.66
C3 NAG GA . 41.17 -26.46 14.07
C4 NAG GA . 41.07 -26.42 12.55
C5 NAG GA . 40.39 -25.14 12.09
C6 NAG GA . 40.23 -25.16 10.58
C7 NAG GA . 39.95 -27.33 16.82
C8 NAG GA . 41.09 -27.47 17.79
N2 NAG GA . 39.88 -26.22 16.11
O3 NAG GA . 41.73 -27.72 14.43
O4 NAG GA . 42.39 -26.47 12.03
O5 NAG GA . 39.12 -25.01 12.71
O6 NAG GA . 41.50 -25.03 9.95
O7 NAG GA . 39.13 -28.20 16.66
C1 NAG HA . 4.65 14.28 18.38
C2 NAG HA . 4.31 15.75 18.27
C3 NAG HA . 4.84 16.26 16.97
C4 NAG HA . 6.33 15.98 16.88
C5 NAG HA . 6.59 14.49 17.03
C6 NAG HA . 8.07 14.19 17.01
C7 NAG HA . 2.17 16.31 19.29
C8 NAG HA . 0.68 16.26 19.10
N2 NAG HA . 2.88 15.91 18.25
O3 NAG HA . 4.62 17.66 16.96
O4 NAG HA . 6.81 16.41 15.60
O5 NAG HA . 6.04 14.07 18.26
O6 NAG HA . 8.64 14.42 18.30
O7 NAG HA . 2.67 16.68 20.32
C1 NAG IA . -8.06 18.45 18.45
C2 NAG IA . -8.21 19.91 18.06
C3 NAG IA . -9.01 20.60 19.15
C4 NAG IA . -10.32 19.87 19.36
C5 NAG IA . -10.07 18.40 19.69
C6 NAG IA . -11.39 17.67 19.86
C7 NAG IA . -6.41 20.86 16.75
C8 NAG IA . -5.78 22.22 16.64
N2 NAG IA . -6.94 20.60 17.93
O3 NAG IA . -9.26 21.96 18.77
O4 NAG IA . -11.00 20.46 20.45
O5 NAG IA . -9.31 17.80 18.65
O6 NAG IA . -11.16 16.35 20.36
O7 NAG IA . -6.42 20.07 15.83
C1 NAG JA . -53.35 10.92 20.98
C2 NAG JA . -53.77 9.79 21.89
C3 NAG JA . -55.19 9.98 22.28
C4 NAG JA . -55.33 11.34 22.93
C5 NAG JA . -54.86 12.41 21.99
C6 NAG JA . -54.91 13.76 22.67
C7 NAG JA . -52.68 7.68 21.46
C8 NAG JA . -53.11 6.26 21.55
N2 NAG JA . -53.66 8.53 21.18
O3 NAG JA . -55.51 8.94 23.21
O4 NAG JA . -56.71 11.56 23.24
O5 NAG JA . -53.52 12.16 21.63
O6 NAG JA . -53.94 13.78 23.72
O7 NAG JA . -51.53 8.04 21.62
#